data_5QXX
# 
_entry.id   5QXX 
# 
_audit_conform.dict_name       mmcif_pdbx.dic 
_audit_conform.dict_version    5.387 
_audit_conform.dict_location   http://mmcif.pdb.org/dictionaries/ascii/mmcif_pdbx.dic 
# 
loop_
_database_2.database_id 
_database_2.database_code 
_database_2.pdbx_database_accession 
_database_2.pdbx_DOI 
PDB   5QXX         pdb_00005qxx 10.2210/pdb5qxx/pdb 
WWPDB D_1001402464 ?            ?                   
# 
loop_
_pdbx_audit_revision_history.ordinal 
_pdbx_audit_revision_history.data_content_type 
_pdbx_audit_revision_history.major_revision 
_pdbx_audit_revision_history.minor_revision 
_pdbx_audit_revision_history.revision_date 
1 'Structure model' 1 0 2020-04-08 
2 'Structure model' 1 1 2024-03-06 
# 
_pdbx_audit_revision_details.ordinal             1 
_pdbx_audit_revision_details.revision_ordinal    1 
_pdbx_audit_revision_details.data_content_type   'Structure model' 
_pdbx_audit_revision_details.provider            repository 
_pdbx_audit_revision_details.type                'Initial release' 
_pdbx_audit_revision_details.description         ? 
_pdbx_audit_revision_details.details             ? 
# 
loop_
_pdbx_audit_revision_group.ordinal 
_pdbx_audit_revision_group.revision_ordinal 
_pdbx_audit_revision_group.data_content_type 
_pdbx_audit_revision_group.group 
1 2 'Structure model' 'Data collection'     
2 2 'Structure model' 'Database references' 
# 
loop_
_pdbx_audit_revision_category.ordinal 
_pdbx_audit_revision_category.revision_ordinal 
_pdbx_audit_revision_category.data_content_type 
_pdbx_audit_revision_category.category 
1 2 'Structure model' chem_comp_atom 
2 2 'Structure model' chem_comp_bond 
3 2 'Structure model' database_2     
# 
loop_
_pdbx_audit_revision_item.ordinal 
_pdbx_audit_revision_item.revision_ordinal 
_pdbx_audit_revision_item.data_content_type 
_pdbx_audit_revision_item.item 
1 2 'Structure model' '_database_2.pdbx_DOI'                
2 2 'Structure model' '_database_2.pdbx_database_accession' 
# 
_pdbx_database_status.entry_id                        5QXX 
_pdbx_database_status.status_code                     REL 
_pdbx_database_status.status_code_sf                  REL 
_pdbx_database_status.status_code_mr                  ? 
_pdbx_database_status.status_code_cs                  ? 
_pdbx_database_status.recvd_initial_deposition_date   2020-02-11 
_pdbx_database_status.deposit_site                    RCSB 
_pdbx_database_status.process_site                    RCSB 
_pdbx_database_status.SG_entry                        ? 
_pdbx_database_status.pdb_format_compatible           Y 
_pdbx_database_status.methods_development_category    ? 
_pdbx_database_status.status_code_nmr_data            ? 
# 
loop_
_audit_author.name 
_audit_author.pdbx_ordinal 
'Snee, M.'         1 
'Talon, R.'        2 
'Fowley, D.'       3 
'Collins, P.'      4 
'Nelson, A.'       5 
'Arrowsmith, C.H.' 6 
'Bountra, C.'      7 
'Edwards, A.'      8 
'Von-Delft, F.'    9 
# 
_citation.id                        primary 
_citation.title                     'PanDDA analysis group deposition - Bromodomain of human ATAD2 fragment screening' 
_citation.journal_abbrev            'To Be Published' 
_citation.journal_volume            ? 
_citation.page_first                ? 
_citation.page_last                 ? 
_citation.year                      ? 
_citation.journal_id_ASTM           ? 
_citation.country                   ? 
_citation.journal_id_ISSN           ? 
_citation.journal_id_CSD            0353 
_citation.book_publisher            ? 
_citation.pdbx_database_id_PubMed   ? 
_citation.pdbx_database_id_DOI      ? 
# 
loop_
_citation_author.citation_id 
_citation_author.name 
_citation_author.identifier_ORCID 
_citation_author.ordinal 
primary 'Snee, M.'         ? 1 
primary 'Talon, R.'        ? 2 
primary 'Fowley, D.'       ? 3 
primary 'Collins, P.'      ? 4 
primary 'Nelson, A.'       ? 5 
primary 'Arrowsmith, C.H.' ? 6 
primary 'Bountra, C.'      ? 7 
primary 'Edwards, A.'      ? 8 
primary 'Von-Delft, F.'    ? 9 
# 
loop_
_entity.id 
_entity.type 
_entity.src_method 
_entity.pdbx_description 
_entity.formula_weight 
_entity.pdbx_number_of_molecules 
_entity.pdbx_ec 
_entity.pdbx_mutation 
_entity.pdbx_fragment 
_entity.details 
1 polymer     man 'ATPase family AAA domain-containing protein 2'                               15512.562 1   3.6.1.3 ? ? ? 
2 non-polymer syn '(7R)-N-benzyl-1,7-diethyl-2,3,6,7-tetrahydro-1H-1,4-diazepine-7-carboxamide' 287.400   1   ?       ? ? ? 
3 non-polymer syn 'SULFATE ION'                                                                 96.063    2   ?       ? ? ? 
4 non-polymer syn 1,2-ETHANEDIOL                                                                62.068    2   ?       ? ? ? 
5 water       nat water                                                                         18.015    222 ?       ? ? ? 
# 
_entity_name_com.entity_id   1 
_entity_name_com.name        'AAA nuclear coregulator cancer-associated protein,ANCCA' 
# 
_entity_poly.entity_id                      1 
_entity_poly.type                           'polypeptide(L)' 
_entity_poly.nstd_linkage                   no 
_entity_poly.nstd_monomer                   no 
_entity_poly.pdbx_seq_one_letter_code       
;SMQEEDTFRELRIFLRNVTHRLAIDKRFRVFTKPVDPDEVPDYRTVIKEPMDLSSVISKIDLHKYLTVKDYLRDIDLICS
NALEYNPDRDPGDRLIRHRACALRDTAYAIIKEELDEDFEQLCEEIQESR
;
_entity_poly.pdbx_seq_one_letter_code_can   
;SMQEEDTFRELRIFLRNVTHRLAIDKRFRVFTKPVDPDEVPDYRTVIKEPMDLSSVISKIDLHKYLTVKDYLRDIDLICS
NALEYNPDRDPGDRLIRHRACALRDTAYAIIKEELDEDFEQLCEEIQESR
;
_entity_poly.pdbx_strand_id                 A 
_entity_poly.pdbx_target_identifier         ? 
# 
loop_
_pdbx_entity_nonpoly.entity_id 
_pdbx_entity_nonpoly.name 
_pdbx_entity_nonpoly.comp_id 
2 '(7R)-N-benzyl-1,7-diethyl-2,3,6,7-tetrahydro-1H-1,4-diazepine-7-carboxamide' RK1 
3 'SULFATE ION'                                                                 SO4 
4 1,2-ETHANEDIOL                                                                EDO 
5 water                                                                         HOH 
# 
loop_
_entity_poly_seq.entity_id 
_entity_poly_seq.num 
_entity_poly_seq.mon_id 
_entity_poly_seq.hetero 
1 1   SER n 
1 2   MET n 
1 3   GLN n 
1 4   GLU n 
1 5   GLU n 
1 6   ASP n 
1 7   THR n 
1 8   PHE n 
1 9   ARG n 
1 10  GLU n 
1 11  LEU n 
1 12  ARG n 
1 13  ILE n 
1 14  PHE n 
1 15  LEU n 
1 16  ARG n 
1 17  ASN n 
1 18  VAL n 
1 19  THR n 
1 20  HIS n 
1 21  ARG n 
1 22  LEU n 
1 23  ALA n 
1 24  ILE n 
1 25  ASP n 
1 26  LYS n 
1 27  ARG n 
1 28  PHE n 
1 29  ARG n 
1 30  VAL n 
1 31  PHE n 
1 32  THR n 
1 33  LYS n 
1 34  PRO n 
1 35  VAL n 
1 36  ASP n 
1 37  PRO n 
1 38  ASP n 
1 39  GLU n 
1 40  VAL n 
1 41  PRO n 
1 42  ASP n 
1 43  TYR n 
1 44  ARG n 
1 45  THR n 
1 46  VAL n 
1 47  ILE n 
1 48  LYS n 
1 49  GLU n 
1 50  PRO n 
1 51  MET n 
1 52  ASP n 
1 53  LEU n 
1 54  SER n 
1 55  SER n 
1 56  VAL n 
1 57  ILE n 
1 58  SER n 
1 59  LYS n 
1 60  ILE n 
1 61  ASP n 
1 62  LEU n 
1 63  HIS n 
1 64  LYS n 
1 65  TYR n 
1 66  LEU n 
1 67  THR n 
1 68  VAL n 
1 69  LYS n 
1 70  ASP n 
1 71  TYR n 
1 72  LEU n 
1 73  ARG n 
1 74  ASP n 
1 75  ILE n 
1 76  ASP n 
1 77  LEU n 
1 78  ILE n 
1 79  CYS n 
1 80  SER n 
1 81  ASN n 
1 82  ALA n 
1 83  LEU n 
1 84  GLU n 
1 85  TYR n 
1 86  ASN n 
1 87  PRO n 
1 88  ASP n 
1 89  ARG n 
1 90  ASP n 
1 91  PRO n 
1 92  GLY n 
1 93  ASP n 
1 94  ARG n 
1 95  LEU n 
1 96  ILE n 
1 97  ARG n 
1 98  HIS n 
1 99  ARG n 
1 100 ALA n 
1 101 CYS n 
1 102 ALA n 
1 103 LEU n 
1 104 ARG n 
1 105 ASP n 
1 106 THR n 
1 107 ALA n 
1 108 TYR n 
1 109 ALA n 
1 110 ILE n 
1 111 ILE n 
1 112 LYS n 
1 113 GLU n 
1 114 GLU n 
1 115 LEU n 
1 116 ASP n 
1 117 GLU n 
1 118 ASP n 
1 119 PHE n 
1 120 GLU n 
1 121 GLN n 
1 122 LEU n 
1 123 CYS n 
1 124 GLU n 
1 125 GLU n 
1 126 ILE n 
1 127 GLN n 
1 128 GLU n 
1 129 SER n 
1 130 ARG n 
# 
_entity_src_gen.entity_id                          1 
_entity_src_gen.pdbx_src_id                        1 
_entity_src_gen.pdbx_alt_source_flag               sample 
_entity_src_gen.pdbx_seq_type                      'Biological sequence' 
_entity_src_gen.pdbx_beg_seq_num                   1 
_entity_src_gen.pdbx_end_seq_num                   130 
_entity_src_gen.gene_src_common_name               Human 
_entity_src_gen.gene_src_genus                     ? 
_entity_src_gen.pdbx_gene_src_gene                 'ATAD2, L16, PRO2000' 
_entity_src_gen.gene_src_species                   ? 
_entity_src_gen.gene_src_strain                    ? 
_entity_src_gen.gene_src_tissue                    ? 
_entity_src_gen.gene_src_tissue_fraction           ? 
_entity_src_gen.gene_src_details                   ? 
_entity_src_gen.pdbx_gene_src_fragment             ? 
_entity_src_gen.pdbx_gene_src_scientific_name      'Homo sapiens' 
_entity_src_gen.pdbx_gene_src_ncbi_taxonomy_id     9606 
_entity_src_gen.pdbx_gene_src_variant              ? 
_entity_src_gen.pdbx_gene_src_cell_line            ? 
_entity_src_gen.pdbx_gene_src_atcc                 ? 
_entity_src_gen.pdbx_gene_src_organ                ? 
_entity_src_gen.pdbx_gene_src_organelle            ? 
_entity_src_gen.pdbx_gene_src_cell                 ? 
_entity_src_gen.pdbx_gene_src_cellular_location    ? 
_entity_src_gen.host_org_common_name               ? 
_entity_src_gen.pdbx_host_org_scientific_name      'Escherichia coli' 
_entity_src_gen.pdbx_host_org_ncbi_taxonomy_id     562 
_entity_src_gen.host_org_genus                     ? 
_entity_src_gen.pdbx_host_org_gene                 ? 
_entity_src_gen.pdbx_host_org_organ                ? 
_entity_src_gen.host_org_species                   ? 
_entity_src_gen.pdbx_host_org_tissue               ? 
_entity_src_gen.pdbx_host_org_tissue_fraction      ? 
_entity_src_gen.pdbx_host_org_strain               ? 
_entity_src_gen.pdbx_host_org_variant              ? 
_entity_src_gen.pdbx_host_org_cell_line            ? 
_entity_src_gen.pdbx_host_org_atcc                 ? 
_entity_src_gen.pdbx_host_org_culture_collection   ? 
_entity_src_gen.pdbx_host_org_cell                 ? 
_entity_src_gen.pdbx_host_org_organelle            ? 
_entity_src_gen.pdbx_host_org_cellular_location    ? 
_entity_src_gen.pdbx_host_org_vector_type          ? 
_entity_src_gen.pdbx_host_org_vector               ? 
_entity_src_gen.host_org_details                   ? 
_entity_src_gen.expression_system_id               ? 
_entity_src_gen.plasmid_name                       ? 
_entity_src_gen.plasmid_details                    ? 
_entity_src_gen.pdbx_description                   ? 
# 
loop_
_chem_comp.id 
_chem_comp.type 
_chem_comp.mon_nstd_flag 
_chem_comp.name 
_chem_comp.pdbx_synonyms 
_chem_comp.formula 
_chem_comp.formula_weight 
ALA 'L-peptide linking' y ALANINE                                                                       ?                 
'C3 H7 N O2'     89.093  
ARG 'L-peptide linking' y ARGININE                                                                      ?                 
'C6 H15 N4 O2 1' 175.209 
ASN 'L-peptide linking' y ASPARAGINE                                                                    ?                 
'C4 H8 N2 O3'    132.118 
ASP 'L-peptide linking' y 'ASPARTIC ACID'                                                               ?                 
'C4 H7 N O4'     133.103 
CYS 'L-peptide linking' y CYSTEINE                                                                      ?                 
'C3 H7 N O2 S'   121.158 
EDO non-polymer         . 1,2-ETHANEDIOL                                                                'ETHYLENE GLYCOL' 
'C2 H6 O2'       62.068  
GLN 'L-peptide linking' y GLUTAMINE                                                                     ?                 
'C5 H10 N2 O3'   146.144 
GLU 'L-peptide linking' y 'GLUTAMIC ACID'                                                               ?                 
'C5 H9 N O4'     147.129 
GLY 'peptide linking'   y GLYCINE                                                                       ?                 
'C2 H5 N O2'     75.067  
HIS 'L-peptide linking' y HISTIDINE                                                                     ?                 
'C6 H10 N3 O2 1' 156.162 
HOH non-polymer         . WATER                                                                         ?                 'H2 O' 
18.015  
ILE 'L-peptide linking' y ISOLEUCINE                                                                    ?                 
'C6 H13 N O2'    131.173 
LEU 'L-peptide linking' y LEUCINE                                                                       ?                 
'C6 H13 N O2'    131.173 
LYS 'L-peptide linking' y LYSINE                                                                        ?                 
'C6 H15 N2 O2 1' 147.195 
MET 'L-peptide linking' y METHIONINE                                                                    ?                 
'C5 H11 N O2 S'  149.211 
PHE 'L-peptide linking' y PHENYLALANINE                                                                 ?                 
'C9 H11 N O2'    165.189 
PRO 'L-peptide linking' y PROLINE                                                                       ?                 
'C5 H9 N O2'     115.130 
RK1 non-polymer         . '(7R)-N-benzyl-1,7-diethyl-2,3,6,7-tetrahydro-1H-1,4-diazepine-7-carboxamide' ?                 
'C17 H25 N3 O'   287.400 
SER 'L-peptide linking' y SERINE                                                                        ?                 
'C3 H7 N O3'     105.093 
SO4 non-polymer         . 'SULFATE ION'                                                                 ?                 
'O4 S -2'        96.063  
THR 'L-peptide linking' y THREONINE                                                                     ?                 
'C4 H9 N O3'     119.119 
TYR 'L-peptide linking' y TYROSINE                                                                      ?                 
'C9 H11 N O3'    181.189 
VAL 'L-peptide linking' y VALINE                                                                        ?                 
'C5 H11 N O2'    117.146 
# 
loop_
_pdbx_poly_seq_scheme.asym_id 
_pdbx_poly_seq_scheme.entity_id 
_pdbx_poly_seq_scheme.seq_id 
_pdbx_poly_seq_scheme.mon_id 
_pdbx_poly_seq_scheme.ndb_seq_num 
_pdbx_poly_seq_scheme.pdb_seq_num 
_pdbx_poly_seq_scheme.auth_seq_num 
_pdbx_poly_seq_scheme.pdb_mon_id 
_pdbx_poly_seq_scheme.auth_mon_id 
_pdbx_poly_seq_scheme.pdb_strand_id 
_pdbx_poly_seq_scheme.pdb_ins_code 
_pdbx_poly_seq_scheme.hetero 
A 1 1   SER 1   979  979  SER SER A . n 
A 1 2   MET 2   980  980  MET MET A . n 
A 1 3   GLN 3   981  981  GLN GLN A . n 
A 1 4   GLU 4   982  982  GLU GLU A . n 
A 1 5   GLU 5   983  983  GLU GLU A . n 
A 1 6   ASP 6   984  984  ASP ASP A . n 
A 1 7   THR 7   985  985  THR THR A . n 
A 1 8   PHE 8   986  986  PHE PHE A . n 
A 1 9   ARG 9   987  987  ARG ARG A . n 
A 1 10  GLU 10  988  988  GLU GLU A . n 
A 1 11  LEU 11  989  989  LEU LEU A . n 
A 1 12  ARG 12  990  990  ARG ARG A . n 
A 1 13  ILE 13  991  991  ILE ILE A . n 
A 1 14  PHE 14  992  992  PHE PHE A . n 
A 1 15  LEU 15  993  993  LEU LEU A . n 
A 1 16  ARG 16  994  994  ARG ARG A . n 
A 1 17  ASN 17  995  995  ASN ASN A . n 
A 1 18  VAL 18  996  996  VAL VAL A . n 
A 1 19  THR 19  997  997  THR THR A . n 
A 1 20  HIS 20  998  998  HIS HIS A . n 
A 1 21  ARG 21  999  999  ARG ARG A . n 
A 1 22  LEU 22  1000 1000 LEU LEU A . n 
A 1 23  ALA 23  1001 1001 ALA ALA A . n 
A 1 24  ILE 24  1002 1002 ILE ILE A . n 
A 1 25  ASP 25  1003 1003 ASP ASP A . n 
A 1 26  LYS 26  1004 1004 LYS LYS A . n 
A 1 27  ARG 27  1005 1005 ARG ARG A . n 
A 1 28  PHE 28  1006 1006 PHE PHE A . n 
A 1 29  ARG 29  1007 1007 ARG ARG A . n 
A 1 30  VAL 30  1008 1008 VAL VAL A . n 
A 1 31  PHE 31  1009 1009 PHE PHE A . n 
A 1 32  THR 32  1010 1010 THR THR A . n 
A 1 33  LYS 33  1011 1011 LYS LYS A . n 
A 1 34  PRO 34  1012 1012 PRO PRO A . n 
A 1 35  VAL 35  1013 1013 VAL VAL A . n 
A 1 36  ASP 36  1014 1014 ASP ASP A . n 
A 1 37  PRO 37  1015 1015 PRO PRO A . n 
A 1 38  ASP 38  1016 1016 ASP ASP A . n 
A 1 39  GLU 39  1017 1017 GLU GLU A . n 
A 1 40  VAL 40  1018 1018 VAL VAL A . n 
A 1 41  PRO 41  1019 1019 PRO PRO A . n 
A 1 42  ASP 42  1020 1020 ASP ASP A . n 
A 1 43  TYR 43  1021 1021 TYR TYR A . n 
A 1 44  ARG 44  1022 1022 ARG ARG A . n 
A 1 45  THR 45  1023 1023 THR THR A . n 
A 1 46  VAL 46  1024 1024 VAL VAL A . n 
A 1 47  ILE 47  1025 1025 ILE ILE A . n 
A 1 48  LYS 48  1026 1026 LYS LYS A . n 
A 1 49  GLU 49  1027 1027 GLU GLU A . n 
A 1 50  PRO 50  1028 1028 PRO PRO A . n 
A 1 51  MET 51  1029 1029 MET MET A . n 
A 1 52  ASP 52  1030 1030 ASP ASP A . n 
A 1 53  LEU 53  1031 1031 LEU LEU A . n 
A 1 54  SER 54  1032 1032 SER SER A . n 
A 1 55  SER 55  1033 1033 SER SER A . n 
A 1 56  VAL 56  1034 1034 VAL VAL A . n 
A 1 57  ILE 57  1035 1035 ILE ILE A . n 
A 1 58  SER 58  1036 1036 SER SER A . n 
A 1 59  LYS 59  1037 1037 LYS LYS A . n 
A 1 60  ILE 60  1038 1038 ILE ILE A . n 
A 1 61  ASP 61  1039 1039 ASP ASP A . n 
A 1 62  LEU 62  1040 1040 LEU LEU A . n 
A 1 63  HIS 63  1041 1041 HIS HIS A . n 
A 1 64  LYS 64  1042 1042 LYS LYS A . n 
A 1 65  TYR 65  1043 1043 TYR TYR A . n 
A 1 66  LEU 66  1044 1044 LEU LEU A . n 
A 1 67  THR 67  1045 1045 THR THR A . n 
A 1 68  VAL 68  1046 1046 VAL VAL A . n 
A 1 69  LYS 69  1047 1047 LYS LYS A . n 
A 1 70  ASP 70  1048 1048 ASP ASP A . n 
A 1 71  TYR 71  1049 1049 TYR TYR A . n 
A 1 72  LEU 72  1050 1050 LEU LEU A . n 
A 1 73  ARG 73  1051 1051 ARG ARG A . n 
A 1 74  ASP 74  1052 1052 ASP ASP A . n 
A 1 75  ILE 75  1053 1053 ILE ILE A . n 
A 1 76  ASP 76  1054 1054 ASP ASP A . n 
A 1 77  LEU 77  1055 1055 LEU LEU A . n 
A 1 78  ILE 78  1056 1056 ILE ILE A . n 
A 1 79  CYS 79  1057 1057 CYS CYS A . n 
A 1 80  SER 80  1058 1058 SER SER A . n 
A 1 81  ASN 81  1059 1059 ASN ASN A . n 
A 1 82  ALA 82  1060 1060 ALA ALA A . n 
A 1 83  LEU 83  1061 1061 LEU LEU A . n 
A 1 84  GLU 84  1062 1062 GLU GLU A . n 
A 1 85  TYR 85  1063 1063 TYR TYR A . n 
A 1 86  ASN 86  1064 1064 ASN ASN A . n 
A 1 87  PRO 87  1065 1065 PRO PRO A . n 
A 1 88  ASP 88  1066 1066 ASP ASP A . n 
A 1 89  ARG 89  1067 1067 ARG ARG A . n 
A 1 90  ASP 90  1068 1068 ASP ASP A . n 
A 1 91  PRO 91  1069 1069 PRO PRO A . n 
A 1 92  GLY 92  1070 1070 GLY GLY A . n 
A 1 93  ASP 93  1071 1071 ASP ASP A . n 
A 1 94  ARG 94  1072 1072 ARG ARG A . n 
A 1 95  LEU 95  1073 1073 LEU LEU A . n 
A 1 96  ILE 96  1074 1074 ILE ILE A . n 
A 1 97  ARG 97  1075 1075 ARG ARG A . n 
A 1 98  HIS 98  1076 1076 HIS HIS A . n 
A 1 99  ARG 99  1077 1077 ARG ARG A . n 
A 1 100 ALA 100 1078 1078 ALA ALA A . n 
A 1 101 CYS 101 1079 1079 CYS CYS A . n 
A 1 102 ALA 102 1080 1080 ALA ALA A . n 
A 1 103 LEU 103 1081 1081 LEU LEU A . n 
A 1 104 ARG 104 1082 1082 ARG ARG A . n 
A 1 105 ASP 105 1083 1083 ASP ASP A . n 
A 1 106 THR 106 1084 1084 THR THR A . n 
A 1 107 ALA 107 1085 1085 ALA ALA A . n 
A 1 108 TYR 108 1086 1086 TYR TYR A . n 
A 1 109 ALA 109 1087 1087 ALA ALA A . n 
A 1 110 ILE 110 1088 1088 ILE ILE A . n 
A 1 111 ILE 111 1089 1089 ILE ILE A . n 
A 1 112 LYS 112 1090 1090 LYS LYS A . n 
A 1 113 GLU 113 1091 1091 GLU GLU A . n 
A 1 114 GLU 114 1092 1092 GLU GLU A . n 
A 1 115 LEU 115 1093 1093 LEU LEU A . n 
A 1 116 ASP 116 1094 1094 ASP ASP A . n 
A 1 117 GLU 117 1095 1095 GLU GLU A . n 
A 1 118 ASP 118 1096 1096 ASP ASP A . n 
A 1 119 PHE 119 1097 1097 PHE PHE A . n 
A 1 120 GLU 120 1098 1098 GLU GLU A . n 
A 1 121 GLN 121 1099 1099 GLN GLN A . n 
A 1 122 LEU 122 1100 1100 LEU LEU A . n 
A 1 123 CYS 123 1101 1101 CYS CYS A . n 
A 1 124 GLU 124 1102 1102 GLU GLU A . n 
A 1 125 GLU 125 1103 1103 GLU GLU A . n 
A 1 126 ILE 126 1104 1104 ILE ILE A . n 
A 1 127 GLN 127 1105 1105 GLN GLN A . n 
A 1 128 GLU 128 1106 1106 GLU GLU A . n 
A 1 129 SER 129 1107 1107 SER SER A . n 
A 1 130 ARG 130 1108 1108 ARG ARG A . n 
# 
loop_
_pdbx_nonpoly_scheme.asym_id 
_pdbx_nonpoly_scheme.entity_id 
_pdbx_nonpoly_scheme.mon_id 
_pdbx_nonpoly_scheme.ndb_seq_num 
_pdbx_nonpoly_scheme.pdb_seq_num 
_pdbx_nonpoly_scheme.auth_seq_num 
_pdbx_nonpoly_scheme.pdb_mon_id 
_pdbx_nonpoly_scheme.auth_mon_id 
_pdbx_nonpoly_scheme.pdb_strand_id 
_pdbx_nonpoly_scheme.pdb_ins_code 
B 2 RK1 1   1201 1201 RK1 LIG A . 
C 3 SO4 1   1202 1    SO4 SO4 A . 
D 3 SO4 1   1203 2    SO4 SO4 A . 
E 4 EDO 1   1204 3    EDO EDO A . 
F 4 EDO 1   1205 6    EDO EDO A . 
G 5 HOH 1   1301 161  HOH HOH A . 
G 5 HOH 2   1302 32   HOH HOH A . 
G 5 HOH 3   1303 158  HOH HOH A . 
G 5 HOH 4   1304 134  HOH HOH A . 
G 5 HOH 5   1305 256  HOH HOH A . 
G 5 HOH 6   1306 184  HOH HOH A . 
G 5 HOH 7   1307 128  HOH HOH A . 
G 5 HOH 8   1308 118  HOH HOH A . 
G 5 HOH 9   1309 68   HOH HOH A . 
G 5 HOH 10  1310 79   HOH HOH A . 
G 5 HOH 11  1311 106  HOH HOH A . 
G 5 HOH 12  1312 98   HOH HOH A . 
G 5 HOH 13  1313 144  HOH HOH A . 
G 5 HOH 14  1314 200  HOH HOH A . 
G 5 HOH 15  1315 194  HOH HOH A . 
G 5 HOH 16  1316 50   HOH HOH A . 
G 5 HOH 17  1317 129  HOH HOH A . 
G 5 HOH 18  1318 111  HOH HOH A . 
G 5 HOH 19  1319 191  HOH HOH A . 
G 5 HOH 20  1320 5    HOH HOH A . 
G 5 HOH 21  1321 201  HOH HOH A . 
G 5 HOH 22  1322 64   HOH HOH A . 
G 5 HOH 23  1323 113  HOH HOH A . 
G 5 HOH 24  1324 258  HOH HOH A . 
G 5 HOH 25  1325 27   HOH HOH A . 
G 5 HOH 26  1326 59   HOH HOH A . 
G 5 HOH 27  1327 246  HOH HOH A . 
G 5 HOH 28  1328 109  HOH HOH A . 
G 5 HOH 29  1329 203  HOH HOH A . 
G 5 HOH 30  1330 187  HOH HOH A . 
G 5 HOH 31  1331 163  HOH HOH A . 
G 5 HOH 32  1332 28   HOH HOH A . 
G 5 HOH 33  1333 87   HOH HOH A . 
G 5 HOH 34  1334 34   HOH HOH A . 
G 5 HOH 35  1335 23   HOH HOH A . 
G 5 HOH 36  1336 16   HOH HOH A . 
G 5 HOH 37  1337 20   HOH HOH A . 
G 5 HOH 38  1338 13   HOH HOH A . 
G 5 HOH 39  1339 132  HOH HOH A . 
G 5 HOH 40  1340 171  HOH HOH A . 
G 5 HOH 41  1341 88   HOH HOH A . 
G 5 HOH 42  1342 100  HOH HOH A . 
G 5 HOH 43  1343 75   HOH HOH A . 
G 5 HOH 44  1344 77   HOH HOH A . 
G 5 HOH 45  1345 162  HOH HOH A . 
G 5 HOH 46  1346 9    HOH HOH A . 
G 5 HOH 47  1347 55   HOH HOH A . 
G 5 HOH 48  1348 2    HOH HOH A . 
G 5 HOH 49  1349 61   HOH HOH A . 
G 5 HOH 50  1350 189  HOH HOH A . 
G 5 HOH 51  1351 31   HOH HOH A . 
G 5 HOH 52  1352 94   HOH HOH A . 
G 5 HOH 53  1353 80   HOH HOH A . 
G 5 HOH 54  1354 17   HOH HOH A . 
G 5 HOH 55  1355 25   HOH HOH A . 
G 5 HOH 56  1356 165  HOH HOH A . 
G 5 HOH 57  1357 56   HOH HOH A . 
G 5 HOH 58  1358 76   HOH HOH A . 
G 5 HOH 59  1359 21   HOH HOH A . 
G 5 HOH 60  1360 19   HOH HOH A . 
G 5 HOH 61  1361 33   HOH HOH A . 
G 5 HOH 62  1362 14   HOH HOH A . 
G 5 HOH 63  1363 99   HOH HOH A . 
G 5 HOH 64  1364 177  HOH HOH A . 
G 5 HOH 65  1365 22   HOH HOH A . 
G 5 HOH 66  1366 160  HOH HOH A . 
G 5 HOH 67  1367 131  HOH HOH A . 
G 5 HOH 68  1368 24   HOH HOH A . 
G 5 HOH 69  1369 42   HOH HOH A . 
G 5 HOH 70  1370 236  HOH HOH A . 
G 5 HOH 71  1371 58   HOH HOH A . 
G 5 HOH 72  1372 47   HOH HOH A . 
G 5 HOH 73  1373 221  HOH HOH A . 
G 5 HOH 74  1374 40   HOH HOH A . 
G 5 HOH 75  1375 46   HOH HOH A . 
G 5 HOH 76  1376 89   HOH HOH A . 
G 5 HOH 77  1377 43   HOH HOH A . 
G 5 HOH 78  1378 7    HOH HOH A . 
G 5 HOH 79  1379 1    HOH HOH A . 
G 5 HOH 80  1380 142  HOH HOH A . 
G 5 HOH 81  1381 52   HOH HOH A . 
G 5 HOH 82  1382 175  HOH HOH A . 
G 5 HOH 83  1383 54   HOH HOH A . 
G 5 HOH 84  1384 48   HOH HOH A . 
G 5 HOH 85  1385 120  HOH HOH A . 
G 5 HOH 86  1386 67   HOH HOH A . 
G 5 HOH 87  1387 29   HOH HOH A . 
G 5 HOH 88  1388 139  HOH HOH A . 
G 5 HOH 89  1389 140  HOH HOH A . 
G 5 HOH 90  1390 154  HOH HOH A . 
G 5 HOH 91  1391 207  HOH HOH A . 
G 5 HOH 92  1392 6    HOH HOH A . 
G 5 HOH 93  1393 176  HOH HOH A . 
G 5 HOH 94  1394 70   HOH HOH A . 
G 5 HOH 95  1395 45   HOH HOH A . 
G 5 HOH 96  1396 92   HOH HOH A . 
G 5 HOH 97  1397 30   HOH HOH A . 
G 5 HOH 98  1398 206  HOH HOH A . 
G 5 HOH 99  1399 12   HOH HOH A . 
G 5 HOH 100 1400 102  HOH HOH A . 
G 5 HOH 101 1401 73   HOH HOH A . 
G 5 HOH 102 1402 4    HOH HOH A . 
G 5 HOH 103 1403 172  HOH HOH A . 
G 5 HOH 104 1404 155  HOH HOH A . 
G 5 HOH 105 1405 197  HOH HOH A . 
G 5 HOH 106 1406 36   HOH HOH A . 
G 5 HOH 107 1407 107  HOH HOH A . 
G 5 HOH 108 1408 247  HOH HOH A . 
G 5 HOH 109 1409 85   HOH HOH A . 
G 5 HOH 110 1410 15   HOH HOH A . 
G 5 HOH 111 1411 253  HOH HOH A . 
G 5 HOH 112 1412 147  HOH HOH A . 
G 5 HOH 113 1413 104  HOH HOH A . 
G 5 HOH 114 1414 3    HOH HOH A . 
G 5 HOH 115 1415 141  HOH HOH A . 
G 5 HOH 116 1416 216  HOH HOH A . 
G 5 HOH 117 1417 124  HOH HOH A . 
G 5 HOH 118 1418 18   HOH HOH A . 
G 5 HOH 119 1419 83   HOH HOH A . 
G 5 HOH 120 1420 51   HOH HOH A . 
G 5 HOH 121 1421 105  HOH HOH A . 
G 5 HOH 122 1422 90   HOH HOH A . 
G 5 HOH 123 1423 130  HOH HOH A . 
G 5 HOH 124 1424 82   HOH HOH A . 
G 5 HOH 125 1425 62   HOH HOH A . 
G 5 HOH 126 1426 101  HOH HOH A . 
G 5 HOH 127 1427 240  HOH HOH A . 
G 5 HOH 128 1428 72   HOH HOH A . 
G 5 HOH 129 1429 116  HOH HOH A . 
G 5 HOH 130 1430 39   HOH HOH A . 
G 5 HOH 131 1431 78   HOH HOH A . 
G 5 HOH 132 1432 145  HOH HOH A . 
G 5 HOH 133 1433 10   HOH HOH A . 
G 5 HOH 134 1434 11   HOH HOH A . 
G 5 HOH 135 1435 97   HOH HOH A . 
G 5 HOH 136 1436 53   HOH HOH A . 
G 5 HOH 137 1437 209  HOH HOH A . 
G 5 HOH 138 1438 190  HOH HOH A . 
G 5 HOH 139 1439 123  HOH HOH A . 
G 5 HOH 140 1440 196  HOH HOH A . 
G 5 HOH 141 1441 252  HOH HOH A . 
G 5 HOH 142 1442 95   HOH HOH A . 
G 5 HOH 143 1443 234  HOH HOH A . 
G 5 HOH 144 1444 254  HOH HOH A . 
G 5 HOH 145 1445 26   HOH HOH A . 
G 5 HOH 146 1446 57   HOH HOH A . 
G 5 HOH 147 1447 180  HOH HOH A . 
G 5 HOH 148 1448 179  HOH HOH A . 
G 5 HOH 149 1449 93   HOH HOH A . 
G 5 HOH 150 1450 178  HOH HOH A . 
G 5 HOH 151 1451 237  HOH HOH A . 
G 5 HOH 152 1452 96   HOH HOH A . 
G 5 HOH 153 1453 86   HOH HOH A . 
G 5 HOH 154 1454 199  HOH HOH A . 
G 5 HOH 155 1455 38   HOH HOH A . 
G 5 HOH 156 1456 164  HOH HOH A . 
G 5 HOH 157 1457 114  HOH HOH A . 
G 5 HOH 158 1458 215  HOH HOH A . 
G 5 HOH 159 1459 66   HOH HOH A . 
G 5 HOH 160 1460 188  HOH HOH A . 
G 5 HOH 161 1461 230  HOH HOH A . 
G 5 HOH 162 1462 122  HOH HOH A . 
G 5 HOH 163 1463 41   HOH HOH A . 
G 5 HOH 164 1464 81   HOH HOH A . 
G 5 HOH 165 1465 204  HOH HOH A . 
G 5 HOH 166 1466 110  HOH HOH A . 
G 5 HOH 167 1467 91   HOH HOH A . 
G 5 HOH 168 1468 186  HOH HOH A . 
G 5 HOH 169 1469 152  HOH HOH A . 
G 5 HOH 170 1470 181  HOH HOH A . 
G 5 HOH 171 1471 224  HOH HOH A . 
G 5 HOH 172 1472 69   HOH HOH A . 
G 5 HOH 173 1473 243  HOH HOH A . 
G 5 HOH 174 1474 167  HOH HOH A . 
G 5 HOH 175 1475 220  HOH HOH A . 
G 5 HOH 176 1476 60   HOH HOH A . 
G 5 HOH 177 1477 225  HOH HOH A . 
G 5 HOH 178 1478 217  HOH HOH A . 
G 5 HOH 179 1479 135  HOH HOH A . 
G 5 HOH 180 1480 151  HOH HOH A . 
G 5 HOH 181 1481 159  HOH HOH A . 
G 5 HOH 182 1482 37   HOH HOH A . 
G 5 HOH 183 1483 257  HOH HOH A . 
G 5 HOH 184 1484 157  HOH HOH A . 
G 5 HOH 185 1485 250  HOH HOH A . 
G 5 HOH 186 1486 210  HOH HOH A . 
G 5 HOH 187 1487 103  HOH HOH A . 
G 5 HOH 188 1488 112  HOH HOH A . 
G 5 HOH 189 1489 84   HOH HOH A . 
G 5 HOH 190 1490 174  HOH HOH A . 
G 5 HOH 191 1491 233  HOH HOH A . 
G 5 HOH 192 1492 119  HOH HOH A . 
G 5 HOH 193 1493 8    HOH HOH A . 
G 5 HOH 194 1494 146  HOH HOH A . 
G 5 HOH 195 1495 137  HOH HOH A . 
G 5 HOH 196 1496 248  HOH HOH A . 
G 5 HOH 197 1497 125  HOH HOH A . 
G 5 HOH 198 1498 71   HOH HOH A . 
G 5 HOH 199 1499 185  HOH HOH A . 
G 5 HOH 200 1500 44   HOH HOH A . 
G 5 HOH 201 1501 183  HOH HOH A . 
G 5 HOH 202 1502 74   HOH HOH A . 
G 5 HOH 203 1503 117  HOH HOH A . 
G 5 HOH 204 1504 205  HOH HOH A . 
G 5 HOH 205 1505 244  HOH HOH A . 
G 5 HOH 206 1506 149  HOH HOH A . 
G 5 HOH 207 1507 249  HOH HOH A . 
G 5 HOH 208 1508 127  HOH HOH A . 
G 5 HOH 209 1509 150  HOH HOH A . 
G 5 HOH 210 1510 251  HOH HOH A . 
G 5 HOH 211 1511 63   HOH HOH A . 
G 5 HOH 212 1512 35   HOH HOH A . 
G 5 HOH 213 1513 148  HOH HOH A . 
G 5 HOH 214 1514 211  HOH HOH A . 
G 5 HOH 215 1515 168  HOH HOH A . 
G 5 HOH 216 1516 255  HOH HOH A . 
G 5 HOH 217 1517 219  HOH HOH A . 
G 5 HOH 218 1518 202  HOH HOH A . 
G 5 HOH 219 1519 121  HOH HOH A . 
G 5 HOH 220 1520 213  HOH HOH A . 
G 5 HOH 221 1521 136  HOH HOH A . 
G 5 HOH 222 1522 214  HOH HOH A . 
# 
loop_
_pdbx_unobs_or_zero_occ_atoms.id 
_pdbx_unobs_or_zero_occ_atoms.PDB_model_num 
_pdbx_unobs_or_zero_occ_atoms.polymer_flag 
_pdbx_unobs_or_zero_occ_atoms.occupancy_flag 
_pdbx_unobs_or_zero_occ_atoms.auth_asym_id 
_pdbx_unobs_or_zero_occ_atoms.auth_comp_id 
_pdbx_unobs_or_zero_occ_atoms.auth_seq_id 
_pdbx_unobs_or_zero_occ_atoms.PDB_ins_code 
_pdbx_unobs_or_zero_occ_atoms.auth_atom_id 
_pdbx_unobs_or_zero_occ_atoms.label_alt_id 
_pdbx_unobs_or_zero_occ_atoms.label_asym_id 
_pdbx_unobs_or_zero_occ_atoms.label_comp_id 
_pdbx_unobs_or_zero_occ_atoms.label_seq_id 
_pdbx_unobs_or_zero_occ_atoms.label_atom_id 
1 1 Y 1 A LYS 1004 ? CG ? A LYS 26 CG 
2 1 Y 1 A LYS 1004 ? CD ? A LYS 26 CD 
3 1 Y 1 A LYS 1004 ? CE ? A LYS 26 CE 
4 1 Y 1 A LYS 1004 ? NZ ? A LYS 26 NZ 
# 
loop_
_software.pdbx_ordinal 
_software.name 
_software.version 
_software.date 
_software.type 
_software.contact_author 
_software.contact_author_email 
_software.classification 
_software.location 
_software.language 
_software.citation_id 
1 REFMAC      5.8.0238 ?               program 'Garib N. Murshudov' garib@ysbl.york.ac.uk    refinement        
http://www.ccp4.ac.uk/dist/html/refmac5.html        Fortran_77 ? 
2 Aimless     0.5.23   02/02/16        program 'Phil Evans'         ?                        'data scaling'    
http://www.mrc-lmb.cam.ac.uk/harry/pre/aimless.html ?          ? 
3 PDB_EXTRACT 3.23     'SEP. 23, 2016' package PDB                  deposit@deposit.rcsb.org 'data extraction' 
http://sw-tools.pdb.org/apps/PDB_EXTRACT/           C++        ? 
4 XDS         .        ?               program ?                    ?                        'data reduction'  ? ?          ? 
5 REFMAC      .        ?               program ?                    ?                        phasing           ? ?          ? 
# 
_cell.entry_id           5QXX 
_cell.length_a           80.223 
_cell.length_b           80.223 
_cell.length_c           139.288 
_cell.angle_alpha        90.000 
_cell.angle_beta         90.000 
_cell.angle_gamma        120.000 
_cell.Z_PDB              12 
_cell.pdbx_unique_axis   ? 
# 
_symmetry.entry_id                         5QXX 
_symmetry.space_group_name_H-M             'P 65 2 2' 
_symmetry.pdbx_full_space_group_name_H-M   ? 
_symmetry.cell_setting                     ? 
_symmetry.Int_Tables_number                179 
# 
_exptl.crystals_number   1 
_exptl.entry_id          5QXX 
_exptl.method            'X-RAY DIFFRACTION' 
# 
_exptl_crystal.id                    1 
_exptl_crystal.pdbx_mosaicity        0.080 
_exptl_crystal.pdbx_mosaicity_esd    ? 
_exptl_crystal.density_Matthews      4.2 
_exptl_crystal.density_diffrn        ? 
_exptl_crystal.density_meas          ? 
_exptl_crystal.density_meas_temp     ? 
_exptl_crystal.density_percent_sol   70.7 
_exptl_crystal.size_max              ? 
_exptl_crystal.size_mid              ? 
_exptl_crystal.size_min              ? 
_exptl_crystal.size_rad              ? 
_exptl_crystal.description           ? 
# 
_exptl_crystal_grow.crystal_id      1 
_exptl_crystal_grow.method          'VAPOR DIFFUSION, SITTING DROP' 
_exptl_crystal_grow.pH              5.5 
_exptl_crystal_grow.temp            277 
_exptl_crystal_grow.pdbx_details    '1.6M Ammonium Sulfate, 0.1M bis-tris pH 5.5' 
_exptl_crystal_grow.temp_details    ? 
_exptl_crystal_grow.pdbx_pH_range   ? 
# 
_diffrn.id                     1 
_diffrn.ambient_temp           100 
_diffrn.crystal_id             1 
_diffrn.ambient_temp_details   ? 
# 
_diffrn_detector.detector               PIXEL 
_diffrn_detector.type                   'DECTRIS PILATUS 6M' 
_diffrn_detector.pdbx_collection_date   2016-04-26 
_diffrn_detector.diffrn_id              1 
_diffrn_detector.details                ? 
# 
_diffrn_radiation.diffrn_id                        1 
_diffrn_radiation.wavelength_id                    1 
_diffrn_radiation.pdbx_diffrn_protocol             'SINGLE WAVELENGTH' 
_diffrn_radiation.pdbx_monochromatic_or_laue_m_l   ? 
_diffrn_radiation.monochromator                    ? 
_diffrn_radiation.pdbx_scattering_type             x-ray 
# 
_diffrn_radiation_wavelength.id           1 
_diffrn_radiation_wavelength.wavelength   0.92819 
_diffrn_radiation_wavelength.wt           1.0 
# 
_diffrn_source.diffrn_id                   1 
_diffrn_source.source                      SYNCHROTRON 
_diffrn_source.type                        'DIAMOND BEAMLINE I04-1' 
_diffrn_source.pdbx_wavelength_list        0.92819 
_diffrn_source.pdbx_synchrotron_site       Diamond 
_diffrn_source.pdbx_synchrotron_beamline   I04-1 
_diffrn_source.pdbx_wavelength             ? 
# 
_reflns.entry_id                     5QXX 
_reflns.pdbx_diffrn_id               1 
_reflns.pdbx_ordinal                 1 
_reflns.observed_criterion_sigma_I   ? 
_reflns.observed_criterion_sigma_F   ? 
_reflns.d_resolution_low             27.860 
_reflns.d_resolution_high            1.580 
_reflns.number_obs                   37220 
_reflns.number_all                   ? 
_reflns.percent_possible_obs         99.900 
_reflns.pdbx_Rmerge_I_obs            0.066 
_reflns.pdbx_Rsym_value              ? 
_reflns.pdbx_netI_over_sigmaI        31.200 
_reflns.B_iso_Wilson_estimate        ? 
_reflns.pdbx_redundancy              19.200 
_reflns.pdbx_Rrim_I_all              0.068 
_reflns.pdbx_Rpim_I_all              0.015 
_reflns.pdbx_CC_half                 1.000 
_reflns.pdbx_netI_over_av_sigmaI     ? 
_reflns.pdbx_number_measured_all     715123 
_reflns.pdbx_scaling_rejects         0 
_reflns.pdbx_chi_squared             ? 
_reflns.Rmerge_F_all                 ? 
_reflns.Rmerge_F_obs                 ? 
_reflns.observed_criterion_F_max     ? 
_reflns.observed_criterion_F_min     ? 
_reflns.observed_criterion_I_max     ? 
_reflns.observed_criterion_I_min     ? 
_reflns.pdbx_d_res_high_opt          ? 
_reflns.pdbx_d_res_low_opt           ? 
_reflns.details                      ? 
# 
loop_
_reflns_shell.pdbx_diffrn_id 
_reflns_shell.pdbx_ordinal 
_reflns_shell.d_res_high 
_reflns_shell.d_res_low 
_reflns_shell.number_measured_obs 
_reflns_shell.number_measured_all 
_reflns_shell.number_unique_obs 
_reflns_shell.pdbx_rejects 
_reflns_shell.Rmerge_I_obs 
_reflns_shell.meanI_over_sigI_obs 
_reflns_shell.pdbx_Rsym_value 
_reflns_shell.pdbx_chi_squared 
_reflns_shell.pdbx_redundancy 
_reflns_shell.percent_possible_obs 
_reflns_shell.pdbx_netI_over_sigmaI_obs 
_reflns_shell.number_possible 
_reflns_shell.number_unique_all 
_reflns_shell.Rmerge_F_all 
_reflns_shell.Rmerge_F_obs 
_reflns_shell.Rmerge_I_all 
_reflns_shell.meanI_over_sigI_all 
_reflns_shell.percent_possible_all 
_reflns_shell.pdbx_Rrim_I_all 
_reflns_shell.pdbx_Rpim_I_all 
_reflns_shell.pdbx_CC_half 
1 1 1.580 1.620  ? 50676 ? ? 0.869 ? ? ? 19.000 ? 3.800   ? 2666 ? ? ? ? 99.000 0.893 0.201 0.891 
1 2 7.050 27.860 ? 8789  ? ? 0.022 ? ? ? 17.000 ? 108.100 ? 516  ? ? ? ? 98.500 0.023 0.005 1.000 
# 
_refine.entry_id                                 5QXX 
_refine.pdbx_refine_id                           'X-RAY DIFFRACTION' 
_refine.ls_d_res_high                            1.5800 
_refine.ls_d_res_low                             27.8300 
_refine.pdbx_ls_sigma_F                          0.000 
_refine.pdbx_data_cutoff_high_absF               ? 
_refine.pdbx_data_cutoff_low_absF                ? 
_refine.ls_percent_reflns_obs                    99.9000 
_refine.ls_number_reflns_obs                     35287 
_refine.ls_number_reflns_all                     ? 
_refine.pdbx_ls_cross_valid_method               THROUGHOUT 
_refine.ls_matrix_type                           ? 
_refine.pdbx_R_Free_selection_details            RANDOM 
_refine.details                                  
'HYDROGENS HAVE BEEN ADDED IN THE RIDING POSITIONS U VALUES      : REFINED INDIVIDUALLY' 
_refine.ls_R_factor_all                          ? 
_refine.ls_R_factor_obs                          0.1667 
_refine.ls_R_factor_R_work                       0.1658 
_refine.ls_wR_factor_R_work                      ? 
_refine.ls_R_factor_R_free                       0.1851 
_refine.ls_wR_factor_R_free                      ? 
_refine.ls_percent_reflns_R_free                 5.0000 
_refine.ls_number_reflns_R_free                  1865 
_refine.ls_number_reflns_R_work                  ? 
_refine.ls_R_factor_R_free_error                 ? 
_refine.B_iso_mean                               24.9420 
_refine.solvent_model_param_bsol                 ? 
_refine.solvent_model_param_ksol                 ? 
_refine.pdbx_isotropic_thermal_model             ? 
_refine.aniso_B[1][1]                            0.2000 
_refine.aniso_B[2][2]                            0.2000 
_refine.aniso_B[3][3]                            -0.6500 
_refine.aniso_B[1][2]                            0.1000 
_refine.aniso_B[1][3]                            0.0000 
_refine.aniso_B[2][3]                            0.0000 
_refine.correlation_coeff_Fo_to_Fc               0.9680 
_refine.correlation_coeff_Fo_to_Fc_free          0.9630 
_refine.overall_SU_R_Cruickshank_DPI             ? 
_refine.pdbx_overall_SU_R_free_Cruickshank_DPI   ? 
_refine.pdbx_overall_SU_R_Blow_DPI               ? 
_refine.pdbx_overall_SU_R_free_Blow_DPI          ? 
_refine.overall_SU_R_free                        ? 
_refine.pdbx_overall_ESU_R                       0.0700 
_refine.pdbx_overall_ESU_R_Free                  0.0690 
_refine.overall_SU_ML                            0.0440 
_refine.overall_SU_B                             1.2390 
_refine.solvent_model_details                    MASK 
_refine.pdbx_solvent_vdw_probe_radii             1.2000 
_refine.pdbx_solvent_ion_probe_radii             0.8000 
_refine.pdbx_solvent_shrinkage_radii             0.8000 
_refine.ls_number_parameters                     ? 
_refine.ls_number_restraints                     ? 
_refine.pdbx_starting_model                      3DAI 
_refine.pdbx_method_to_determine_struct          'FOURIER SYNTHESIS' 
_refine.pdbx_stereochemistry_target_values       'MAXIMUM LIKELIHOOD' 
_refine.pdbx_stereochem_target_val_spec_case     ? 
_refine.overall_FOM_work_R_set                   ? 
_refine.B_iso_max                                152.690 
_refine.B_iso_min                                10.810 
_refine.pdbx_overall_phase_error                 ? 
_refine.occupancy_max                            ? 
_refine.occupancy_min                            ? 
_refine.pdbx_diffrn_id                           1 
_refine.pdbx_TLS_residual_ADP_flag               ? 
_refine.pdbx_ls_sigma_I                          ? 
_refine.pdbx_data_cutoff_high_rms_absF           ? 
_refine.ls_R_factor_R_free_error_details         ? 
# 
_refine_hist.cycle_id                         final 
_refine_hist.pdbx_refine_id                   'X-RAY DIFFRACTION' 
_refine_hist.d_res_high                       1.5800 
_refine_hist.d_res_low                        27.8300 
_refine_hist.pdbx_number_atoms_ligand         39 
_refine_hist.number_atoms_solvent             222 
_refine_hist.number_atoms_total               1345 
_refine_hist.pdbx_number_residues_total       129 
_refine_hist.pdbx_B_iso_mean_ligand           34.34 
_refine_hist.pdbx_B_iso_mean_solvent          38.93 
_refine_hist.pdbx_number_atoms_protein        1084 
_refine_hist.pdbx_number_atoms_nucleic_acid   0 
# 
loop_
_refine_ls_restr.pdbx_refine_id 
_refine_ls_restr.type 
_refine_ls_restr.number 
_refine_ls_restr.dev_ideal 
_refine_ls_restr.dev_ideal_target 
_refine_ls_restr.weight 
_refine_ls_restr.pdbx_restraint_function 
'X-RAY DIFFRACTION' r_bond_refined_d       2385 0.013  0.015  ? ? 
'X-RAY DIFFRACTION' r_bond_other_d         1528 0.002  0.017  ? ? 
'X-RAY DIFFRACTION' r_angle_refined_deg    2363 1.918  1.699  ? ? 
'X-RAY DIFFRACTION' r_angle_other_deg      3585 1.469  1.660  ? ? 
'X-RAY DIFFRACTION' r_dihedral_angle_1_deg 229  4.546  5.000  ? ? 
'X-RAY DIFFRACTION' r_dihedral_angle_2_deg 111  27.966 21.532 ? ? 
'X-RAY DIFFRACTION' r_dihedral_angle_3_deg 296  14.133 15.000 ? ? 
'X-RAY DIFFRACTION' r_dihedral_angle_4_deg 19   16.390 15.000 ? ? 
'X-RAY DIFFRACTION' r_chiral_restr         209  0.097  0.200  ? ? 
'X-RAY DIFFRACTION' r_gen_planes_refined   2110 0.008  0.020  ? ? 
'X-RAY DIFFRACTION' r_gen_planes_other     397  0.003  0.020  ? ? 
'X-RAY DIFFRACTION' r_mcbond_it            1073 1.720  2.019  ? ? 
'X-RAY DIFFRACTION' r_mcbond_other         1012 1.758  1.931  ? ? 
'X-RAY DIFFRACTION' r_mcangle_it           1047 3.023  2.900  ? ? 
# 
_refine_ls_shell.d_res_high                       1.5780 
_refine_ls_shell.d_res_low                        1.6190 
_refine_ls_shell.pdbx_total_number_of_bins_used   20 
_refine_ls_shell.percent_reflns_obs               99.2600 
_refine_ls_shell.number_reflns_R_work             2524 
_refine_ls_shell.R_factor_all                     ? 
_refine_ls_shell.R_factor_R_work                  0.2280 
_refine_ls_shell.R_factor_R_free                  0.2230 
_refine_ls_shell.percent_reflns_R_free            ? 
_refine_ls_shell.number_reflns_R_free             144 
_refine_ls_shell.R_factor_R_free_error            ? 
_refine_ls_shell.number_reflns_all                2668 
_refine_ls_shell.number_reflns_obs                ? 
_refine_ls_shell.pdbx_refine_id                   'X-RAY DIFFRACTION' 
# 
_struct.entry_id                  5QXX 
_struct.title                     'PanDDA analysis group deposition -- Crystal Structure of ATAD2 in complex with RZ99' 
_struct.pdbx_model_details        ? 
_struct.pdbx_CASP_flag            ? 
_struct.pdbx_model_type_details   ? 
# 
_struct_keywords.entry_id        5QXX 
_struct_keywords.text            
'SGC - Diamond I04-1 fragment screening, PanDDA, XChemExplorer, HYDROLASE-HYDROLASE INHIBITOR complex' 
_struct_keywords.pdbx_keywords   'HYDROLASE/HYDROLASE INHIBITOR' 
# 
loop_
_struct_asym.id 
_struct_asym.pdbx_blank_PDB_chainid_flag 
_struct_asym.pdbx_modified 
_struct_asym.entity_id 
_struct_asym.details 
A N N 1 ? 
B N N 2 ? 
C N N 3 ? 
D N N 3 ? 
E N N 4 ? 
F N N 4 ? 
G N N 5 ? 
# 
_struct_ref.id                         1 
_struct_ref.db_name                    UNP 
_struct_ref.db_code                    ATAD2_HUMAN 
_struct_ref.pdbx_db_accession          Q6PL18 
_struct_ref.pdbx_db_isoform            ? 
_struct_ref.entity_id                  1 
_struct_ref.pdbx_seq_one_letter_code   
;QEEDTFRELRIFLRNVTHRLAIDKRFRVFTKPVDPDEVPDYVTVIKQPMDLSSVISKIDLHKYLTVKDYLRDIDLICSNA
LEYNPDRDPGDRLIRHRACALRDTAYAIIKEELDEDFEQLCEEIQESR
;
_struct_ref.pdbx_align_begin           981 
# 
_struct_ref_seq.align_id                      1 
_struct_ref_seq.ref_id                        1 
_struct_ref_seq.pdbx_PDB_id_code              5QXX 
_struct_ref_seq.pdbx_strand_id                A 
_struct_ref_seq.seq_align_beg                 3 
_struct_ref_seq.pdbx_seq_align_beg_ins_code   ? 
_struct_ref_seq.seq_align_end                 130 
_struct_ref_seq.pdbx_seq_align_end_ins_code   ? 
_struct_ref_seq.pdbx_db_accession             Q6PL18 
_struct_ref_seq.db_align_beg                  981 
_struct_ref_seq.pdbx_db_align_beg_ins_code    ? 
_struct_ref_seq.db_align_end                  1108 
_struct_ref_seq.pdbx_db_align_end_ins_code    ? 
_struct_ref_seq.pdbx_auth_seq_align_beg       981 
_struct_ref_seq.pdbx_auth_seq_align_end       1108 
# 
loop_
_struct_ref_seq_dif.align_id 
_struct_ref_seq_dif.pdbx_pdb_id_code 
_struct_ref_seq_dif.mon_id 
_struct_ref_seq_dif.pdbx_pdb_strand_id 
_struct_ref_seq_dif.seq_num 
_struct_ref_seq_dif.pdbx_pdb_ins_code 
_struct_ref_seq_dif.pdbx_seq_db_name 
_struct_ref_seq_dif.pdbx_seq_db_accession_code 
_struct_ref_seq_dif.db_mon_id 
_struct_ref_seq_dif.pdbx_seq_db_seq_num 
_struct_ref_seq_dif.details 
_struct_ref_seq_dif.pdbx_auth_seq_num 
_struct_ref_seq_dif.pdbx_ordinal 
1 5QXX SER A 1  ? UNP Q6PL18 ?   ?    'expression tag' 979  1 
1 5QXX MET A 2  ? UNP Q6PL18 ?   ?    'expression tag' 980  2 
1 5QXX ARG A 44 ? UNP Q6PL18 VAL 1022 conflict         1022 3 
1 5QXX GLU A 49 ? UNP Q6PL18 GLN 1027 conflict         1027 4 
# 
_pdbx_struct_assembly.id                   1 
_pdbx_struct_assembly.details              author_and_software_defined_assembly 
_pdbx_struct_assembly.method_details       PISA 
_pdbx_struct_assembly.oligomeric_details   monomeric 
_pdbx_struct_assembly.oligomeric_count     1 
# 
_pdbx_struct_assembly_gen.assembly_id       1 
_pdbx_struct_assembly_gen.oper_expression   1 
_pdbx_struct_assembly_gen.asym_id_list      A,B,C,D,E,F,G 
# 
_pdbx_struct_oper_list.id                   1 
_pdbx_struct_oper_list.type                 'identity operation' 
_pdbx_struct_oper_list.name                 1_555 
_pdbx_struct_oper_list.symmetry_operation   x,y,z 
_pdbx_struct_oper_list.matrix[1][1]         1.0000000000 
_pdbx_struct_oper_list.matrix[1][2]         0.0000000000 
_pdbx_struct_oper_list.matrix[1][3]         0.0000000000 
_pdbx_struct_oper_list.vector[1]            0.0000000000 
_pdbx_struct_oper_list.matrix[2][1]         0.0000000000 
_pdbx_struct_oper_list.matrix[2][2]         1.0000000000 
_pdbx_struct_oper_list.matrix[2][3]         0.0000000000 
_pdbx_struct_oper_list.vector[2]            0.0000000000 
_pdbx_struct_oper_list.matrix[3][1]         0.0000000000 
_pdbx_struct_oper_list.matrix[3][2]         0.0000000000 
_pdbx_struct_oper_list.matrix[3][3]         1.0000000000 
_pdbx_struct_oper_list.vector[3]            0.0000000000 
# 
loop_
_struct_conf.conf_type_id 
_struct_conf.id 
_struct_conf.pdbx_PDB_helix_id 
_struct_conf.beg_label_comp_id 
_struct_conf.beg_label_asym_id 
_struct_conf.beg_label_seq_id 
_struct_conf.pdbx_beg_PDB_ins_code 
_struct_conf.end_label_comp_id 
_struct_conf.end_label_asym_id 
_struct_conf.end_label_seq_id 
_struct_conf.pdbx_end_PDB_ins_code 
_struct_conf.beg_auth_comp_id 
_struct_conf.beg_auth_asym_id 
_struct_conf.beg_auth_seq_id 
_struct_conf.end_auth_comp_id 
_struct_conf.end_auth_asym_id 
_struct_conf.end_auth_seq_id 
_struct_conf.pdbx_PDB_helix_class 
_struct_conf.details 
_struct_conf.pdbx_PDB_helix_length 
HELX_P HELX_P1 AA1 SER A 1   ? ILE A 24  ? SER A 979  ILE A 1002 1 ? 24 
HELX_P HELX_P2 AA2 ASP A 25  ? THR A 32  ? ASP A 1003 THR A 1010 5 ? 8  
HELX_P HELX_P3 AA3 ASP A 42  ? ILE A 47  ? ASP A 1020 ILE A 1025 1 ? 6  
HELX_P HELX_P4 AA4 ASP A 52  ? LEU A 62  ? ASP A 1030 LEU A 1040 1 ? 11 
HELX_P HELX_P5 AA5 THR A 67  ? ASN A 86  ? THR A 1045 ASN A 1064 1 ? 20 
HELX_P HELX_P6 AA6 ASP A 90  ? LEU A 115 ? ASP A 1068 LEU A 1093 1 ? 26 
HELX_P HELX_P7 AA7 ASP A 116 ? SER A 129 ? ASP A 1094 SER A 1107 1 ? 14 
# 
_struct_conf_type.id          HELX_P 
_struct_conf_type.criteria    ? 
_struct_conf_type.reference   ? 
# 
loop_
_struct_site.id 
_struct_site.pdbx_evidence_code 
_struct_site.pdbx_auth_asym_id 
_struct_site.pdbx_auth_comp_id 
_struct_site.pdbx_auth_seq_id 
_struct_site.pdbx_auth_ins_code 
_struct_site.pdbx_num_residues 
_struct_site.details 
AC1 Software A RK1 1201 ? 7 'binding site for residue RK1 A 1201' 
AC2 Software A SO4 1202 ? 9 'binding site for residue SO4 A 1202' 
AC3 Software A SO4 1203 ? 8 'binding site for residue SO4 A 1203' 
AC4 Software A EDO 1204 ? 4 'binding site for residue EDO A 1204' 
AC5 Software A EDO 1205 ? 5 'binding site for residue EDO A 1205' 
# 
loop_
_struct_site_gen.id 
_struct_site_gen.site_id 
_struct_site_gen.pdbx_num_res 
_struct_site_gen.label_comp_id 
_struct_site_gen.label_asym_id 
_struct_site_gen.label_seq_id 
_struct_site_gen.pdbx_auth_ins_code 
_struct_site_gen.auth_comp_id 
_struct_site_gen.auth_asym_id 
_struct_site_gen.auth_seq_id 
_struct_site_gen.label_atom_id 
_struct_site_gen.label_alt_id 
_struct_site_gen.symmetry 
_struct_site_gen.details 
1  AC1 7 HIS A 20  ? HIS A 998  . ? 10_665 ? 
2  AC1 7 ILE A 24  ? ILE A 1002 . ? 10_665 ? 
3  AC1 7 LYS A 112 ? LYS A 1090 . ? 1_555  ? 
4  AC1 7 GLU A 113 ? GLU A 1091 . ? 1_555  ? 
5  AC1 7 GLU A 114 ? GLU A 1092 . ? 1_555  ? 
6  AC1 7 LEU A 115 ? LEU A 1093 . ? 1_555  ? 
7  AC1 7 ASP A 116 ? ASP A 1094 . ? 1_555  ? 
8  AC2 9 ARG A 9   ? ARG A 987  . ? 6_654  ? 
9  AC2 9 ARG A 12  ? ARG A 990  . ? 6_654  ? 
10 AC2 9 ARG A 16  ? ARG A 994  . ? 6_654  ? 
11 AC2 9 ARG A 89  ? ARG A 1067 . ? 1_555  ? 
12 AC2 9 ARG A 94  ? ARG A 1072 . ? 1_555  ? 
13 AC2 9 HOH G .   ? HOH A 1305 . ? 1_555  ? 
14 AC2 9 HOH G .   ? HOH A 1398 . ? 1_555  ? 
15 AC2 9 HOH G .   ? HOH A 1423 . ? 1_555  ? 
16 AC2 9 HOH G .   ? HOH A 1439 . ? 6_654  ? 
17 AC3 8 LYS A 64  ? LYS A 1042 . ? 12_564 ? 
18 AC3 8 LYS A 64  ? LYS A 1042 . ? 1_555  ? 
19 AC3 8 HOH G .   ? HOH A 1334 . ? 1_555  ? 
20 AC3 8 HOH G .   ? HOH A 1334 . ? 12_564 ? 
21 AC3 8 HOH G .   ? HOH A 1339 . ? 12_564 ? 
22 AC3 8 HOH G .   ? HOH A 1339 . ? 1_555  ? 
23 AC3 8 HOH G .   ? HOH A 1380 . ? 12_564 ? 
24 AC3 8 HOH G .   ? HOH A 1380 . ? 1_555  ? 
25 AC4 4 GLU A 10  ? GLU A 988  . ? 1_555  ? 
26 AC4 4 ASP A 116 ? ASP A 1094 . ? 1_555  ? 
27 AC4 4 HOH G .   ? HOH A 1348 . ? 1_555  ? 
28 AC4 4 HOH G .   ? HOH A 1408 . ? 1_555  ? 
29 AC5 5 PRO A 50  ? PRO A 1028 . ? 12_564 ? 
30 AC5 5 SER A 58  ? SER A 1036 . ? 1_555  ? 
31 AC5 5 HOH G .   ? HOH A 1335 . ? 1_555  ? 
32 AC5 5 HOH G .   ? HOH A 1358 . ? 1_555  ? 
33 AC5 5 HOH G .   ? HOH A 1432 . ? 1_555  ? 
# 
loop_
_pdbx_validate_close_contact.id 
_pdbx_validate_close_contact.PDB_model_num 
_pdbx_validate_close_contact.auth_atom_id_1 
_pdbx_validate_close_contact.auth_asym_id_1 
_pdbx_validate_close_contact.auth_comp_id_1 
_pdbx_validate_close_contact.auth_seq_id_1 
_pdbx_validate_close_contact.PDB_ins_code_1 
_pdbx_validate_close_contact.label_alt_id_1 
_pdbx_validate_close_contact.auth_atom_id_2 
_pdbx_validate_close_contact.auth_asym_id_2 
_pdbx_validate_close_contact.auth_comp_id_2 
_pdbx_validate_close_contact.auth_seq_id_2 
_pdbx_validate_close_contact.PDB_ins_code_2 
_pdbx_validate_close_contact.label_alt_id_2 
_pdbx_validate_close_contact.dist 
1 1 O   A HOH 1411 ? ? O A HOH 1483 ? ? 1.43 
2 1 ND2 A ASN 995  ? ? O A HOH 1301 ? ? 1.66 
3 1 O   A HOH 1391 ? ? O A HOH 1504 ? ? 1.93 
4 1 O   A HOH 1454 ? ? O A HOH 1457 ? ? 2.19 
# 
_pdbx_validate_rmsd_bond.id                        1 
_pdbx_validate_rmsd_bond.PDB_model_num             1 
_pdbx_validate_rmsd_bond.auth_atom_id_1            CD 
_pdbx_validate_rmsd_bond.auth_asym_id_1            A 
_pdbx_validate_rmsd_bond.auth_comp_id_1            GLU 
_pdbx_validate_rmsd_bond.auth_seq_id_1             1102 
_pdbx_validate_rmsd_bond.PDB_ins_code_1            ? 
_pdbx_validate_rmsd_bond.label_alt_id_1            ? 
_pdbx_validate_rmsd_bond.auth_atom_id_2            OE2 
_pdbx_validate_rmsd_bond.auth_asym_id_2            A 
_pdbx_validate_rmsd_bond.auth_comp_id_2            GLU 
_pdbx_validate_rmsd_bond.auth_seq_id_2             1102 
_pdbx_validate_rmsd_bond.PDB_ins_code_2            ? 
_pdbx_validate_rmsd_bond.label_alt_id_2            ? 
_pdbx_validate_rmsd_bond.bond_value                1.330 
_pdbx_validate_rmsd_bond.bond_target_value         1.252 
_pdbx_validate_rmsd_bond.bond_deviation            0.078 
_pdbx_validate_rmsd_bond.bond_standard_deviation   0.011 
_pdbx_validate_rmsd_bond.linker_flag               N 
# 
loop_
_pdbx_validate_rmsd_angle.id 
_pdbx_validate_rmsd_angle.PDB_model_num 
_pdbx_validate_rmsd_angle.auth_atom_id_1 
_pdbx_validate_rmsd_angle.auth_asym_id_1 
_pdbx_validate_rmsd_angle.auth_comp_id_1 
_pdbx_validate_rmsd_angle.auth_seq_id_1 
_pdbx_validate_rmsd_angle.PDB_ins_code_1 
_pdbx_validate_rmsd_angle.label_alt_id_1 
_pdbx_validate_rmsd_angle.auth_atom_id_2 
_pdbx_validate_rmsd_angle.auth_asym_id_2 
_pdbx_validate_rmsd_angle.auth_comp_id_2 
_pdbx_validate_rmsd_angle.auth_seq_id_2 
_pdbx_validate_rmsd_angle.PDB_ins_code_2 
_pdbx_validate_rmsd_angle.label_alt_id_2 
_pdbx_validate_rmsd_angle.auth_atom_id_3 
_pdbx_validate_rmsd_angle.auth_asym_id_3 
_pdbx_validate_rmsd_angle.auth_comp_id_3 
_pdbx_validate_rmsd_angle.auth_seq_id_3 
_pdbx_validate_rmsd_angle.PDB_ins_code_3 
_pdbx_validate_rmsd_angle.label_alt_id_3 
_pdbx_validate_rmsd_angle.angle_value 
_pdbx_validate_rmsd_angle.angle_target_value 
_pdbx_validate_rmsd_angle.angle_deviation 
_pdbx_validate_rmsd_angle.angle_standard_deviation 
_pdbx_validate_rmsd_angle.linker_flag 
1 1 NE A ARG 987  ? B CZ A ARG 987  ? B NH1 A ARG 987  ? B 116.84 120.30 -3.46 0.50 N 
2 1 NE A ARG 994  ? ? CZ A ARG 994  ? ? NH1 A ARG 994  ? ? 124.24 120.30 3.94  0.50 N 
3 1 NE A ARG 994  ? ? CZ A ARG 994  ? ? NH2 A ARG 994  ? ? 116.56 120.30 -3.74 0.50 N 
4 1 NE A ARG 1067 ? ? CZ A ARG 1067 ? ? NH2 A ARG 1067 ? ? 116.92 120.30 -3.38 0.50 N 
# 
loop_
_pdbx_struct_special_symmetry.id 
_pdbx_struct_special_symmetry.PDB_model_num 
_pdbx_struct_special_symmetry.auth_asym_id 
_pdbx_struct_special_symmetry.auth_comp_id 
_pdbx_struct_special_symmetry.auth_seq_id 
_pdbx_struct_special_symmetry.PDB_ins_code 
_pdbx_struct_special_symmetry.label_asym_id 
_pdbx_struct_special_symmetry.label_comp_id 
_pdbx_struct_special_symmetry.label_seq_id 
1 1 A SO4 1203 ? D SO4 . 
2 1 A HOH 1322 ? G HOH . 
# 
_phasing.method   MR 
# 
_pdbx_entry_details.entry_id                 5QXX 
_pdbx_entry_details.has_ligand_of_interest   Y 
_pdbx_entry_details.compound_details         ? 
_pdbx_entry_details.source_details           ? 
_pdbx_entry_details.nonpolymer_details       ? 
_pdbx_entry_details.sequence_details         ? 
# 
loop_
_chem_comp_atom.comp_id 
_chem_comp_atom.atom_id 
_chem_comp_atom.type_symbol 
_chem_comp_atom.pdbx_aromatic_flag 
_chem_comp_atom.pdbx_stereo_config 
_chem_comp_atom.pdbx_ordinal 
ALA N    N N N 1   
ALA CA   C N S 2   
ALA C    C N N 3   
ALA O    O N N 4   
ALA CB   C N N 5   
ALA OXT  O N N 6   
ALA H    H N N 7   
ALA H2   H N N 8   
ALA HA   H N N 9   
ALA HB1  H N N 10  
ALA HB2  H N N 11  
ALA HB3  H N N 12  
ALA HXT  H N N 13  
ARG N    N N N 14  
ARG CA   C N S 15  
ARG C    C N N 16  
ARG O    O N N 17  
ARG CB   C N N 18  
ARG CG   C N N 19  
ARG CD   C N N 20  
ARG NE   N N N 21  
ARG CZ   C N N 22  
ARG NH1  N N N 23  
ARG NH2  N N N 24  
ARG OXT  O N N 25  
ARG H    H N N 26  
ARG H2   H N N 27  
ARG HA   H N N 28  
ARG HB2  H N N 29  
ARG HB3  H N N 30  
ARG HG2  H N N 31  
ARG HG3  H N N 32  
ARG HD2  H N N 33  
ARG HD3  H N N 34  
ARG HE   H N N 35  
ARG HH11 H N N 36  
ARG HH12 H N N 37  
ARG HH21 H N N 38  
ARG HH22 H N N 39  
ARG HXT  H N N 40  
ASN N    N N N 41  
ASN CA   C N S 42  
ASN C    C N N 43  
ASN O    O N N 44  
ASN CB   C N N 45  
ASN CG   C N N 46  
ASN OD1  O N N 47  
ASN ND2  N N N 48  
ASN OXT  O N N 49  
ASN H    H N N 50  
ASN H2   H N N 51  
ASN HA   H N N 52  
ASN HB2  H N N 53  
ASN HB3  H N N 54  
ASN HD21 H N N 55  
ASN HD22 H N N 56  
ASN HXT  H N N 57  
ASP N    N N N 58  
ASP CA   C N S 59  
ASP C    C N N 60  
ASP O    O N N 61  
ASP CB   C N N 62  
ASP CG   C N N 63  
ASP OD1  O N N 64  
ASP OD2  O N N 65  
ASP OXT  O N N 66  
ASP H    H N N 67  
ASP H2   H N N 68  
ASP HA   H N N 69  
ASP HB2  H N N 70  
ASP HB3  H N N 71  
ASP HD2  H N N 72  
ASP HXT  H N N 73  
CYS N    N N N 74  
CYS CA   C N R 75  
CYS C    C N N 76  
CYS O    O N N 77  
CYS CB   C N N 78  
CYS SG   S N N 79  
CYS OXT  O N N 80  
CYS H    H N N 81  
CYS H2   H N N 82  
CYS HA   H N N 83  
CYS HB2  H N N 84  
CYS HB3  H N N 85  
CYS HG   H N N 86  
CYS HXT  H N N 87  
EDO C1   C N N 88  
EDO O1   O N N 89  
EDO C2   C N N 90  
EDO O2   O N N 91  
EDO H11  H N N 92  
EDO H12  H N N 93  
EDO HO1  H N N 94  
EDO H21  H N N 95  
EDO H22  H N N 96  
EDO HO2  H N N 97  
GLN N    N N N 98  
GLN CA   C N S 99  
GLN C    C N N 100 
GLN O    O N N 101 
GLN CB   C N N 102 
GLN CG   C N N 103 
GLN CD   C N N 104 
GLN OE1  O N N 105 
GLN NE2  N N N 106 
GLN OXT  O N N 107 
GLN H    H N N 108 
GLN H2   H N N 109 
GLN HA   H N N 110 
GLN HB2  H N N 111 
GLN HB3  H N N 112 
GLN HG2  H N N 113 
GLN HG3  H N N 114 
GLN HE21 H N N 115 
GLN HE22 H N N 116 
GLN HXT  H N N 117 
GLU N    N N N 118 
GLU CA   C N S 119 
GLU C    C N N 120 
GLU O    O N N 121 
GLU CB   C N N 122 
GLU CG   C N N 123 
GLU CD   C N N 124 
GLU OE1  O N N 125 
GLU OE2  O N N 126 
GLU OXT  O N N 127 
GLU H    H N N 128 
GLU H2   H N N 129 
GLU HA   H N N 130 
GLU HB2  H N N 131 
GLU HB3  H N N 132 
GLU HG2  H N N 133 
GLU HG3  H N N 134 
GLU HE2  H N N 135 
GLU HXT  H N N 136 
GLY N    N N N 137 
GLY CA   C N N 138 
GLY C    C N N 139 
GLY O    O N N 140 
GLY OXT  O N N 141 
GLY H    H N N 142 
GLY H2   H N N 143 
GLY HA2  H N N 144 
GLY HA3  H N N 145 
GLY HXT  H N N 146 
HIS N    N N N 147 
HIS CA   C N S 148 
HIS C    C N N 149 
HIS O    O N N 150 
HIS CB   C N N 151 
HIS CG   C Y N 152 
HIS ND1  N Y N 153 
HIS CD2  C Y N 154 
HIS CE1  C Y N 155 
HIS NE2  N Y N 156 
HIS OXT  O N N 157 
HIS H    H N N 158 
HIS H2   H N N 159 
HIS HA   H N N 160 
HIS HB2  H N N 161 
HIS HB3  H N N 162 
HIS HD1  H N N 163 
HIS HD2  H N N 164 
HIS HE1  H N N 165 
HIS HE2  H N N 166 
HIS HXT  H N N 167 
HOH O    O N N 168 
HOH H1   H N N 169 
HOH H2   H N N 170 
ILE N    N N N 171 
ILE CA   C N S 172 
ILE C    C N N 173 
ILE O    O N N 174 
ILE CB   C N S 175 
ILE CG1  C N N 176 
ILE CG2  C N N 177 
ILE CD1  C N N 178 
ILE OXT  O N N 179 
ILE H    H N N 180 
ILE H2   H N N 181 
ILE HA   H N N 182 
ILE HB   H N N 183 
ILE HG12 H N N 184 
ILE HG13 H N N 185 
ILE HG21 H N N 186 
ILE HG22 H N N 187 
ILE HG23 H N N 188 
ILE HD11 H N N 189 
ILE HD12 H N N 190 
ILE HD13 H N N 191 
ILE HXT  H N N 192 
LEU N    N N N 193 
LEU CA   C N S 194 
LEU C    C N N 195 
LEU O    O N N 196 
LEU CB   C N N 197 
LEU CG   C N N 198 
LEU CD1  C N N 199 
LEU CD2  C N N 200 
LEU OXT  O N N 201 
LEU H    H N N 202 
LEU H2   H N N 203 
LEU HA   H N N 204 
LEU HB2  H N N 205 
LEU HB3  H N N 206 
LEU HG   H N N 207 
LEU HD11 H N N 208 
LEU HD12 H N N 209 
LEU HD13 H N N 210 
LEU HD21 H N N 211 
LEU HD22 H N N 212 
LEU HD23 H N N 213 
LEU HXT  H N N 214 
LYS N    N N N 215 
LYS CA   C N S 216 
LYS C    C N N 217 
LYS O    O N N 218 
LYS CB   C N N 219 
LYS CG   C N N 220 
LYS CD   C N N 221 
LYS CE   C N N 222 
LYS NZ   N N N 223 
LYS OXT  O N N 224 
LYS H    H N N 225 
LYS H2   H N N 226 
LYS HA   H N N 227 
LYS HB2  H N N 228 
LYS HB3  H N N 229 
LYS HG2  H N N 230 
LYS HG3  H N N 231 
LYS HD2  H N N 232 
LYS HD3  H N N 233 
LYS HE2  H N N 234 
LYS HE3  H N N 235 
LYS HZ1  H N N 236 
LYS HZ2  H N N 237 
LYS HZ3  H N N 238 
LYS HXT  H N N 239 
MET N    N N N 240 
MET CA   C N S 241 
MET C    C N N 242 
MET O    O N N 243 
MET CB   C N N 244 
MET CG   C N N 245 
MET SD   S N N 246 
MET CE   C N N 247 
MET OXT  O N N 248 
MET H    H N N 249 
MET H2   H N N 250 
MET HA   H N N 251 
MET HB2  H N N 252 
MET HB3  H N N 253 
MET HG2  H N N 254 
MET HG3  H N N 255 
MET HE1  H N N 256 
MET HE2  H N N 257 
MET HE3  H N N 258 
MET HXT  H N N 259 
PHE N    N N N 260 
PHE CA   C N S 261 
PHE C    C N N 262 
PHE O    O N N 263 
PHE CB   C N N 264 
PHE CG   C Y N 265 
PHE CD1  C Y N 266 
PHE CD2  C Y N 267 
PHE CE1  C Y N 268 
PHE CE2  C Y N 269 
PHE CZ   C Y N 270 
PHE OXT  O N N 271 
PHE H    H N N 272 
PHE H2   H N N 273 
PHE HA   H N N 274 
PHE HB2  H N N 275 
PHE HB3  H N N 276 
PHE HD1  H N N 277 
PHE HD2  H N N 278 
PHE HE1  H N N 279 
PHE HE2  H N N 280 
PHE HZ   H N N 281 
PHE HXT  H N N 282 
PRO N    N N N 283 
PRO CA   C N S 284 
PRO C    C N N 285 
PRO O    O N N 286 
PRO CB   C N N 287 
PRO CG   C N N 288 
PRO CD   C N N 289 
PRO OXT  O N N 290 
PRO H    H N N 291 
PRO HA   H N N 292 
PRO HB2  H N N 293 
PRO HB3  H N N 294 
PRO HG2  H N N 295 
PRO HG3  H N N 296 
PRO HD2  H N N 297 
PRO HD3  H N N 298 
PRO HXT  H N N 299 
RK1 C10  C N N 300 
RK1 C15  C N N 301 
RK1 C17  C Y N 302 
RK1 C20  C Y N 303 
RK1 C21  C Y N 304 
RK1 C01  C N N 305 
RK1 C02  C N N 306 
RK1 C04  C N N 307 
RK1 C05  C N N 308 
RK1 C07  C N N 309 
RK1 C08  C N N 310 
RK1 C09  C N R 311 
RK1 C11  C N N 312 
RK1 C12  C N N 313 
RK1 C16  C Y N 314 
RK1 C18  C Y N 315 
RK1 C19  C Y N 316 
RK1 N03  N N N 317 
RK1 N06  N N N 318 
RK1 N14  N N N 319 
RK1 O13  O N N 320 
RK1 H1   H N N 321 
RK1 H2   H N N 322 
RK1 H3   H N N 323 
RK1 H4   H N N 324 
RK1 H5   H N N 325 
RK1 H6   H N N 326 
RK1 H7   H N N 327 
RK1 H8   H N N 328 
RK1 H9   H N N 329 
RK1 H10  H N N 330 
RK1 H11  H N N 331 
RK1 H12  H N N 332 
RK1 H13  H N N 333 
RK1 H14  H N N 334 
RK1 H15  H N N 335 
RK1 H16  H N N 336 
RK1 H17  H N N 337 
RK1 H18  H N N 338 
RK1 H19  H N N 339 
RK1 H20  H N N 340 
RK1 H21  H N N 341 
RK1 H22  H N N 342 
RK1 H23  H N N 343 
RK1 H24  H N N 344 
RK1 H26  H N N 345 
SER N    N N N 346 
SER CA   C N S 347 
SER C    C N N 348 
SER O    O N N 349 
SER CB   C N N 350 
SER OG   O N N 351 
SER OXT  O N N 352 
SER H    H N N 353 
SER H2   H N N 354 
SER HA   H N N 355 
SER HB2  H N N 356 
SER HB3  H N N 357 
SER HG   H N N 358 
SER HXT  H N N 359 
SO4 S    S N N 360 
SO4 O1   O N N 361 
SO4 O2   O N N 362 
SO4 O3   O N N 363 
SO4 O4   O N N 364 
THR N    N N N 365 
THR CA   C N S 366 
THR C    C N N 367 
THR O    O N N 368 
THR CB   C N R 369 
THR OG1  O N N 370 
THR CG2  C N N 371 
THR OXT  O N N 372 
THR H    H N N 373 
THR H2   H N N 374 
THR HA   H N N 375 
THR HB   H N N 376 
THR HG1  H N N 377 
THR HG21 H N N 378 
THR HG22 H N N 379 
THR HG23 H N N 380 
THR HXT  H N N 381 
TYR N    N N N 382 
TYR CA   C N S 383 
TYR C    C N N 384 
TYR O    O N N 385 
TYR CB   C N N 386 
TYR CG   C Y N 387 
TYR CD1  C Y N 388 
TYR CD2  C Y N 389 
TYR CE1  C Y N 390 
TYR CE2  C Y N 391 
TYR CZ   C Y N 392 
TYR OH   O N N 393 
TYR OXT  O N N 394 
TYR H    H N N 395 
TYR H2   H N N 396 
TYR HA   H N N 397 
TYR HB2  H N N 398 
TYR HB3  H N N 399 
TYR HD1  H N N 400 
TYR HD2  H N N 401 
TYR HE1  H N N 402 
TYR HE2  H N N 403 
TYR HH   H N N 404 
TYR HXT  H N N 405 
VAL N    N N N 406 
VAL CA   C N S 407 
VAL C    C N N 408 
VAL O    O N N 409 
VAL CB   C N N 410 
VAL CG1  C N N 411 
VAL CG2  C N N 412 
VAL OXT  O N N 413 
VAL H    H N N 414 
VAL H2   H N N 415 
VAL HA   H N N 416 
VAL HB   H N N 417 
VAL HG11 H N N 418 
VAL HG12 H N N 419 
VAL HG13 H N N 420 
VAL HG21 H N N 421 
VAL HG22 H N N 422 
VAL HG23 H N N 423 
VAL HXT  H N N 424 
# 
loop_
_chem_comp_bond.comp_id 
_chem_comp_bond.atom_id_1 
_chem_comp_bond.atom_id_2 
_chem_comp_bond.value_order 
_chem_comp_bond.pdbx_aromatic_flag 
_chem_comp_bond.pdbx_stereo_config 
_chem_comp_bond.pdbx_ordinal 
ALA N   CA   sing N N 1   
ALA N   H    sing N N 2   
ALA N   H2   sing N N 3   
ALA CA  C    sing N N 4   
ALA CA  CB   sing N N 5   
ALA CA  HA   sing N N 6   
ALA C   O    doub N N 7   
ALA C   OXT  sing N N 8   
ALA CB  HB1  sing N N 9   
ALA CB  HB2  sing N N 10  
ALA CB  HB3  sing N N 11  
ALA OXT HXT  sing N N 12  
ARG N   CA   sing N N 13  
ARG N   H    sing N N 14  
ARG N   H2   sing N N 15  
ARG CA  C    sing N N 16  
ARG CA  CB   sing N N 17  
ARG CA  HA   sing N N 18  
ARG C   O    doub N N 19  
ARG C   OXT  sing N N 20  
ARG CB  CG   sing N N 21  
ARG CB  HB2  sing N N 22  
ARG CB  HB3  sing N N 23  
ARG CG  CD   sing N N 24  
ARG CG  HG2  sing N N 25  
ARG CG  HG3  sing N N 26  
ARG CD  NE   sing N N 27  
ARG CD  HD2  sing N N 28  
ARG CD  HD3  sing N N 29  
ARG NE  CZ   sing N N 30  
ARG NE  HE   sing N N 31  
ARG CZ  NH1  sing N N 32  
ARG CZ  NH2  doub N N 33  
ARG NH1 HH11 sing N N 34  
ARG NH1 HH12 sing N N 35  
ARG NH2 HH21 sing N N 36  
ARG NH2 HH22 sing N N 37  
ARG OXT HXT  sing N N 38  
ASN N   CA   sing N N 39  
ASN N   H    sing N N 40  
ASN N   H2   sing N N 41  
ASN CA  C    sing N N 42  
ASN CA  CB   sing N N 43  
ASN CA  HA   sing N N 44  
ASN C   O    doub N N 45  
ASN C   OXT  sing N N 46  
ASN CB  CG   sing N N 47  
ASN CB  HB2  sing N N 48  
ASN CB  HB3  sing N N 49  
ASN CG  OD1  doub N N 50  
ASN CG  ND2  sing N N 51  
ASN ND2 HD21 sing N N 52  
ASN ND2 HD22 sing N N 53  
ASN OXT HXT  sing N N 54  
ASP N   CA   sing N N 55  
ASP N   H    sing N N 56  
ASP N   H2   sing N N 57  
ASP CA  C    sing N N 58  
ASP CA  CB   sing N N 59  
ASP CA  HA   sing N N 60  
ASP C   O    doub N N 61  
ASP C   OXT  sing N N 62  
ASP CB  CG   sing N N 63  
ASP CB  HB2  sing N N 64  
ASP CB  HB3  sing N N 65  
ASP CG  OD1  doub N N 66  
ASP CG  OD2  sing N N 67  
ASP OD2 HD2  sing N N 68  
ASP OXT HXT  sing N N 69  
CYS N   CA   sing N N 70  
CYS N   H    sing N N 71  
CYS N   H2   sing N N 72  
CYS CA  C    sing N N 73  
CYS CA  CB   sing N N 74  
CYS CA  HA   sing N N 75  
CYS C   O    doub N N 76  
CYS C   OXT  sing N N 77  
CYS CB  SG   sing N N 78  
CYS CB  HB2  sing N N 79  
CYS CB  HB3  sing N N 80  
CYS SG  HG   sing N N 81  
CYS OXT HXT  sing N N 82  
EDO C1  O1   sing N N 83  
EDO C1  C2   sing N N 84  
EDO C1  H11  sing N N 85  
EDO C1  H12  sing N N 86  
EDO O1  HO1  sing N N 87  
EDO C2  O2   sing N N 88  
EDO C2  H21  sing N N 89  
EDO C2  H22  sing N N 90  
EDO O2  HO2  sing N N 91  
GLN N   CA   sing N N 92  
GLN N   H    sing N N 93  
GLN N   H2   sing N N 94  
GLN CA  C    sing N N 95  
GLN CA  CB   sing N N 96  
GLN CA  HA   sing N N 97  
GLN C   O    doub N N 98  
GLN C   OXT  sing N N 99  
GLN CB  CG   sing N N 100 
GLN CB  HB2  sing N N 101 
GLN CB  HB3  sing N N 102 
GLN CG  CD   sing N N 103 
GLN CG  HG2  sing N N 104 
GLN CG  HG3  sing N N 105 
GLN CD  OE1  doub N N 106 
GLN CD  NE2  sing N N 107 
GLN NE2 HE21 sing N N 108 
GLN NE2 HE22 sing N N 109 
GLN OXT HXT  sing N N 110 
GLU N   CA   sing N N 111 
GLU N   H    sing N N 112 
GLU N   H2   sing N N 113 
GLU CA  C    sing N N 114 
GLU CA  CB   sing N N 115 
GLU CA  HA   sing N N 116 
GLU C   O    doub N N 117 
GLU C   OXT  sing N N 118 
GLU CB  CG   sing N N 119 
GLU CB  HB2  sing N N 120 
GLU CB  HB3  sing N N 121 
GLU CG  CD   sing N N 122 
GLU CG  HG2  sing N N 123 
GLU CG  HG3  sing N N 124 
GLU CD  OE1  doub N N 125 
GLU CD  OE2  sing N N 126 
GLU OE2 HE2  sing N N 127 
GLU OXT HXT  sing N N 128 
GLY N   CA   sing N N 129 
GLY N   H    sing N N 130 
GLY N   H2   sing N N 131 
GLY CA  C    sing N N 132 
GLY CA  HA2  sing N N 133 
GLY CA  HA3  sing N N 134 
GLY C   O    doub N N 135 
GLY C   OXT  sing N N 136 
GLY OXT HXT  sing N N 137 
HIS N   CA   sing N N 138 
HIS N   H    sing N N 139 
HIS N   H2   sing N N 140 
HIS CA  C    sing N N 141 
HIS CA  CB   sing N N 142 
HIS CA  HA   sing N N 143 
HIS C   O    doub N N 144 
HIS C   OXT  sing N N 145 
HIS CB  CG   sing N N 146 
HIS CB  HB2  sing N N 147 
HIS CB  HB3  sing N N 148 
HIS CG  ND1  sing Y N 149 
HIS CG  CD2  doub Y N 150 
HIS ND1 CE1  doub Y N 151 
HIS ND1 HD1  sing N N 152 
HIS CD2 NE2  sing Y N 153 
HIS CD2 HD2  sing N N 154 
HIS CE1 NE2  sing Y N 155 
HIS CE1 HE1  sing N N 156 
HIS NE2 HE2  sing N N 157 
HIS OXT HXT  sing N N 158 
HOH O   H1   sing N N 159 
HOH O   H2   sing N N 160 
ILE N   CA   sing N N 161 
ILE N   H    sing N N 162 
ILE N   H2   sing N N 163 
ILE CA  C    sing N N 164 
ILE CA  CB   sing N N 165 
ILE CA  HA   sing N N 166 
ILE C   O    doub N N 167 
ILE C   OXT  sing N N 168 
ILE CB  CG1  sing N N 169 
ILE CB  CG2  sing N N 170 
ILE CB  HB   sing N N 171 
ILE CG1 CD1  sing N N 172 
ILE CG1 HG12 sing N N 173 
ILE CG1 HG13 sing N N 174 
ILE CG2 HG21 sing N N 175 
ILE CG2 HG22 sing N N 176 
ILE CG2 HG23 sing N N 177 
ILE CD1 HD11 sing N N 178 
ILE CD1 HD12 sing N N 179 
ILE CD1 HD13 sing N N 180 
ILE OXT HXT  sing N N 181 
LEU N   CA   sing N N 182 
LEU N   H    sing N N 183 
LEU N   H2   sing N N 184 
LEU CA  C    sing N N 185 
LEU CA  CB   sing N N 186 
LEU CA  HA   sing N N 187 
LEU C   O    doub N N 188 
LEU C   OXT  sing N N 189 
LEU CB  CG   sing N N 190 
LEU CB  HB2  sing N N 191 
LEU CB  HB3  sing N N 192 
LEU CG  CD1  sing N N 193 
LEU CG  CD2  sing N N 194 
LEU CG  HG   sing N N 195 
LEU CD1 HD11 sing N N 196 
LEU CD1 HD12 sing N N 197 
LEU CD1 HD13 sing N N 198 
LEU CD2 HD21 sing N N 199 
LEU CD2 HD22 sing N N 200 
LEU CD2 HD23 sing N N 201 
LEU OXT HXT  sing N N 202 
LYS N   CA   sing N N 203 
LYS N   H    sing N N 204 
LYS N   H2   sing N N 205 
LYS CA  C    sing N N 206 
LYS CA  CB   sing N N 207 
LYS CA  HA   sing N N 208 
LYS C   O    doub N N 209 
LYS C   OXT  sing N N 210 
LYS CB  CG   sing N N 211 
LYS CB  HB2  sing N N 212 
LYS CB  HB3  sing N N 213 
LYS CG  CD   sing N N 214 
LYS CG  HG2  sing N N 215 
LYS CG  HG3  sing N N 216 
LYS CD  CE   sing N N 217 
LYS CD  HD2  sing N N 218 
LYS CD  HD3  sing N N 219 
LYS CE  NZ   sing N N 220 
LYS CE  HE2  sing N N 221 
LYS CE  HE3  sing N N 222 
LYS NZ  HZ1  sing N N 223 
LYS NZ  HZ2  sing N N 224 
LYS NZ  HZ3  sing N N 225 
LYS OXT HXT  sing N N 226 
MET N   CA   sing N N 227 
MET N   H    sing N N 228 
MET N   H2   sing N N 229 
MET CA  C    sing N N 230 
MET CA  CB   sing N N 231 
MET CA  HA   sing N N 232 
MET C   O    doub N N 233 
MET C   OXT  sing N N 234 
MET CB  CG   sing N N 235 
MET CB  HB2  sing N N 236 
MET CB  HB3  sing N N 237 
MET CG  SD   sing N N 238 
MET CG  HG2  sing N N 239 
MET CG  HG3  sing N N 240 
MET SD  CE   sing N N 241 
MET CE  HE1  sing N N 242 
MET CE  HE2  sing N N 243 
MET CE  HE3  sing N N 244 
MET OXT HXT  sing N N 245 
PHE N   CA   sing N N 246 
PHE N   H    sing N N 247 
PHE N   H2   sing N N 248 
PHE CA  C    sing N N 249 
PHE CA  CB   sing N N 250 
PHE CA  HA   sing N N 251 
PHE C   O    doub N N 252 
PHE C   OXT  sing N N 253 
PHE CB  CG   sing N N 254 
PHE CB  HB2  sing N N 255 
PHE CB  HB3  sing N N 256 
PHE CG  CD1  doub Y N 257 
PHE CG  CD2  sing Y N 258 
PHE CD1 CE1  sing Y N 259 
PHE CD1 HD1  sing N N 260 
PHE CD2 CE2  doub Y N 261 
PHE CD2 HD2  sing N N 262 
PHE CE1 CZ   doub Y N 263 
PHE CE1 HE1  sing N N 264 
PHE CE2 CZ   sing Y N 265 
PHE CE2 HE2  sing N N 266 
PHE CZ  HZ   sing N N 267 
PHE OXT HXT  sing N N 268 
PRO N   CA   sing N N 269 
PRO N   CD   sing N N 270 
PRO N   H    sing N N 271 
PRO CA  C    sing N N 272 
PRO CA  CB   sing N N 273 
PRO CA  HA   sing N N 274 
PRO C   O    doub N N 275 
PRO C   OXT  sing N N 276 
PRO CB  CG   sing N N 277 
PRO CB  HB2  sing N N 278 
PRO CB  HB3  sing N N 279 
PRO CG  CD   sing N N 280 
PRO CG  HG2  sing N N 281 
PRO CG  HG3  sing N N 282 
PRO CD  HD2  sing N N 283 
PRO CD  HD3  sing N N 284 
PRO OXT HXT  sing N N 285 
RK1 C01 C02  sing N N 286 
RK1 C02 N03  sing N N 287 
RK1 C05 C04  sing N N 288 
RK1 C05 N06  sing N N 289 
RK1 C04 N03  sing N N 290 
RK1 N03 C09  sing N N 291 
RK1 N06 C07  doub N N 292 
RK1 C11 C10  sing N N 293 
RK1 C09 C08  sing N N 294 
RK1 C09 C10  sing N N 295 
RK1 C09 C12  sing N N 296 
RK1 C08 C07  sing N N 297 
RK1 N14 C12  sing N N 298 
RK1 N14 C15  sing N N 299 
RK1 C12 O13  doub N N 300 
RK1 C18 C19  doub Y N 301 
RK1 C18 C17  sing Y N 302 
RK1 C19 C20  sing Y N 303 
RK1 C17 C16  doub Y N 304 
RK1 C20 C21  doub Y N 305 
RK1 C16 C21  sing Y N 306 
RK1 C16 C15  sing N N 307 
RK1 C10 H1   sing N N 308 
RK1 C10 H2   sing N N 309 
RK1 C15 H3   sing N N 310 
RK1 C15 H4   sing N N 311 
RK1 C17 H5   sing N N 312 
RK1 C20 H6   sing N N 313 
RK1 C21 H7   sing N N 314 
RK1 C01 H8   sing N N 315 
RK1 C01 H9   sing N N 316 
RK1 C01 H10  sing N N 317 
RK1 C02 H11  sing N N 318 
RK1 C02 H12  sing N N 319 
RK1 C04 H13  sing N N 320 
RK1 C04 H14  sing N N 321 
RK1 C05 H15  sing N N 322 
RK1 C05 H16  sing N N 323 
RK1 C07 H17  sing N N 324 
RK1 C08 H18  sing N N 325 
RK1 C08 H19  sing N N 326 
RK1 C11 H20  sing N N 327 
RK1 C11 H21  sing N N 328 
RK1 C11 H22  sing N N 329 
RK1 C18 H23  sing N N 330 
RK1 C19 H24  sing N N 331 
RK1 N14 H26  sing N N 332 
SER N   CA   sing N N 333 
SER N   H    sing N N 334 
SER N   H2   sing N N 335 
SER CA  C    sing N N 336 
SER CA  CB   sing N N 337 
SER CA  HA   sing N N 338 
SER C   O    doub N N 339 
SER C   OXT  sing N N 340 
SER CB  OG   sing N N 341 
SER CB  HB2  sing N N 342 
SER CB  HB3  sing N N 343 
SER OG  HG   sing N N 344 
SER OXT HXT  sing N N 345 
SO4 S   O1   doub N N 346 
SO4 S   O2   doub N N 347 
SO4 S   O3   sing N N 348 
SO4 S   O4   sing N N 349 
THR N   CA   sing N N 350 
THR N   H    sing N N 351 
THR N   H2   sing N N 352 
THR CA  C    sing N N 353 
THR CA  CB   sing N N 354 
THR CA  HA   sing N N 355 
THR C   O    doub N N 356 
THR C   OXT  sing N N 357 
THR CB  OG1  sing N N 358 
THR CB  CG2  sing N N 359 
THR CB  HB   sing N N 360 
THR OG1 HG1  sing N N 361 
THR CG2 HG21 sing N N 362 
THR CG2 HG22 sing N N 363 
THR CG2 HG23 sing N N 364 
THR OXT HXT  sing N N 365 
TYR N   CA   sing N N 366 
TYR N   H    sing N N 367 
TYR N   H2   sing N N 368 
TYR CA  C    sing N N 369 
TYR CA  CB   sing N N 370 
TYR CA  HA   sing N N 371 
TYR C   O    doub N N 372 
TYR C   OXT  sing N N 373 
TYR CB  CG   sing N N 374 
TYR CB  HB2  sing N N 375 
TYR CB  HB3  sing N N 376 
TYR CG  CD1  doub Y N 377 
TYR CG  CD2  sing Y N 378 
TYR CD1 CE1  sing Y N 379 
TYR CD1 HD1  sing N N 380 
TYR CD2 CE2  doub Y N 381 
TYR CD2 HD2  sing N N 382 
TYR CE1 CZ   doub Y N 383 
TYR CE1 HE1  sing N N 384 
TYR CE2 CZ   sing Y N 385 
TYR CE2 HE2  sing N N 386 
TYR CZ  OH   sing N N 387 
TYR OH  HH   sing N N 388 
TYR OXT HXT  sing N N 389 
VAL N   CA   sing N N 390 
VAL N   H    sing N N 391 
VAL N   H2   sing N N 392 
VAL CA  C    sing N N 393 
VAL CA  CB   sing N N 394 
VAL CA  HA   sing N N 395 
VAL C   O    doub N N 396 
VAL C   OXT  sing N N 397 
VAL CB  CG1  sing N N 398 
VAL CB  CG2  sing N N 399 
VAL CB  HB   sing N N 400 
VAL CG1 HG11 sing N N 401 
VAL CG1 HG12 sing N N 402 
VAL CG1 HG13 sing N N 403 
VAL CG2 HG21 sing N N 404 
VAL CG2 HG22 sing N N 405 
VAL CG2 HG23 sing N N 406 
VAL OXT HXT  sing N N 407 
# 
_pdbx_deposit_group.group_id            G_1002118 
_pdbx_deposit_group.group_description   
;Bromodomain of human ATAD2 screened against the Leeds 3D Fragment Library by X-ray Crystallography at the XChem
facility of Diamond Light Source beamline I04-1
;
_pdbx_deposit_group.group_title         'PanDDA analysis group deposition - Bromodomain of human ATAD2 fragment screening' 
_pdbx_deposit_group.group_type          'changed state' 
# 
_pdbx_entity_instance_feature.ordinal        1 
_pdbx_entity_instance_feature.comp_id        RK1 
_pdbx_entity_instance_feature.asym_id        ? 
_pdbx_entity_instance_feature.seq_num        ? 
_pdbx_entity_instance_feature.auth_comp_id   RK1 
_pdbx_entity_instance_feature.auth_asym_id   ? 
_pdbx_entity_instance_feature.auth_seq_num   ? 
_pdbx_entity_instance_feature.feature_type   'SUBJECT OF INVESTIGATION' 
_pdbx_entity_instance_feature.details        ? 
# 
_atom_sites.entry_id                    5QXX 
_atom_sites.fract_transf_matrix[1][1]   0.01245568 
_atom_sites.fract_transf_matrix[1][2]   -0.00630979 
_atom_sites.fract_transf_matrix[1][3]   -0.00349508 
_atom_sites.fract_transf_matrix[2][1]   0.01168924 
_atom_sites.fract_transf_matrix[2][2]   0.00802693 
_atom_sites.fract_transf_matrix[2][3]   -0.00247331 
_atom_sites.fract_transf_matrix[3][1]   0.00174696 
_atom_sites.fract_transf_matrix[3][2]   -0.00040205 
_atom_sites.fract_transf_matrix[3][3]   0.00695159 
_atom_sites.fract_transf_vector[1]      0.449463 
_atom_sites.fract_transf_vector[2]      0.600735 
_atom_sites.fract_transf_vector[3]      -0.026256 
# 
loop_
_atom_type.symbol 
C 
N 
O 
S 
# 
loop_
_atom_site.group_PDB 
_atom_site.id 
_atom_site.type_symbol 
_atom_site.label_atom_id 
_atom_site.label_alt_id 
_atom_site.label_comp_id 
_atom_site.label_asym_id 
_atom_site.label_entity_id 
_atom_site.label_seq_id 
_atom_site.pdbx_PDB_ins_code 
_atom_site.Cartn_x 
_atom_site.Cartn_y 
_atom_site.Cartn_z 
_atom_site.occupancy 
_atom_site.B_iso_or_equiv 
_atom_site.pdbx_formal_charge 
_atom_site.auth_seq_id 
_atom_site.auth_comp_id 
_atom_site.auth_asym_id 
_atom_site.auth_atom_id 
_atom_site.pdbx_PDB_model_num 
ATOM   1    N N   . SER A 1 1   ? -7.789  23.112  10.670  1.00 32.06  ? 979  SER A N   1 
ATOM   2    C CA  . SER A 1 1   ? -7.495  23.420  12.077  1.00 36.64  ? 979  SER A CA  1 
ATOM   3    C C   . SER A 1 1   ? -6.249  22.631  12.514  1.00 43.91  ? 979  SER A C   1 
ATOM   4    O O   . SER A 1 1   ? -5.820  21.699  11.771  1.00 33.44  ? 979  SER A O   1 
ATOM   5    C CB  . SER A 1 1   ? -8.666  23.099  12.960  1.00 40.78  ? 979  SER A CB  1 
ATOM   6    O OG  . SER A 1 1   ? -8.922  21.687  12.990  1.00 35.82  ? 979  SER A OG  1 
ATOM   7    N N   . MET A 1 2   ? -5.685  23.000  13.660  1.00 44.25  ? 980  MET A N   1 
ATOM   8    C CA  . MET A 1 2   ? -4.540  22.282  14.273  1.00 47.82  ? 980  MET A CA  1 
ATOM   9    C C   . MET A 1 2   ? -5.001  20.861  14.604  1.00 38.97  ? 980  MET A C   1 
ATOM   10   O O   . MET A 1 2   ? -4.219  19.931  14.424  1.00 34.22  ? 980  MET A O   1 
ATOM   11   C CB  . MET A 1 2   ? -4.075  22.967  15.566  1.00 57.66  ? 980  MET A CB  1 
ATOM   12   C CG  . MET A 1 2   ? -3.004  22.186  16.341  1.00 69.29  ? 980  MET A CG  1 
ATOM   13   S SD  . MET A 1 2   ? -1.321  22.400  15.672  1.00 94.26  ? 980  MET A SD  1 
ATOM   14   C CE  . MET A 1 2   ? -1.330  21.379  14.196  1.00 82.71  ? 980  MET A CE  1 
ATOM   15   N N   . GLN A 1 3   ? -6.208  20.720  15.129  1.00 33.33  ? 981  GLN A N   1 
ATOM   16   C CA  . GLN A 1 3   ? -6.795  19.426  15.541  1.00 36.78  ? 981  GLN A CA  1 
ATOM   17   C C   . GLN A 1 3   ? -6.844  18.518  14.298  1.00 28.05  ? 981  GLN A C   1 
ATOM   18   O O   . GLN A 1 3   ? -6.551  17.308  14.427  1.00 26.52  ? 981  GLN A O   1 
ATOM   19   C CB  . GLN A 1 3   ? -8.160  19.635  16.202  1.00 45.28  ? 981  GLN A CB  1 
ATOM   20   C CG  . GLN A 1 3   ? -8.149  20.730  17.283  1.00 61.69  ? 981  GLN A CG  1 
ATOM   21   C CD  . GLN A 1 3   ? -8.506  22.116  16.769  1.00 70.76  ? 981  GLN A CD  1 
ATOM   22   O OE1 . GLN A 1 3   ? -7.647  22.963  16.456  1.00 65.38  ? 981  GLN A OE1 1 
ATOM   23   N NE2 . GLN A 1 3   ? -9.805  22.358  16.649  1.00 75.45  ? 981  GLN A NE2 1 
ATOM   24   N N   . GLU A 1 4   ? -7.251  19.042  13.152  1.00 23.43  ? 982  GLU A N   1 
ATOM   25   C CA  . GLU A 1 4   ? -7.310  18.269  11.882  1.00 21.56  ? 982  GLU A CA  1 
ATOM   26   C C   . GLU A 1 4   ? -5.877  17.900  11.467  1.00 19.67  ? 982  GLU A C   1 
ATOM   27   O O   . GLU A 1 4   ? -5.664  16.734  10.986  1.00 17.97  ? 982  GLU A O   1 
ATOM   28   C CB  . GLU A 1 4   ? -8.064  19.026  10.781  1.00 21.87  ? 982  GLU A CB  1 
ATOM   29   C CG  . GLU A 1 4   ? -9.576  19.063  11.063  1.00 24.92  ? 982  GLU A CG  1 
ATOM   30   C CD  . GLU A 1 4   ? -10.362 19.990  10.146  1.00 28.49  ? 982  GLU A CD  1 
ATOM   31   O OE1 . GLU A 1 4   ? -9.686  20.810  9.456   1.00 30.32  ? 982  GLU A OE1 1 
ATOM   32   O OE2 . GLU A 1 4   ? -11.631 19.803  10.018  1.00 25.46  ? 982  GLU A OE2 1 
ATOM   33   N N   . GLU A 1 5   ? -4.892  18.795  11.566  1.00 20.28  ? 983  GLU A N   1 
ATOM   34   C CA  . GLU A 1 5   ? -3.502  18.428  11.202  1.00 21.90  ? 983  GLU A CA  1 
ATOM   35   C C   . GLU A 1 5   ? -2.987  17.325  12.169  1.00 19.86  ? 983  GLU A C   1 
ATOM   36   O O   . GLU A 1 5   ? -2.266  16.446  11.648  1.00 19.63  ? 983  GLU A O   1 
ATOM   37   C CB  . GLU A 1 5   ? -2.556  19.653  11.164  1.00 29.28  ? 983  GLU A CB  1 
ATOM   38   C CG  . GLU A 1 5   ? -2.928  20.629  10.031  1.00 34.61  ? 983  GLU A CG  1 
ATOM   39   C CD  . GLU A 1 5   ? -3.145  20.002  8.649   1.00 46.11  ? 983  GLU A CD  1 
ATOM   40   O OE1 . GLU A 1 5   ? -2.201  19.318  8.190   1.00 58.10  ? 983  GLU A OE1 1 
ATOM   41   O OE2 . GLU A 1 5   ? -4.284  20.136  8.026   1.00 52.63  ? 983  GLU A OE2 1 
ATOM   42   N N   . ASP A 1 6   ? -3.362  17.339  13.437  1.00 19.45  ? 984  ASP A N   1 
ATOM   43   C CA  . ASP A 1 6   ? -2.986  16.272  14.399  1.00 20.38  ? 984  ASP A CA  1 
ATOM   44   C C   . ASP A 1 6   ? -3.614  14.933  13.925  1.00 18.89  ? 984  ASP A C   1 
ATOM   45   O O   . ASP A 1 6   ? -2.940  13.853  14.063  1.00 17.36  ? 984  ASP A O   1 
ATOM   46   C CB  . ASP A 1 6   ? -3.336  16.637  15.839  1.00 25.21  ? 984  ASP A CB  1 
ATOM   47   C CG  . ASP A 1 6   ? -2.424  17.708  16.483  1.00 23.95  ? 984  ASP A CG  1 
ATOM   48   O OD1 . ASP A 1 6   ? -1.411  18.139  15.850  1.00 31.81  ? 984  ASP A OD1 1 
ATOM   49   O OD2 . ASP A 1 6   ? -2.810  18.139  17.505  1.00 38.17  ? 984  ASP A OD2 1 
ATOM   50   N N   . THR A 1 7   ? -4.852  14.936  13.446  1.00 16.51  ? 985  THR A N   1 
ATOM   51   C CA  . THR A 1 7   ? -5.546  13.709  12.970  1.00 14.31  ? 985  THR A CA  1 
ATOM   52   C C   . THR A 1 7   ? -4.712  13.117  11.810  1.00 14.91  ? 985  THR A C   1 
ATOM   53   O O   . THR A 1 7   ? -4.394  11.889  11.815  1.00 13.94  ? 985  THR A O   1 
ATOM   54   C CB  . THR A 1 7   ? -6.996  13.940  12.522  1.00 15.08  ? 985  THR A CB  1 
ATOM   55   O OG1 . THR A 1 7   ? -7.737  14.460  13.663  1.00 18.42  ? 985  THR A OG1 1 
ATOM   56   C CG2 . THR A 1 7   ? -7.696  12.717  11.981  1.00 15.82  ? 985  THR A CG2 1 
ATOM   57   N N   . PHE A 1 8   ? -4.350  13.926  10.804  1.00 15.80  ? 986  PHE A N   1 
ATOM   58   C CA  . PHE A 1 8   ? -3.568  13.424  9.662   1.00 15.05  ? 986  PHE A CA  1 
ATOM   59   C C   . PHE A 1 8   ? -2.162  12.945  10.087  1.00 15.00  ? 986  PHE A C   1 
ATOM   60   O O   . PHE A 1 8   ? -1.659  11.977  9.484   1.00 15.32  ? 986  PHE A O   1 
ATOM   61   C CB  . PHE A 1 8   ? -3.522  14.391  8.470   1.00 16.03  ? 986  PHE A CB  1 
ATOM   62   C CG  . PHE A 1 8   ? -4.856  14.642  7.813   1.00 17.20  ? 986  PHE A CG  1 
ATOM   63   C CD1 . PHE A 1 8   ? -5.689  13.625  7.384   1.00 17.28  ? 986  PHE A CD1 1 
ATOM   64   C CD2 . PHE A 1 8   ? -5.288  15.933  7.557   1.00 18.90  ? 986  PHE A CD2 1 
ATOM   65   C CE1 . PHE A 1 8   ? -6.920  13.820  6.788   1.00 19.78  ? 986  PHE A CE1 1 
ATOM   66   C CE2 . PHE A 1 8   ? -6.497  16.140  6.899   1.00 20.10  ? 986  PHE A CE2 1 
ATOM   67   C CZ  . PHE A 1 8   ? -7.319  15.111  6.537   1.00 20.56  ? 986  PHE A CZ  1 
ATOM   68   N N   A ARG A 1 9   ? -1.542  13.575  11.089  0.23 15.03  ? 987  ARG A N   1 
ATOM   69   N N   B ARG A 1 9   ? -1.547  13.620  11.057  0.23 14.89  ? 987  ARG A N   1 
ATOM   70   N N   C ARG A 1 9   ? -1.529  13.561  11.091  0.04 13.77  ? 987  ARG A N   1 
ATOM   71   C CA  A ARG A 1 9   ? -0.211  13.139  11.595  0.23 15.89  ? 987  ARG A CA  1 
ATOM   72   C CA  B ARG A 1 9   ? -0.251  13.163  11.608  0.23 15.70  ? 987  ARG A CA  1 
ATOM   73   C CA  C ARG A 1 9   ? -0.187  13.099  11.552  0.04 13.14  ? 987  ARG A CA  1 
ATOM   74   C C   A ARG A 1 9   ? -0.319  11.765  12.283  0.23 14.65  ? 987  ARG A C   1 
ATOM   75   C C   B ARG A 1 9   ? -0.412  11.733  12.138  0.23 14.68  ? 987  ARG A C   1 
ATOM   76   C C   C ARG A 1 9   ? -0.320  11.747  12.264  0.04 13.24  ? 987  ARG A C   1 
ATOM   77   O O   A ARG A 1 9   ? 0.625   10.946  12.172  0.23 13.19  ? 987  ARG A O   1 
ATOM   78   O O   B ARG A 1 9   ? 0.372   10.862  11.713  0.23 13.41  ? 987  ARG A O   1 
ATOM   79   O O   C ARG A 1 9   ? 0.619   10.934  12.145  0.04 13.09  ? 987  ARG A O   1 
ATOM   80   C CB  A ARG A 1 9   ? 0.384   14.205  12.514  0.23 18.48  ? 987  ARG A CB  1 
ATOM   81   C CB  B ARG A 1 9   ? 0.267   14.088  12.704  0.23 18.22  ? 987  ARG A CB  1 
ATOM   82   C CB  C ARG A 1 9   ? 0.519   14.115  12.453  0.04 12.49  ? 987  ARG A CB  1 
ATOM   83   C CG  A ARG A 1 9   ? 1.895   14.125  12.634  0.23 20.51  ? 987  ARG A CG  1 
ATOM   84   C CG  B ARG A 1 9   ? 1.700   13.763  13.078  0.23 19.89  ? 987  ARG A CG  1 
ATOM   85   C CG  C ARG A 1 9   ? 1.982   13.778  12.705  0.04 11.87  ? 987  ARG A CG  1 
ATOM   86   C CD  A ARG A 1 9   ? 2.483   15.314  13.380  0.23 21.71  ? 987  ARG A CD  1 
ATOM   87   C CD  B ARG A 1 9   ? 2.390   14.902  13.795  0.23 21.10  ? 987  ARG A CD  1 
ATOM   88   C CD  C ARG A 1 9   ? 2.776   15.042  12.952  0.04 11.25  ? 987  ARG A CD  1 
ATOM   89   N NE  A ARG A 1 9   ? 2.076   16.601  12.836  0.23 24.99  ? 987  ARG A NE  1 
ATOM   90   N NE  B ARG A 1 9   ? 3.725   14.474  14.164  0.23 23.54  ? 987  ARG A NE  1 
ATOM   91   N NE  C ARG A 1 9   ? 4.174   14.957  13.361  0.04 10.75  ? 987  ARG A NE  1 
ATOM   92   C CZ  A ARG A 1 9   ? 1.253   17.469  13.439  0.23 24.19  ? 987  ARG A CZ  1 
ATOM   93   C CZ  B ARG A 1 9   ? 4.073   13.947  15.338  0.23 19.89  ? 987  ARG A CZ  1 
ATOM   94   C CZ  C ARG A 1 9   ? 4.791   13.954  13.983  0.04 10.35  ? 987  ARG A CZ  1 
ATOM   95   N NH1 A ARG A 1 9   ? 0.741   17.204  14.623  0.23 23.24  ? 987  ARG A NH1 1 
ATOM   96   N NH1 B ARG A 1 9   ? 5.338   13.602  15.485  0.23 25.18  ? 987  ARG A NH1 1 
ATOM   97   N NH1 C ARG A 1 9   ? 6.064   14.113  14.297  0.04 10.08  ? 987  ARG A NH1 1 
ATOM   98   N NH2 A ARG A 1 9   ? 0.944   18.597  12.839  0.23 24.25  ? 987  ARG A NH2 1 
ATOM   99   N NH2 B ARG A 1 9   ? 3.195   13.715  16.317  0.23 18.31  ? 987  ARG A NH2 1 
ATOM   100  N NH2 C ARG A 1 9   ? 4.193   12.802  14.243  0.04 9.99   ? 987  ARG A NH2 1 
ATOM   101  N N   . GLU A 1 10  ? -1.425  11.515  12.982  1.00 13.64  ? 988  GLU A N   1 
ATOM   102  C CA  . GLU A 1 10  ? -1.686  10.179  13.605  1.00 12.46  ? 988  GLU A CA  1 
ATOM   103  C C   . GLU A 1 10  ? -1.906  9.180   12.450  1.00 12.09  ? 988  GLU A C   1 
ATOM   104  O O   . GLU A 1 10  ? -1.361  8.022   12.550  1.00 12.35  ? 988  GLU A O   1 
ATOM   105  C CB  . GLU A 1 10  ? -2.866  10.203  14.579  1.00 12.61  ? 988  GLU A CB  1 
ATOM   106  C CG  . GLU A 1 10  ? -3.175  8.829   15.136  1.00 13.85  ? 988  GLU A CG  1 
ATOM   107  C CD  . GLU A 1 10  ? -3.971  8.731   16.419  1.00 16.60  ? 988  GLU A CD  1 
ATOM   108  O OE1 . GLU A 1 10  ? -4.324  7.576   16.834  1.00 16.75  ? 988  GLU A OE1 1 
ATOM   109  O OE2 . GLU A 1 10  ? -4.260  9.837   16.994  1.00 17.79  ? 988  GLU A OE2 1 
ATOM   110  N N   . LEU A 1 11  ? -2.663  9.534   11.413  1.00 12.11  ? 989  LEU A N   1 
ATOM   111  C CA  . LEU A 1 11  ? -2.849  8.595   10.266  1.00 11.74  ? 989  LEU A CA  1 
ATOM   112  C C   . LEU A 1 11  ? -1.488  8.225   9.664   1.00 12.26  ? 989  LEU A C   1 
ATOM   113  O O   . LEU A 1 11  ? -1.204  7.017   9.431   1.00 12.66  ? 989  LEU A O   1 
ATOM   114  C CB  . LEU A 1 11  ? -3.743  9.242   9.198   1.00 13.00  ? 989  LEU A CB  1 
ATOM   115  C CG  . LEU A 1 11  ? -3.855  8.459   7.895   1.00 13.99  ? 989  LEU A CG  1 
ATOM   116  C CD1 . LEU A 1 11  ? -4.582  7.157   8.106   1.00 16.12  ? 989  LEU A CD1 1 
ATOM   117  C CD2 . LEU A 1 11  ? -4.521  9.327   6.808   1.00 18.39  ? 989  LEU A CD2 1 
ATOM   118  N N   . ARG A 1 12  ? -0.600  9.204   9.445   1.00 12.19  ? 990  ARG A N   1 
ATOM   119  C CA  . ARG A 1 12  ? 0.737   8.888   8.850   1.00 11.94  ? 990  ARG A CA  1 
ATOM   120  C C   . ARG A 1 12  ? 1.557   7.954   9.771   1.00 11.76  ? 990  ARG A C   1 
ATOM   121  O O   . ARG A 1 12  ? 2.246   7.020   9.218   1.00 11.84  ? 990  ARG A O   1 
ATOM   122  C CB  . ARG A 1 12  ? 1.513   10.174  8.502   1.00 12.14  ? 990  ARG A CB  1 
ATOM   123  C CG  . ARG A 1 12  ? 0.857   10.991  7.410   1.00 13.01  ? 990  ARG A CG  1 
ATOM   124  C CD  . ARG A 1 12  ? 1.710   12.180  6.928   1.00 13.90  ? 990  ARG A CD  1 
ATOM   125  N NE  . ARG A 1 12  ? 2.047   13.157  7.950   1.00 14.87  ? 990  ARG A NE  1 
ATOM   126  C CZ  . ARG A 1 12  ? 1.306   14.249  8.211   1.00 15.44  ? 990  ARG A CZ  1 
ATOM   127  N NH1 . ARG A 1 12  ? 1.705   15.094  9.162   1.00 19.29  ? 990  ARG A NH1 1 
ATOM   128  N NH2 . ARG A 1 12  ? 0.199   14.469  7.587   1.00 16.53  ? 990  ARG A NH2 1 
ATOM   129  N N   . ILE A 1 13  ? 1.571   8.183   11.084  1.00 12.47  ? 991  ILE A N   1 
ATOM   130  C CA  . ILE A 1 13  ? 2.277   7.318   12.071  1.00 12.37  ? 991  ILE A CA  1 
ATOM   131  C C   . ILE A 1 13  ? 1.744   5.862   11.926  1.00 11.39  ? 991  ILE A C   1 
ATOM   132  O O   . ILE A 1 13  ? 2.559   4.904   11.789  1.00 12.38  ? 991  ILE A O   1 
ATOM   133  C CB  . ILE A 1 13  ? 2.177   7.879   13.490  1.00 15.27  ? 991  ILE A CB  1 
ATOM   134  C CG1 . ILE A 1 13  ? 2.950   9.206   13.548  1.00 19.88  ? 991  ILE A CG1 1 
ATOM   135  C CG2 . ILE A 1 13  ? 2.739   6.877   14.472  1.00 16.47  ? 991  ILE A CG2 1 
ATOM   136  C CD1 . ILE A 1 13  ? 2.604   10.044  14.745  1.00 22.54  ? 991  ILE A CD1 1 
ATOM   137  N N   . PHE A 1 14  ? 0.428   5.703   11.902  1.00 11.87  ? 992  PHE A N   1 
ATOM   138  C CA  . PHE A 1 14  ? -0.225  4.380   11.762  1.00 12.37  ? 992  PHE A CA  1 
ATOM   139  C C   . PHE A 1 14  ? 0.208   3.723   10.452  1.00 12.20  ? 992  PHE A C   1 
ATOM   140  O O   . PHE A 1 14  ? 0.615   2.530   10.450  1.00 12.54  ? 992  PHE A O   1 
ATOM   141  C CB  . PHE A 1 14  ? -1.748  4.533   11.864  1.00 12.77  ? 992  PHE A CB  1 
ATOM   142  C CG  . PHE A 1 14  ? -2.516  3.264   11.610  1.00 13.58  ? 992  PHE A CG  1 
ATOM   143  C CD1 . PHE A 1 14  ? -2.536  2.282   12.577  1.00 15.79  ? 992  PHE A CD1 1 
ATOM   144  C CD2 . PHE A 1 14  ? -3.219  3.111   10.438  1.00 15.23  ? 992  PHE A CD2 1 
ATOM   145  C CE1 . PHE A 1 14  ? -3.219  1.074   12.343  1.00 16.80  ? 992  PHE A CE1 1 
ATOM   146  C CE2 . PHE A 1 14  ? -3.893  1.911   10.205  1.00 17.74  ? 992  PHE A CE2 1 
ATOM   147  C CZ  . PHE A 1 14  ? -3.872  0.904   11.166  1.00 15.95  ? 992  PHE A CZ  1 
ATOM   148  N N   . LEU A 1 15  ? 0.123   4.455   9.336   1.00 11.20  ? 993  LEU A N   1 
ATOM   149  C CA  . LEU A 1 15  ? 0.457   3.861   8.012   1.00 11.40  ? 993  LEU A CA  1 
ATOM   150  C C   . LEU A 1 15  ? 1.928   3.512   7.912   1.00 11.83  ? 993  LEU A C   1 
ATOM   151  O O   . LEU A 1 15  ? 2.266   2.451   7.317   1.00 12.14  ? 993  LEU A O   1 
ATOM   152  C CB  . LEU A 1 15  ? 0.069   4.818   6.890   1.00 12.30  ? 993  LEU A CB  1 
ATOM   153  C CG  . LEU A 1 15  ? -1.432  5.104   6.740   1.00 13.17  ? 993  LEU A CG  1 
ATOM   154  C CD1 . LEU A 1 15  ? -1.683  6.110   5.585   1.00 14.50  ? 993  LEU A CD1 1 
ATOM   155  C CD2 . LEU A 1 15  ? -2.199  3.819   6.571   1.00 14.99  ? 993  LEU A CD2 1 
ATOM   156  N N   . ARG A 1 16  ? 2.845   4.305   8.462   1.00 11.75  ? 994  ARG A N   1 
ATOM   157  C CA  . ARG A 1 16  ? 4.278   3.951   8.426   1.00 11.68  ? 994  ARG A CA  1 
ATOM   158  C C   . ARG A 1 16  ? 4.528   2.649   9.197   1.00 13.33  ? 994  ARG A C   1 
ATOM   159  O O   . ARG A 1 16  ? 5.358   1.809   8.736   1.00 14.22  ? 994  ARG A O   1 
ATOM   160  C CB  . ARG A 1 16  ? 5.180   5.038   9.047   1.00 14.60  ? 994  ARG A CB  1 
ATOM   161  C CG  . ARG A 1 16  ? 5.218   6.380   8.343   1.00 15.41  ? 994  ARG A CG  1 
ATOM   162  C CD  . ARG A 1 16  ? 6.476   7.210   8.800   1.00 16.57  ? 994  ARG A CD  1 
ATOM   163  N NE  . ARG A 1 16  ? 6.229   8.561   8.355   1.00 17.38  ? 994  ARG A NE  1 
ATOM   164  C CZ  . ARG A 1 16  ? 5.495   9.470   8.902   1.00 19.53  ? 994  ARG A CZ  1 
ATOM   165  N NH1 . ARG A 1 16  ? 5.067   9.426   10.150  1.00 16.60  ? 994  ARG A NH1 1 
ATOM   166  N NH2 . ARG A 1 16  ? 5.305   10.581  8.202   1.00 23.42  ? 994  ARG A NH2 1 
ATOM   167  N N   . ASN A 1 17  ? 3.851   2.459   10.334  1.00 12.30  ? 995  ASN A N   1 
ATOM   168  C CA  . ASN A 1 17  ? 4.040   1.257   11.187  1.00 12.73  ? 995  ASN A CA  1 
ATOM   169  C C   . ASN A 1 17  ? 3.512   0.014   10.440  1.00 12.41  ? 995  ASN A C   1 
ATOM   170  O O   . ASN A 1 17  ? 4.289   -1.010  10.384  1.00 13.41  ? 995  ASN A O   1 
ATOM   171  C CB  . ASN A 1 17  ? 3.387   1.447   12.555  1.00 13.82  ? 995  ASN A CB  1 
ATOM   172  C CG  . ASN A 1 17  ? 3.517   0.177   13.361  1.00 17.17  ? 995  ASN A CG  1 
ATOM   173  O OD1 . ASN A 1 17  ? 2.583   -0.561  13.371  1.00 16.66  ? 995  ASN A OD1 1 
ATOM   174  N ND2 . ASN A 1 17  ? 4.657   -0.051  14.001  1.00 19.45  ? 995  ASN A ND2 1 
ATOM   175  N N   . VAL A 1 18  ? 2.336   0.082   9.837   1.00 12.00  ? 996  VAL A N   1 
ATOM   176  C CA  . VAL A 1 18  ? 1.802   -1.079  9.071   1.00 11.90  ? 996  VAL A CA  1 
ATOM   177  C C   . VAL A 1 18  ? 2.789   -1.401  7.942   1.00 12.47  ? 996  VAL A C   1 
ATOM   178  O O   . VAL A 1 18  ? 3.134   -2.560  7.698   1.00 11.69  ? 996  VAL A O   1 
ATOM   179  C CB  . VAL A 1 18  ? 0.406   -0.787  8.514   1.00 12.60  ? 996  VAL A CB  1 
ATOM   180  C CG1 . VAL A 1 18  ? -0.050  -1.924  7.589   1.00 13.22  ? 996  VAL A CG1 1 
ATOM   181  C CG2 . VAL A 1 18  ? -0.579  -0.560  9.655   1.00 14.39  ? 996  VAL A CG2 1 
ATOM   182  N N   . THR A 1 19  ? 3.229   -0.375  7.195   1.00 11.55  ? 997  THR A N   1 
ATOM   183  C CA  . THR A 1 19  ? 4.099   -0.567  5.999   1.00 11.85  ? 997  THR A CA  1 
ATOM   184  C C   . THR A 1 19  ? 5.438   -1.224  6.402   1.00 13.27  ? 997  THR A C   1 
ATOM   185  O O   . THR A 1 19  ? 5.907   -2.125  5.681   1.00 14.21  ? 997  THR A O   1 
ATOM   186  C CB  . THR A 1 19  ? 4.297   0.750   5.220   1.00 11.93  ? 997  THR A CB  1 
ATOM   187  O OG1 . THR A 1 19  ? 3.008   1.298   4.920   1.00 12.22  ? 997  THR A OG1 1 
ATOM   188  C CG2 . THR A 1 19  ? 5.010   0.560   3.905   1.00 14.05  ? 997  THR A CG2 1 
ATOM   189  N N   . HIS A 1 20  ? 6.059   -0.787  7.493   0.51 13.64  ? 998  HIS A N   1 
ATOM   190  C CA  . HIS A 1 20  ? 7.354   -1.369  7.944   0.51 14.64  ? 998  HIS A CA  1 
ATOM   191  C C   . HIS A 1 20  ? 7.149   -2.820  8.415   0.51 13.43  ? 998  HIS A C   1 
ATOM   192  O O   . HIS A 1 20  ? 8.066   -3.625  8.216   0.51 10.81  ? 998  HIS A O   1 
ATOM   193  C CB  . HIS A 1 20  ? 8.016   -0.449  8.977   0.51 17.17  ? 998  HIS A CB  1 
ATOM   194  C CG  . HIS A 1 20  ? 8.724   0.724   8.369   0.51 19.77  ? 998  HIS A CG  1 
ATOM   195  N ND1 . HIS A 1 20  ? 9.806   0.586   7.511   0.51 21.83  ? 998  HIS A ND1 1 
ATOM   196  C CD2 . HIS A 1 20  ? 8.535   2.055   8.511   0.51 21.99  ? 998  HIS A CD2 1 
ATOM   197  C CE1 . HIS A 1 20  ? 10.223  1.777   7.141   0.51 22.36  ? 998  HIS A CE1 1 
ATOM   198  N NE2 . HIS A 1 20  ? 9.467   2.696   7.739   0.51 21.12  ? 998  HIS A NE2 1 
ATOM   199  N N   . ARG A 1 21  ? 5.992   -3.159  8.996   1.00 13.25  ? 999  ARG A N   1 
ATOM   200  C CA  . ARG A 1 21  ? 5.712   -4.572  9.394   1.00 13.58  ? 999  ARG A CA  1 
ATOM   201  C C   . ARG A 1 21  ? 5.610   -5.447  8.117   1.00 15.39  ? 999  ARG A C   1 
ATOM   202  O O   . ARG A 1 21  ? 6.032   -6.635  8.159   1.00 16.68  ? 999  ARG A O   1 
ATOM   203  C CB  . ARG A 1 21  ? 4.520   -4.682  10.312  1.00 14.09  ? 999  ARG A CB  1 
ATOM   204  C CG  . ARG A 1 21  ? 4.847   -4.078  11.692  1.00 16.10  ? 999  ARG A CG  1 
ATOM   205  C CD  . ARG A 1 21  ? 3.653   -3.579  12.504  1.00 16.45  ? 999  ARG A CD  1 
ATOM   206  N NE  . ARG A 1 21  ? 2.734   -4.641  12.798  1.00 17.17  ? 999  ARG A NE  1 
ATOM   207  C CZ  . ARG A 1 21  ? 1.512   -4.444  13.261  1.00 15.02  ? 999  ARG A CZ  1 
ATOM   208  N NH1 . ARG A 1 21  ? 0.732   -5.464  13.529  1.00 16.35  ? 999  ARG A NH1 1 
ATOM   209  N NH2 . ARG A 1 21  ? 1.074   -3.197  13.491  1.00 15.83  ? 999  ARG A NH2 1 
ATOM   210  N N   . LEU A 1 22  ? 5.008   -4.948  7.046   1.00 13.73  ? 1000 LEU A N   1 
ATOM   211  C CA  . LEU A 1 22  ? 4.944   -5.721  5.768   1.00 13.13  ? 1000 LEU A CA  1 
ATOM   212  C C   . LEU A 1 22  ? 6.352   -5.823  5.183   1.00 14.39  ? 1000 LEU A C   1 
ATOM   213  O O   . LEU A 1 22  ? 6.753   -6.949  4.727   1.00 15.86  ? 1000 LEU A O   1 
ATOM   214  C CB  . LEU A 1 22  ? 3.988   -5.022  4.799   1.00 13.33  ? 1000 LEU A CB  1 
ATOM   215  C CG  . LEU A 1 22  ? 2.543   -4.910  5.239   1.00 14.06  ? 1000 LEU A CG  1 
ATOM   216  C CD1 . LEU A 1 22  ? 1.728   -4.062  4.279   1.00 15.77  ? 1000 LEU A CD1 1 
ATOM   217  C CD2 . LEU A 1 22  ? 1.895   -6.287  5.424   1.00 15.34  ? 1000 LEU A CD2 1 
ATOM   218  N N   . ALA A 1 23  ? 7.144   -4.764  5.193   1.00 14.49  ? 1001 ALA A N   1 
ATOM   219  C CA  . ALA A 1 23  ? 8.442   -4.696  4.480   1.00 15.40  ? 1001 ALA A CA  1 
ATOM   220  C C   . ALA A 1 23  ? 9.503   -5.590  5.140   1.00 17.29  ? 1001 ALA A C   1 
ATOM   221  O O   . ALA A 1 23  ? 10.420  -6.006  4.358   1.00 19.58  ? 1001 ALA A O   1 
ATOM   222  C CB  . ALA A 1 23  ? 8.912   -3.275  4.371   1.00 18.11  ? 1001 ALA A CB  1 
ATOM   223  N N   . ILE A 1 24  ? 9.395   -5.888  6.432   1.00 17.34  ? 1002 ILE A N   1 
ATOM   224  C CA  . ILE A 1 24  ? 10.408  -6.757  7.101   1.00 18.35  ? 1002 ILE A CA  1 
ATOM   225  C C   . ILE A 1 24  ? 10.064  -8.239  6.927   1.00 20.83  ? 1002 ILE A C   1 
ATOM   226  O O   . ILE A 1 24  ? 10.894  -9.097  7.356   1.00 22.35  ? 1002 ILE A O   1 
ATOM   227  C CB  . ILE A 1 24  ? 10.640  -6.360  8.570   1.00 20.82  ? 1002 ILE A CB  1 
ATOM   228  C CG1 . ILE A 1 24  ? 9.419   -6.582  9.452   1.00 21.84  ? 1002 ILE A CG1 1 
ATOM   229  C CG2 . ILE A 1 24  ? 11.169  -4.953  8.651   1.00 24.14  ? 1002 ILE A CG2 1 
ATOM   230  C CD1 . ILE A 1 24  ? 9.642   -6.323  10.977  1.00 28.70  ? 1002 ILE A CD1 1 
ATOM   231  N N   . ASP A 1 25  ? 8.857   -8.607  6.511   1.00 18.51  ? 1003 ASP A N   1 
ATOM   232  C CA  . ASP A 1 25  ? 8.422   -10.019 6.361   1.00 18.29  ? 1003 ASP A CA  1 
ATOM   233  C C   . ASP A 1 25  ? 9.171   -10.597 5.147   1.00 20.04  ? 1003 ASP A C   1 
ATOM   234  O O   . ASP A 1 25  ? 9.071   -10.055 4.019   1.00 18.80  ? 1003 ASP A O   1 
ATOM   235  C CB  . ASP A 1 25  ? 6.919   -10.117 6.176   1.00 19.57  ? 1003 ASP A CB  1 
ATOM   236  C CG  . ASP A 1 25  ? 6.316   -11.500 6.238   1.00 21.24  ? 1003 ASP A CG  1 
ATOM   237  O OD1 . ASP A 1 25  ? 6.771   -12.384 5.453   1.00 21.58  ? 1003 ASP A OD1 1 
ATOM   238  O OD2 . ASP A 1 25  ? 5.317   -11.656 6.953   1.00 23.57  ? 1003 ASP A OD2 1 
ATOM   239  N N   . LYS A 1 26  ? 9.917   -11.705 5.333   1.00 20.36  ? 1004 LYS A N   1 
ATOM   240  C CA  . LYS A 1 26  ? 10.721  -12.314 4.240   1.00 22.46  ? 1004 LYS A CA  1 
ATOM   241  C C   . LYS A 1 26  ? 9.895   -12.660 2.997   1.00 19.25  ? 1004 LYS A C   1 
ATOM   242  O O   . LYS A 1 26  ? 10.481  -12.622 1.885   1.00 21.15  ? 1004 LYS A O   1 
ATOM   243  C CB  . LYS A 1 26  ? 11.433  -13.583 4.784   1.00 25.10  ? 1004 LYS A CB  1 
ATOM   244  N N   . ARG A 1 27  ? 8.627   -13.006 3.150   1.00 18.41  ? 1005 ARG A N   1 
ATOM   245  C CA  . ARG A 1 27  ? 7.730   -13.406 2.024   1.00 18.34  ? 1005 ARG A CA  1 
ATOM   246  C C   . ARG A 1 27  ? 7.587   -12.236 1.035   1.00 18.58  ? 1005 ARG A C   1 
ATOM   247  O O   . ARG A 1 27  ? 7.330   -12.459 -0.151  1.00 18.58  ? 1005 ARG A O   1 
ATOM   248  C CB  . ARG A 1 27  ? 6.340   -13.807 2.469   1.00 17.95  ? 1005 ARG A CB  1 
ATOM   249  C CG  . ARG A 1 27  ? 6.238   -15.110 3.280   1.00 19.57  ? 1005 ARG A CG  1 
ATOM   250  C CD  . ARG A 1 27  ? 4.853   -15.334 3.800   1.00 19.71  ? 1005 ARG A CD  1 
ATOM   251  N NE  . ARG A 1 27  ? 4.499   -14.332 4.827   1.00 19.55  ? 1005 ARG A NE  1 
ATOM   252  C CZ  . ARG A 1 27  ? 3.294   -14.174 5.330   1.00 20.33  ? 1005 ARG A CZ  1 
ATOM   253  N NH1 . ARG A 1 27  ? 2.266   -14.885 4.904   1.00 22.72  ? 1005 ARG A NH1 1 
ATOM   254  N NH2 . ARG A 1 27  ? 3.094   -13.238 6.244   1.00 22.83  ? 1005 ARG A NH2 1 
ATOM   255  N N   . PHE A 1 28  ? 7.714   -11.009 1.529   1.00 16.76  ? 1006 PHE A N   1 
ATOM   256  C CA  . PHE A 1 28  ? 7.321   -9.802  0.752   1.00 16.56  ? 1006 PHE A CA  1 
ATOM   257  C C   . PHE A 1 28  ? 8.511   -9.041  0.229   1.00 18.27  ? 1006 PHE A C   1 
ATOM   258  O O   . PHE A 1 28  ? 8.390   -7.895  -0.304  1.00 16.88  ? 1006 PHE A O   1 
ATOM   259  C CB  . PHE A 1 28  ? 6.401   -8.931  1.612   1.00 14.70  ? 1006 PHE A CB  1 
ATOM   260  C CG  . PHE A 1 28  ? 5.205   -9.665  2.160   1.00 15.18  ? 1006 PHE A CG  1 
ATOM   261  C CD1 . PHE A 1 28  ? 4.520   -10.688 1.475   1.00 15.14  ? 1006 PHE A CD1 1 
ATOM   262  C CD2 . PHE A 1 28  ? 4.664   -9.264  3.380   1.00 14.27  ? 1006 PHE A CD2 1 
ATOM   263  C CE1 . PHE A 1 28  ? 3.435   -11.333 2.034   1.00 16.31  ? 1006 PHE A CE1 1 
ATOM   264  C CE2 . PHE A 1 28  ? 3.595   -9.923  3.947   1.00 15.03  ? 1006 PHE A CE2 1 
ATOM   265  C CZ  . PHE A 1 28  ? 2.936   -10.946 3.276   1.00 16.50  ? 1006 PHE A CZ  1 
ATOM   266  N N   . ARG A 1 29  ? 9.721   -9.594  0.339   1.00 17.69  ? 1007 ARG A N   1 
ATOM   267  C CA  . ARG A 1 29  ? 10.932  -8.935  -0.155  1.00 18.12  ? 1007 ARG A CA  1 
ATOM   268  C C   . ARG A 1 29  ? 10.786  -8.428  -1.591  1.00 17.74  ? 1007 ARG A C   1 
ATOM   269  O O   . ARG A 1 29  ? 11.330  -7.331  -1.889  1.00 18.23  ? 1007 ARG A O   1 
ATOM   270  C CB  . ARG A 1 29  ? 12.121  -9.903  -0.039  1.00 22.94  ? 1007 ARG A CB  1 
ATOM   271  C CG  . ARG A 1 29  ? 13.439  -9.225  -0.284  1.00 27.66  ? 1007 ARG A CG  1 
ATOM   272  C CD  . ARG A 1 29  ? 14.571  -10.208 0.020   1.00 42.10  ? 1007 ARG A CD  1 
ATOM   273  N NE  . ARG A 1 29  ? 15.877  -9.573  -0.139  1.00 56.18  ? 1007 ARG A NE  1 
ATOM   274  C CZ  . ARG A 1 29  ? 16.497  -9.364  -1.308  1.00 76.86  ? 1007 ARG A CZ  1 
ATOM   275  N NH1 . ARG A 1 29  ? 17.691  -8.792  -1.332  1.00 82.70  ? 1007 ARG A NH1 1 
ATOM   276  N NH2 . ARG A 1 29  ? 15.925  -9.712  -2.452  1.00 86.83  ? 1007 ARG A NH2 1 
ATOM   277  N N   . VAL A 1 30  ? 10.197  -9.226  -2.480  1.00 18.46  ? 1008 VAL A N   1 
ATOM   278  C CA  . VAL A 1 30  ? 10.072  -8.910  -3.934  1.00 20.58  ? 1008 VAL A CA  1 
ATOM   279  C C   . VAL A 1 30  ? 9.240   -7.621  -4.134  1.00 19.85  ? 1008 VAL A C   1 
ATOM   280  O O   . VAL A 1 30  ? 9.376   -6.969  -5.186  1.00 21.89  ? 1008 VAL A O   1 
ATOM   281  C CB  . VAL A 1 30  ? 9.490   -10.107 -4.706  1.00 25.29  ? 1008 VAL A CB  1 
ATOM   282  C CG1 . VAL A 1 30  ? 8.077   -10.483 -4.293  1.00 25.79  ? 1008 VAL A CG1 1 
ATOM   283  C CG2 . VAL A 1 30  ? 9.556   -9.954  -6.203  1.00 31.67  ? 1008 VAL A CG2 1 
ATOM   284  N N   . PHE A 1 31  ? 8.445   -7.237  -3.126  1.00 16.50  ? 1009 PHE A N   1 
ATOM   285  C CA  . PHE A 1 31  ? 7.572   -6.040  -3.210  1.00 16.04  ? 1009 PHE A CA  1 
ATOM   286  C C   . PHE A 1 31  ? 8.212   -4.822  -2.511  1.00 17.56  ? 1009 PHE A C   1 
ATOM   287  O O   . PHE A 1 31  ? 7.495   -3.753  -2.464  1.00 17.19  ? 1009 PHE A O   1 
ATOM   288  C CB  . PHE A 1 31  ? 6.197   -6.347  -2.623  1.00 15.16  ? 1009 PHE A CB  1 
ATOM   289  C CG  . PHE A 1 31  ? 5.507   -7.590  -3.163  1.00 15.07  ? 1009 PHE A CG  1 
ATOM   290  C CD1 . PHE A 1 31  ? 5.200   -7.701  -4.510  1.00 15.97  ? 1009 PHE A CD1 1 
ATOM   291  C CD2 . PHE A 1 31  ? 5.183   -8.664  -2.342  1.00 19.17  ? 1009 PHE A CD2 1 
ATOM   292  C CE1 . PHE A 1 31  ? 4.642   -8.856  -5.045  1.00 16.11  ? 1009 PHE A CE1 1 
ATOM   293  C CE2 . PHE A 1 31  ? 4.601   -9.821  -2.866  1.00 19.74  ? 1009 PHE A CE2 1 
ATOM   294  C CZ  . PHE A 1 31  ? 4.344   -9.934  -4.210  1.00 17.92  ? 1009 PHE A CZ  1 
ATOM   295  N N   . THR A 1 32  ? 9.430   -4.868  -2.022  1.00 17.04  ? 1010 THR A N   1 
ATOM   296  C CA  . THR A 1 32  ? 10.041  -3.781  -1.203  1.00 18.04  ? 1010 THR A CA  1 
ATOM   297  C C   . THR A 1 32  ? 10.681  -2.658  -2.035  1.00 21.88  ? 1010 THR A C   1 
ATOM   298  O O   . THR A 1 32  ? 10.846  -1.591  -1.496  1.00 25.40  ? 1010 THR A O   1 
ATOM   299  C CB  . THR A 1 32  ? 11.045  -4.293  -0.178  1.00 20.35  ? 1010 THR A CB  1 
ATOM   300  O OG1 . THR A 1 32  ? 12.161  -4.965  -0.790  1.00 19.63  ? 1010 THR A OG1 1 
ATOM   301  C CG2 . THR A 1 32  ? 10.377  -5.190  0.825   1.00 19.20  ? 1010 THR A CG2 1 
ATOM   302  N N   . LYS A 1 33  ? 11.009  -2.900  -3.291  1.00 20.68  ? 1011 LYS A N   1 
ATOM   303  C CA  . LYS A 1 33  ? 11.672  -1.904  -4.167  1.00 23.24  ? 1011 LYS A CA  1 
ATOM   304  C C   . LYS A 1 33  ? 11.067  -1.989  -5.555  1.00 19.85  ? 1011 LYS A C   1 
ATOM   305  O O   . LYS A 1 33  ? 10.530  -3.024  -5.971  1.00 20.50  ? 1011 LYS A O   1 
ATOM   306  C CB  . LYS A 1 33  ? 13.178  -2.213  -4.246  1.00 28.84  ? 1011 LYS A CB  1 
ATOM   307  C CG  . LYS A 1 33  ? 13.911  -2.140  -2.912  1.00 36.80  ? 1011 LYS A CG  1 
ATOM   308  C CD  . LYS A 1 33  ? 15.438  -2.035  -3.030  1.00 52.85  ? 1011 LYS A CD  1 
ATOM   309  C CE  . LYS A 1 33  ? 16.084  -3.201  -3.757  1.00 60.53  ? 1011 LYS A CE  1 
ATOM   310  N NZ  . LYS A 1 33  ? 17.555  -3.029  -3.883  1.00 70.80  ? 1011 LYS A NZ  1 
ATOM   311  N N   . PRO A 1 34  ? 11.208  -0.903  -6.356  1.00 22.63  ? 1012 PRO A N   1 
ATOM   312  C CA  . PRO A 1 34  ? 10.697  -0.937  -7.721  1.00 24.20  ? 1012 PRO A CA  1 
ATOM   313  C C   . PRO A 1 34  ? 11.405  -2.048  -8.522  1.00 27.38  ? 1012 PRO A C   1 
ATOM   314  O O   . PRO A 1 34  ? 12.522  -2.402  -8.230  1.00 29.30  ? 1012 PRO A O   1 
ATOM   315  C CB  . PRO A 1 34  ? 10.972  0.457   -8.302  1.00 25.36  ? 1012 PRO A CB  1 
ATOM   316  C CG  . PRO A 1 34  ? 11.367  1.312   -7.134  1.00 27.31  ? 1012 PRO A CG  1 
ATOM   317  C CD  . PRO A 1 34  ? 11.818  0.382   -5.998  1.00 25.30  ? 1012 PRO A CD  1 
ATOM   318  N N   . VAL A 1 35  ? 10.732  -2.560  -9.539  1.00 30.69  ? 1013 VAL A N   1 
ATOM   319  C CA  . VAL A 1 35  ? 11.319  -3.547  -10.503 1.00 34.48  ? 1013 VAL A CA  1 
ATOM   320  C C   . VAL A 1 35  ? 12.445  -2.862  -11.292 1.00 41.79  ? 1013 VAL A C   1 
ATOM   321  O O   . VAL A 1 35  ? 12.233  -1.752  -11.843 1.00 44.78  ? 1013 VAL A O   1 
ATOM   322  C CB  . VAL A 1 35  ? 10.237  -4.136  -11.423 1.00 32.11  ? 1013 VAL A CB  1 
ATOM   323  C CG1 . VAL A 1 35  ? 10.867  -4.984  -12.537 1.00 37.25  ? 1013 VAL A CG1 1 
ATOM   324  C CG2 . VAL A 1 35  ? 9.237   -4.951  -10.650 1.00 32.35  ? 1013 VAL A CG2 1 
ATOM   325  N N   . ASP A 1 36  ? 13.620  -3.490  -11.346 1.00 47.14  ? 1014 ASP A N   1 
ATOM   326  C CA  . ASP A 1 36  ? 14.821  -2.888  -11.989 1.00 54.00  ? 1014 ASP A CA  1 
ATOM   327  C C   . ASP A 1 36  ? 14.636  -2.934  -13.508 1.00 55.96  ? 1014 ASP A C   1 
ATOM   328  O O   . ASP A 1 36  ? 14.526  -4.018  -14.076 1.00 54.86  ? 1014 ASP A O   1 
ATOM   329  C CB  . ASP A 1 36  ? 16.089  -3.593  -11.505 1.00 59.70  ? 1014 ASP A CB  1 
ATOM   330  C CG  . ASP A 1 36  ? 17.375  -2.980  -12.032 1.00 69.42  ? 1014 ASP A CG  1 
ATOM   331  O OD1 . ASP A 1 36  ? 17.315  -1.912  -12.703 1.00 64.89  ? 1014 ASP A OD1 1 
ATOM   332  O OD2 . ASP A 1 36  ? 18.427  -3.587  -11.779 1.00 80.79  ? 1014 ASP A OD2 1 
ATOM   333  N N   . PRO A 1 37  ? 14.543  -1.778  -14.214 1.00 62.79  ? 1015 PRO A N   1 
ATOM   334  C CA  . PRO A 1 37  ? 14.284  -1.780  -15.659 1.00 70.47  ? 1015 PRO A CA  1 
ATOM   335  C C   . PRO A 1 37  ? 15.370  -2.511  -16.467 1.00 75.44  ? 1015 PRO A C   1 
ATOM   336  O O   . PRO A 1 37  ? 15.066  -3.058  -17.518 1.00 75.19  ? 1015 PRO A O   1 
ATOM   337  C CB  . PRO A 1 37  ? 14.245  -0.296  -16.054 1.00 68.28  ? 1015 PRO A CB  1 
ATOM   338  C CG  . PRO A 1 37  ? 14.022  0.445   -14.746 1.00 69.06  ? 1015 PRO A CG  1 
ATOM   339  C CD  . PRO A 1 37  ? 14.670  -0.413  -13.677 1.00 64.32  ? 1015 PRO A CD  1 
ATOM   340  N N   . ASP A 1 38  ? 16.601  -2.526  -15.952 1.00 80.96  ? 1016 ASP A N   1 
ATOM   341  C CA  . ASP A 1 38  ? 17.730  -3.288  -16.547 1.00 85.66  ? 1016 ASP A CA  1 
ATOM   342  C C   . ASP A 1 38  ? 17.378  -4.777  -16.552 1.00 83.96  ? 1016 ASP A C   1 
ATOM   343  O O   . ASP A 1 38  ? 17.231  -5.344  -17.652 1.00 91.24  ? 1016 ASP A O   1 
ATOM   344  C CB  . ASP A 1 38  ? 19.036  -2.979  -15.820 1.00 88.79  ? 1016 ASP A CB  1 
ATOM   345  C CG  . ASP A 1 38  ? 19.591  -1.614  -16.193 1.00 90.27  ? 1016 ASP A CG  1 
ATOM   346  O OD1 . ASP A 1 38  ? 18.880  -0.846  -16.899 1.00 75.75  ? 1016 ASP A OD1 1 
ATOM   347  O OD2 . ASP A 1 38  ? 20.728  -1.332  -15.787 1.00 102.49 ? 1016 ASP A OD2 1 
ATOM   348  N N   . GLU A 1 39  ? 17.195  -5.369  -15.375 1.00 74.56  ? 1017 GLU A N   1 
ATOM   349  C CA  . GLU A 1 39  ? 16.841  -6.804  -15.237 1.00 71.64  ? 1017 GLU A CA  1 
ATOM   350  C C   . GLU A 1 39  ? 15.540  -7.145  -15.984 1.00 66.58  ? 1017 GLU A C   1 
ATOM   351  O O   . GLU A 1 39  ? 15.434  -8.306  -16.437 1.00 60.92  ? 1017 GLU A O   1 
ATOM   352  C CB  . GLU A 1 39  ? 16.696  -7.177  -13.765 1.00 83.40  ? 1017 GLU A CB  1 
ATOM   353  C CG  . GLU A 1 39  ? 18.008  -7.200  -13.007 1.00 91.75  ? 1017 GLU A CG  1 
ATOM   354  C CD  . GLU A 1 39  ? 17.849  -7.709  -11.586 1.00 101.37 ? 1017 GLU A CD  1 
ATOM   355  O OE1 . GLU A 1 39  ? 18.423  -7.087  -10.668 1.00 103.43 ? 1017 GLU A OE1 1 
ATOM   356  O OE2 . GLU A 1 39  ? 17.134  -8.720  -11.402 1.00 104.71 ? 1017 GLU A OE2 1 
ATOM   357  N N   . VAL A 1 40  ? 14.563  -6.224  -16.076 1.00 55.19  ? 1018 VAL A N   1 
ATOM   358  C CA  . VAL A 1 40  ? 13.203  -6.541  -16.620 1.00 49.94  ? 1018 VAL A CA  1 
ATOM   359  C C   . VAL A 1 40  ? 12.719  -5.386  -17.502 1.00 52.72  ? 1018 VAL A C   1 
ATOM   360  O O   . VAL A 1 40  ? 11.890  -4.590  -17.075 1.00 37.82  ? 1018 VAL A O   1 
ATOM   361  C CB  . VAL A 1 40  ? 12.203  -6.834  -15.477 1.00 49.23  ? 1018 VAL A CB  1 
ATOM   362  C CG1 . VAL A 1 40  ? 10.942  -7.513  -15.980 1.00 45.37  ? 1018 VAL A CG1 1 
ATOM   363  C CG2 . VAL A 1 40  ? 12.822  -7.650  -14.345 1.00 50.08  ? 1018 VAL A CG2 1 
ATOM   364  N N   . PRO A 1 41  ? 13.203  -5.243  -18.766 1.00 53.98  ? 1019 PRO A N   1 
ATOM   365  C CA  . PRO A 1 41  ? 12.928  -4.034  -19.563 1.00 45.13  ? 1019 PRO A CA  1 
ATOM   366  C C   . PRO A 1 41  ? 11.487  -3.997  -20.099 1.00 40.04  ? 1019 PRO A C   1 
ATOM   367  O O   . PRO A 1 41  ? 10.895  -2.964  -20.387 1.00 45.78  ? 1019 PRO A O   1 
ATOM   368  C CB  . PRO A 1 41  ? 13.975  -4.139  -20.689 1.00 54.73  ? 1019 PRO A CB  1 
ATOM   369  C CG  . PRO A 1 41  ? 14.169  -5.641  -20.876 1.00 55.71  ? 1019 PRO A CG  1 
ATOM   370  C CD  . PRO A 1 41  ? 14.016  -6.238  -19.489 1.00 58.71  ? 1019 PRO A CD  1 
ATOM   371  N N   . ASP A 1 42  ? 10.904  -5.170  -20.162 1.00 35.08  ? 1020 ASP A N   1 
ATOM   372  C CA  . ASP A 1 42  ? 9.513   -5.446  -20.555 1.00 35.93  ? 1020 ASP A CA  1 
ATOM   373  C C   . ASP A 1 42  ? 8.507   -4.960  -19.468 1.00 30.83  ? 1020 ASP A C   1 
ATOM   374  O O   . ASP A 1 42  ? 7.307   -4.805  -19.783 1.00 31.92  ? 1020 ASP A O   1 
ATOM   375  C CB  . ASP A 1 42  ? 9.527   -6.954  -20.762 1.00 43.45  ? 1020 ASP A CB  1 
ATOM   376  C CG  . ASP A 1 42  ? 8.166   -7.537  -20.922 1.00 50.67  ? 1020 ASP A CG  1 
ATOM   377  O OD1 . ASP A 1 42  ? 7.519   -7.190  -21.924 1.00 62.25  ? 1020 ASP A OD1 1 
ATOM   378  O OD2 . ASP A 1 42  ? 7.777   -8.297  -20.023 1.00 49.56  ? 1020 ASP A OD2 1 
ATOM   379  N N   . TYR A 1 43  ? 8.952   -4.765  -18.223 1.00 32.54  ? 1021 TYR A N   1 
ATOM   380  C CA  . TYR A 1 43  ? 8.002   -4.583  -17.077 1.00 27.19  ? 1021 TYR A CA  1 
ATOM   381  C C   . TYR A 1 43  ? 7.134   -3.338  -17.332 1.00 27.21  ? 1021 TYR A C   1 
ATOM   382  O O   . TYR A 1 43  ? 5.892   -3.438  -17.216 1.00 27.96  ? 1021 TYR A O   1 
ATOM   383  C CB  . TYR A 1 43  ? 8.716   -4.520  -15.715 1.00 25.95  ? 1021 TYR A CB  1 
ATOM   384  C CG  . TYR A 1 43  ? 7.754   -4.564  -14.527 1.00 23.41  ? 1021 TYR A CG  1 
ATOM   385  C CD1 . TYR A 1 43  ? 7.124   -5.746  -14.165 1.00 22.67  ? 1021 TYR A CD1 1 
ATOM   386  C CD2 . TYR A 1 43  ? 7.390   -3.396  -13.870 1.00 24.92  ? 1021 TYR A CD2 1 
ATOM   387  C CE1 . TYR A 1 43  ? 6.201   -5.792  -13.117 1.00 22.63  ? 1021 TYR A CE1 1 
ATOM   388  C CE2 . TYR A 1 43  ? 6.457   -3.426  -12.830 1.00 22.93  ? 1021 TYR A CE2 1 
ATOM   389  C CZ  . TYR A 1 43  ? 5.853   -4.613  -12.478 1.00 21.46  ? 1021 TYR A CZ  1 
ATOM   390  O OH  . TYR A 1 43  ? 4.945   -4.627  -11.441 1.00 20.33  ? 1021 TYR A OH  1 
ATOM   391  N N   . ARG A 1 44  ? 7.780   -2.218  -17.648 1.00 29.99  ? 1022 ARG A N   1 
ATOM   392  C CA  . ARG A 1 44  ? 7.113   -0.886  -17.731 1.00 33.79  ? 1022 ARG A CA  1 
ATOM   393  C C   . ARG A 1 44  ? 6.319   -0.759  -19.034 1.00 36.05  ? 1022 ARG A C   1 
ATOM   394  O O   . ARG A 1 44  ? 5.480   0.132   -19.080 1.00 41.05  ? 1022 ARG A O   1 
ATOM   395  C CB  . ARG A 1 44  ? 8.125   0.231   -17.486 1.00 38.62  ? 1022 ARG A CB  1 
ATOM   396  C CG  . ARG A 1 44  ? 8.209   0.639   -16.027 1.00 45.72  ? 1022 ARG A CG  1 
ATOM   397  C CD  . ARG A 1 44  ? 9.442   1.431   -15.648 1.00 52.31  ? 1022 ARG A CD  1 
ATOM   398  N NE  . ARG A 1 44  ? 9.556   1.326   -14.201 1.00 58.67  ? 1022 ARG A NE  1 
ATOM   399  C CZ  . ARG A 1 44  ? 10.056  0.280   -13.530 1.00 68.49  ? 1022 ARG A CZ  1 
ATOM   400  N NH1 . ARG A 1 44  ? 10.568  -0.772  -14.166 1.00 59.11  ? 1022 ARG A NH1 1 
ATOM   401  N NH2 . ARG A 1 44  ? 10.069  0.316   -12.203 1.00 70.44  ? 1022 ARG A NH2 1 
ATOM   402  N N   . THR A 1 45  ? 6.435   -1.691  -19.977 1.00 37.54  ? 1023 THR A N   1 
ATOM   403  C CA  . THR A 1 45  ? 5.540   -1.713  -21.160 1.00 42.60  ? 1023 THR A CA  1 
ATOM   404  C C   . THR A 1 45  ? 4.243   -2.432  -20.792 1.00 41.19  ? 1023 THR A C   1 
ATOM   405  O O   . THR A 1 45  ? 3.175   -2.008  -21.281 1.00 39.37  ? 1023 THR A O   1 
ATOM   406  C CB  . THR A 1 45  ? 6.267   -2.228  -22.411 1.00 43.90  ? 1023 THR A CB  1 
ATOM   407  O OG1 . THR A 1 45  ? 6.271   -3.659  -22.497 1.00 50.68  ? 1023 THR A OG1 1 
ATOM   408  C CG2 . THR A 1 45  ? 7.676   -1.687  -22.453 1.00 46.48  ? 1023 THR A CG2 1 
ATOM   409  N N   . VAL A 1 46  ? 4.291   -3.430  -19.906 1.00 29.51  ? 1024 VAL A N   1 
ATOM   410  C CA  . VAL A 1 46  ? 3.070   -4.180  -19.526 1.00 25.61  ? 1024 VAL A CA  1 
ATOM   411  C C   . VAL A 1 46  ? 2.333   -3.443  -18.379 1.00 24.00  ? 1024 VAL A C   1 
ATOM   412  O O   . VAL A 1 46  ? 1.093   -3.384  -18.382 1.00 25.68  ? 1024 VAL A O   1 
ATOM   413  C CB  . VAL A 1 46  ? 3.415   -5.619  -19.083 1.00 28.67  ? 1024 VAL A CB  1 
ATOM   414  C CG1 . VAL A 1 46  ? 2.164   -6.383  -18.646 1.00 28.63  ? 1024 VAL A CG1 1 
ATOM   415  C CG2 . VAL A 1 46  ? 4.168   -6.366  -20.189 1.00 36.09  ? 1024 VAL A CG2 1 
ATOM   416  N N   . ILE A 1 47  ? 3.089   -3.044  -17.357 1.00 21.67  ? 1025 ILE A N   1 
ATOM   417  C CA  . ILE A 1 47  ? 2.528   -2.488  -16.101 1.00 20.25  ? 1025 ILE A CA  1 
ATOM   418  C C   . ILE A 1 47  ? 2.583   -0.943  -16.185 1.00 16.66  ? 1025 ILE A C   1 
ATOM   419  O O   . ILE A 1 47  ? 3.647   -0.367  -16.130 1.00 20.62  ? 1025 ILE A O   1 
ATOM   420  C CB  . ILE A 1 47  ? 3.246   -3.058  -14.850 1.00 20.38  ? 1025 ILE A CB  1 
ATOM   421  C CG1 . ILE A 1 47  ? 3.084   -4.588  -14.744 1.00 19.97  ? 1025 ILE A CG1 1 
ATOM   422  C CG2 . ILE A 1 47  ? 2.743   -2.376  -13.585 1.00 19.05  ? 1025 ILE A CG2 1 
ATOM   423  C CD1 . ILE A 1 47  ? 1.686   -5.073  -14.653 1.00 19.65  ? 1025 ILE A CD1 1 
ATOM   424  N N   . LYS A 1 48  ? 1.422   -0.382  -16.267 1.00 21.31  ? 1026 LYS A N   1 
ATOM   425  C CA  . LYS A 1 48  ? 1.291   1.071   -16.543 1.00 21.35  ? 1026 LYS A CA  1 
ATOM   426  C C   . LYS A 1 48  ? 1.420   1.917   -15.284 1.00 21.82  ? 1026 LYS A C   1 
ATOM   427  O O   . LYS A 1 48  ? 1.911   3.037   -15.433 1.00 21.06  ? 1026 LYS A O   1 
ATOM   428  C CB  . LYS A 1 48  ? -0.074  1.321   -17.154 1.00 23.50  ? 1026 LYS A CB  1 
ATOM   429  C CG  . LYS A 1 48  ? -0.313  0.626   -18.489 1.00 26.27  ? 1026 LYS A CG  1 
ATOM   430  C CD  . LYS A 1 48  ? 0.707   0.991   -19.514 1.00 31.31  ? 1026 LYS A CD  1 
ATOM   431  C CE  . LYS A 1 48  ? 0.557   0.264   -20.835 1.00 34.54  ? 1026 LYS A CE  1 
ATOM   432  N NZ  . LYS A 1 48  ? 1.795   0.440   -21.625 1.00 33.26  ? 1026 LYS A NZ  1 
ATOM   433  N N   . GLU A 1 49  ? 1.168   1.382   -14.077 1.00 18.66  ? 1027 GLU A N   1 
ATOM   434  C CA  . GLU A 1 49  ? 1.362   2.164   -12.820 1.00 17.63  ? 1027 GLU A CA  1 
ATOM   435  C C   . GLU A 1 49  ? 2.107   1.245   -11.825 1.00 16.76  ? 1027 GLU A C   1 
ATOM   436  O O   . GLU A 1 49  ? 1.474   0.634   -10.933 1.00 17.02  ? 1027 GLU A O   1 
ATOM   437  C CB  . GLU A 1 49  ? 0.069   2.725   -12.251 1.00 17.41  ? 1027 GLU A CB  1 
ATOM   438  C CG  . GLU A 1 49  ? 0.348   3.790   -11.193 1.00 17.69  ? 1027 GLU A CG  1 
ATOM   439  C CD  . GLU A 1 49  ? -0.812  4.555   -10.581 1.00 18.54  ? 1027 GLU A CD  1 
ATOM   440  O OE1 . GLU A 1 49  ? -1.954  4.285   -10.928 1.00 20.34  ? 1027 GLU A OE1 1 
ATOM   441  O OE2 . GLU A 1 49  ? -0.510  5.449   -9.711  1.00 19.91  ? 1027 GLU A OE2 1 
ATOM   442  N N   . PRO A 1 50  ? 3.438   1.149   -11.939 1.00 15.55  ? 1028 PRO A N   1 
ATOM   443  C CA  . PRO A 1 50  ? 4.228   0.374   -10.978 1.00 16.29  ? 1028 PRO A CA  1 
ATOM   444  C C   . PRO A 1 50  ? 4.030   0.896   -9.539  1.00 15.91  ? 1028 PRO A C   1 
ATOM   445  O O   . PRO A 1 50  ? 3.839   2.137   -9.293  1.00 17.08  ? 1028 PRO A O   1 
ATOM   446  C CB  . PRO A 1 50  ? 5.675   0.545   -11.411 1.00 18.66  ? 1028 PRO A CB  1 
ATOM   447  C CG  . PRO A 1 50  ? 5.600   0.910   -12.879 1.00 20.87  ? 1028 PRO A CG  1 
ATOM   448  C CD  . PRO A 1 50  ? 4.325   1.704   -12.999 1.00 17.47  ? 1028 PRO A CD  1 
ATOM   449  N N   . MET A 1 51  ? 4.104   -0.035  -8.547  1.00 15.58  ? 1029 MET A N   1 
ATOM   450  C CA  . MET A 1 51  ? 4.008   0.389   -7.126  1.00 15.01  ? 1029 MET A CA  1 
ATOM   451  C C   . MET A 1 51  ? 4.761   -0.645  -6.263  1.00 13.93  ? 1029 MET A C   1 
ATOM   452  O O   . MET A 1 51  ? 4.807   -1.832  -6.653  1.00 15.97  ? 1029 MET A O   1 
ATOM   453  C CB  . MET A 1 51  ? 2.549   0.510   -6.698  1.00 15.31  ? 1029 MET A CB  1 
ATOM   454  C CG  . MET A 1 51  ? 2.267   1.187   -5.345  1.00 15.14  ? 1029 MET A CG  1 
ATOM   455  S SD  . MET A 1 51  ? 3.035   2.771   -5.021  1.00 17.07  ? 1029 MET A SD  1 
ATOM   456  C CE  . MET A 1 51  ? 2.287   3.740   -6.354  1.00 18.22  ? 1029 MET A CE  1 
ATOM   457  N N   . ASP A 1 52  ? 5.335   -0.165  -5.166  1.00 14.44  ? 1030 ASP A N   1 
ATOM   458  C CA  . ASP A 1 52  ? 6.130   -1.028  -4.248  1.00 14.11  ? 1030 ASP A CA  1 
ATOM   459  C C   . ASP A 1 52  ? 6.144   -0.386  -2.869  1.00 14.77  ? 1030 ASP A C   1 
ATOM   460  O O   . ASP A 1 52  ? 5.712   0.797   -2.719  1.00 14.82  ? 1030 ASP A O   1 
ATOM   461  C CB  . ASP A 1 52  ? 7.562   -1.180  -4.776  1.00 15.66  ? 1030 ASP A CB  1 
ATOM   462  C CG  . ASP A 1 52  ? 8.305   0.152   -4.701  1.00 17.98  ? 1030 ASP A CG  1 
ATOM   463  O OD1 . ASP A 1 52  ? 8.137   1.018   -5.652  1.00 23.81  ? 1030 ASP A OD1 1 
ATOM   464  O OD2 . ASP A 1 52  ? 8.937   0.407   -3.678  1.00 21.84  ? 1030 ASP A OD2 1 
ATOM   465  N N   . LEU A 1 53  ? 6.596   -1.103  -1.841  1.00 15.09  ? 1031 LEU A N   1 
ATOM   466  C CA  . LEU A 1 53  ? 6.504   -0.616  -0.445  1.00 14.71  ? 1031 LEU A CA  1 
ATOM   467  C C   . LEU A 1 53  ? 7.416   0.596   -0.134  1.00 15.68  ? 1031 LEU A C   1 
ATOM   468  O O   . LEU A 1 53  ? 7.065   1.404   0.730   1.00 15.42  ? 1031 LEU A O   1 
ATOM   469  C CB  . LEU A 1 53  ? 6.720   -1.797  0.536   1.00 14.09  ? 1031 LEU A CB  1 
ATOM   470  C CG  . LEU A 1 53  ? 5.678   -2.908  0.467   1.00 15.03  ? 1031 LEU A CG  1 
ATOM   471  C CD1 . LEU A 1 53  ? 6.129   -4.089  1.337   1.00 17.29  ? 1031 LEU A CD1 1 
ATOM   472  C CD2 . LEU A 1 53  ? 4.287   -2.479  0.906   1.00 15.52  ? 1031 LEU A CD2 1 
ATOM   473  N N   A SER A 1 54  ? 8.568   0.724   -0.805  0.18 16.18  ? 1032 SER A N   1 
ATOM   474  N N   B SER A 1 54  ? 8.557   0.729   -0.821  0.10 15.67  ? 1032 SER A N   1 
ATOM   475  N N   C SER A 1 54  ? 8.569   0.722   -0.808  0.22 15.98  ? 1032 SER A N   1 
ATOM   476  C CA  A SER A 1 54  ? 9.460   1.909   -0.652  0.18 16.43  ? 1032 SER A CA  1 
ATOM   477  C CA  B SER A 1 54  ? 9.474   1.894   -0.666  0.10 15.67  ? 1032 SER A CA  1 
ATOM   478  C CA  C SER A 1 54  ? 9.462   1.908   -0.656  0.22 16.08  ? 1032 SER A CA  1 
ATOM   479  C C   A SER A 1 54  ? 8.774   3.160   -1.219  0.18 15.92  ? 1032 SER A C   1 
ATOM   480  C C   B SER A 1 54  ? 8.822   3.157   -1.249  0.10 15.26  ? 1032 SER A C   1 
ATOM   481  C C   C SER A 1 54  ? 8.767   3.158   -1.217  0.22 15.64  ? 1032 SER A C   1 
ATOM   482  O O   A SER A 1 54  ? 8.897   4.258   -0.605  0.18 15.01  ? 1032 SER A O   1 
ATOM   483  O O   B SER A 1 54  ? 9.022   4.258   -0.674  0.10 13.15  ? 1032 SER A O   1 
ATOM   484  O O   C SER A 1 54  ? 8.858   4.248   -0.586  0.22 14.80  ? 1032 SER A O   1 
ATOM   485  C CB  A SER A 1 54  ? 10.808  1.692   -1.312  0.18 17.97  ? 1032 SER A CB  1 
ATOM   486  C CB  B SER A 1 54  ? 10.825  1.637   -1.299  0.10 16.42  ? 1032 SER A CB  1 
ATOM   487  C CB  C SER A 1 54  ? 10.826  1.688   -1.308  0.22 17.61  ? 1032 SER A CB  1 
ATOM   488  O OG  A SER A 1 54  ? 11.602  0.785   -0.566  0.18 19.16  ? 1032 SER A OG  1 
ATOM   489  O OG  B SER A 1 54  ? 11.632  2.805   -1.249  0.10 16.81  ? 1032 SER A OG  1 
ATOM   490  O OG  C SER A 1 54  ? 10.749  1.738   -2.730  0.22 18.45  ? 1032 SER A OG  1 
ATOM   491  N N   . SER A 1 55  ? 8.081   3.011   -2.350  1.00 15.91  ? 1033 SER A N   1 
ATOM   492  C CA  . SER A 1 55  ? 7.290   4.122   -2.943  1.00 15.93  ? 1033 SER A CA  1 
ATOM   493  C C   . SER A 1 55  ? 6.166   4.473   -1.982  1.00 14.41  ? 1033 SER A C   1 
ATOM   494  O O   . SER A 1 55  ? 5.862   5.686   -1.825  1.00 13.96  ? 1033 SER A O   1 
ATOM   495  C CB  . SER A 1 55  ? 6.808   3.846   -4.301  1.00 17.19  ? 1033 SER A CB  1 
ATOM   496  O OG  . SER A 1 55  ? 7.973   3.663   -5.135  1.00 21.72  ? 1033 SER A OG  1 
ATOM   497  N N   . VAL A 1 56  ? 5.487   3.477   -1.393  1.00 13.35  ? 1034 VAL A N   1 
ATOM   498  C CA  . VAL A 1 56  ? 4.395   3.792   -0.413  1.00 13.71  ? 1034 VAL A CA  1 
ATOM   499  C C   . VAL A 1 56  ? 4.906   4.634   0.777   1.00 13.53  ? 1034 VAL A C   1 
ATOM   500  O O   . VAL A 1 56  ? 4.226   5.596   1.182   1.00 13.52  ? 1034 VAL A O   1 
ATOM   501  C CB  . VAL A 1 56  ? 3.689   2.471   -0.006  1.00 12.96  ? 1034 VAL A CB  1 
ATOM   502  C CG1 . VAL A 1 56  ? 2.748   2.657   1.192   1.00 15.17  ? 1034 VAL A CG1 1 
ATOM   503  C CG2 . VAL A 1 56  ? 2.886   1.887   -1.103  1.00 13.91  ? 1034 VAL A CG2 1 
ATOM   504  N N   A ILE A 1 57  ? 6.063   4.277   1.340   0.14 13.67  ? 1035 ILE A N   1 
ATOM   505  N N   B ILE A 1 57  ? 6.044   4.302   1.396   0.22 14.02  ? 1035 ILE A N   1 
ATOM   506  N N   C ILE A 1 57  ? 6.063   4.277   1.340   0.14 13.67  ? 1035 ILE A N   1 
ATOM   507  C CA  A ILE A 1 57  ? 6.719   5.041   2.445   0.14 14.28  ? 1035 ILE A CA  1 
ATOM   508  C CA  B ILE A 1 57  ? 6.582   5.167   2.495   0.22 15.41  ? 1035 ILE A CA  1 
ATOM   509  C CA  C ILE A 1 57  ? 6.719   5.041   2.445   0.14 14.28  ? 1035 ILE A CA  1 
ATOM   510  C C   A ILE A 1 57  ? 6.956   6.492   1.992   0.14 14.62  ? 1035 ILE A C   1 
ATOM   511  C C   B ILE A 1 57  ? 6.810   6.572   1.924   0.22 14.92  ? 1035 ILE A C   1 
ATOM   512  C C   C ILE A 1 57  ? 6.956   6.492   1.992   0.14 14.62  ? 1035 ILE A C   1 
ATOM   513  O O   A ILE A 1 57  ? 6.676   7.423   2.777   0.14 14.53  ? 1035 ILE A O   1 
ATOM   514  O O   B ILE A 1 57  ? 6.369   7.561   2.544   0.22 14.75  ? 1035 ILE A O   1 
ATOM   515  O O   C ILE A 1 57  ? 6.676   7.423   2.777   0.14 14.53  ? 1035 ILE A O   1 
ATOM   516  C CB  A ILE A 1 57  ? 8.023   4.351   2.885   0.14 15.14  ? 1035 ILE A CB  1 
ATOM   517  C CB  B ILE A 1 57  ? 7.860   4.623   3.152   0.22 17.43  ? 1035 ILE A CB  1 
ATOM   518  C CB  C ILE A 1 57  ? 8.023   4.351   2.885   0.14 15.14  ? 1035 ILE A CB  1 
ATOM   519  C CG1 A ILE A 1 57  ? 7.730   3.079   3.686   0.14 15.22  ? 1035 ILE A CG1 1 
ATOM   520  C CG1 B ILE A 1 57  ? 7.588   3.300   3.869   0.22 19.49  ? 1035 ILE A CG1 1 
ATOM   521  C CG1 C ILE A 1 57  ? 7.730   3.079   3.686   0.14 15.22  ? 1035 ILE A CG1 1 
ATOM   522  C CG2 A ILE A 1 57  ? 8.894   5.320   3.661   0.14 15.72  ? 1035 ILE A CG2 1 
ATOM   523  C CG2 B ILE A 1 57  ? 8.449   5.671   4.093   0.22 17.69  ? 1035 ILE A CG2 1 
ATOM   524  C CG2 C ILE A 1 57  ? 8.894   5.320   3.661   0.14 15.72  ? 1035 ILE A CG2 1 
ATOM   525  C CD1 A ILE A 1 57  ? 7.003   3.338   4.988   0.14 15.16  ? 1035 ILE A CD1 1 
ATOM   526  C CD1 B ILE A 1 57  ? 8.826   2.484   4.113   0.22 22.00  ? 1035 ILE A CD1 1 
ATOM   527  C CD1 C ILE A 1 57  ? 7.003   3.338   4.988   0.14 15.16  ? 1035 ILE A CD1 1 
ATOM   528  N N   . SER A 1 58  ? 7.482   6.671   0.776   1.00 14.71  ? 1036 SER A N   1 
ATOM   529  C CA  . SER A 1 58  ? 7.711   8.025   0.200   1.00 15.03  ? 1036 SER A CA  1 
ATOM   530  C C   . SER A 1 58  ? 6.380   8.800   0.094   1.00 14.95  ? 1036 SER A C   1 
ATOM   531  O O   . SER A 1 58  ? 6.328   10.015  0.436   1.00 15.45  ? 1036 SER A O   1 
ATOM   532  C CB  . SER A 1 58  ? 8.411   7.982   -1.167  1.00 16.10  ? 1036 SER A CB  1 
ATOM   533  O OG  . SER A 1 58  ? 9.748   7.510   -1.014  1.00 20.56  ? 1036 SER A OG  1 
ATOM   534  N N   . LYS A 1 59  ? 5.310   8.163   -0.374  1.00 13.61  ? 1037 LYS A N   1 
ATOM   535  C CA  . LYS A 1 59  ? 3.985   8.806   -0.553  1.00 12.88  ? 1037 LYS A CA  1 
ATOM   536  C C   . LYS A 1 59  ? 3.391   9.214   0.816   1.00 13.33  ? 1037 LYS A C   1 
ATOM   537  O O   . LYS A 1 59  ? 2.745   10.275  0.924   1.00 13.85  ? 1037 LYS A O   1 
ATOM   538  C CB  . LYS A 1 59  ? 3.073   7.912   -1.377  1.00 13.01  ? 1037 LYS A CB  1 
ATOM   539  C CG  . LYS A 1 59  ? 3.441   7.803   -2.864  1.00 13.21  ? 1037 LYS A CG  1 
ATOM   540  C CD  . LYS A 1 59  ? 2.441   7.040   -3.698  1.00 14.34  ? 1037 LYS A CD  1 
ATOM   541  C CE  . LYS A 1 59  ? 1.088   7.682   -3.784  1.00 15.71  ? 1037 LYS A CE  1 
ATOM   542  N NZ  . LYS A 1 59  ? 0.161   7.141   -4.809  1.00 17.23  ? 1037 LYS A NZ  1 
ATOM   543  N N   . ILE A 1 60  ? 3.564   8.380   1.850   1.00 14.97  ? 1038 ILE A N   1 
ATOM   544  C CA  . ILE A 1 60  ? 3.076   8.743   3.206   1.00 14.28  ? 1038 ILE A CA  1 
ATOM   545  C C   . ILE A 1 60  ? 3.734   10.078  3.616   1.00 13.25  ? 1038 ILE A C   1 
ATOM   546  O O   . ILE A 1 60  ? 3.009   11.025  4.054   1.00 13.99  ? 1038 ILE A O   1 
ATOM   547  C CB  . ILE A 1 60  ? 3.353   7.649   4.266   1.00 13.58  ? 1038 ILE A CB  1 
ATOM   548  C CG1 . ILE A 1 60  ? 2.589   6.354   3.958   1.00 14.29  ? 1038 ILE A CG1 1 
ATOM   549  C CG2 . ILE A 1 60  ? 3.017   8.184   5.675   1.00 15.01  ? 1038 ILE A CG2 1 
ATOM   550  C CD1 . ILE A 1 60  ? 3.104   5.136   4.746   1.00 15.62  ? 1038 ILE A CD1 1 
ATOM   551  N N   . ASP A 1 61  ? 5.039   10.185  3.438   1.00 13.65  ? 1039 ASP A N   1 
ATOM   552  C CA  . ASP A 1 61  ? 5.823   11.357  3.874   1.00 16.12  ? 1039 ASP A CA  1 
ATOM   553  C C   . ASP A 1 61  ? 5.493   12.591  3.007   1.00 17.15  ? 1039 ASP A C   1 
ATOM   554  O O   . ASP A 1 61  ? 5.629   13.709  3.529   1.00 20.42  ? 1039 ASP A O   1 
ATOM   555  C CB  . ASP A 1 61  ? 7.304   11.001  3.876   1.00 17.91  ? 1039 ASP A CB  1 
ATOM   556  C CG  . ASP A 1 61  ? 7.732   10.003  4.946   1.00 23.78  ? 1039 ASP A CG  1 
ATOM   557  O OD1 . ASP A 1 61  ? 6.949   9.825   5.915   1.00 24.22  ? 1039 ASP A OD1 1 
ATOM   558  O OD2 . ASP A 1 61  ? 8.859   9.444   4.846   1.00 23.10  ? 1039 ASP A OD2 1 
ATOM   559  N N   . LEU A 1 62  ? 5.065   12.410  1.751   1.00 15.29  ? 1040 LEU A N   1 
ATOM   560  C CA  . LEU A 1 62  ? 4.608   13.516  0.870   1.00 15.19  ? 1040 LEU A CA  1 
ATOM   561  C C   . LEU A 1 62  ? 3.161   13.901  1.140   1.00 16.49  ? 1040 LEU A C   1 
ATOM   562  O O   . LEU A 1 62  ? 2.558   14.777  0.445   1.00 18.49  ? 1040 LEU A O   1 
ATOM   563  C CB  . LEU A 1 62  ? 4.783   13.064  -0.590  1.00 15.35  ? 1040 LEU A CB  1 
ATOM   564  C CG  . LEU A 1 62  ? 6.221   12.975  -1.095  1.00 17.46  ? 1040 LEU A CG  1 
ATOM   565  C CD1 . LEU A 1 62  ? 6.251   12.227  -2.433  1.00 18.36  ? 1040 LEU A CD1 1 
ATOM   566  C CD2 . LEU A 1 62  ? 6.877   14.361  -1.277  1.00 18.92  ? 1040 LEU A CD2 1 
ATOM   567  N N   . HIS A 1 63  ? 2.482   13.300  2.134   1.00 15.79  ? 1041 HIS A N   1 
ATOM   568  C CA  . HIS A 1 63  ? 1.082   13.613  2.481   1.00 14.77  ? 1041 HIS A CA  1 
ATOM   569  C C   . HIS A 1 63  ? 0.118   13.264  1.351   1.00 15.55  ? 1041 HIS A C   1 
ATOM   570  O O   . HIS A 1 63  ? -0.960  13.898  1.160   1.00 18.68  ? 1041 HIS A O   1 
ATOM   571  C CB  . HIS A 1 63  ? 0.911   15.079  2.980   1.00 16.80  ? 1041 HIS A CB  1 
ATOM   572  C CG  . HIS A 1 63  ? 1.730   15.458  4.140   1.00 17.14  ? 1041 HIS A CG  1 
ATOM   573  N ND1 . HIS A 1 63  ? 1.437   16.607  4.861   1.00 23.05  ? 1041 HIS A ND1 1 
ATOM   574  C CD2 . HIS A 1 63  ? 2.788   14.886  4.747   1.00 19.98  ? 1041 HIS A CD2 1 
ATOM   575  C CE1 . HIS A 1 63  ? 2.360   16.718  5.787   1.00 19.32  ? 1041 HIS A CE1 1 
ATOM   576  N NE2 . HIS A 1 63  ? 3.189   15.707  5.797   1.00 22.75  ? 1041 HIS A NE2 1 
ATOM   577  N N   . LYS A 1 64  ? 0.385   12.171  0.632   1.00 14.79  ? 1042 LYS A N   1 
ATOM   578  C CA  . LYS A 1 64  ? -0.474  11.703  -0.457  1.00 15.03  ? 1042 LYS A CA  1 
ATOM   579  C C   . LYS A 1 64  ? -1.739  10.997  0.031   1.00 15.92  ? 1042 LYS A C   1 
ATOM   580  O O   . LYS A 1 64  ? -2.707  10.900  -0.736  1.00 16.98  ? 1042 LYS A O   1 
ATOM   581  C CB  . LYS A 1 64  ? 0.292   10.817  -1.428  1.00 15.23  ? 1042 LYS A CB  1 
ATOM   582  C CG  . LYS A 1 64  ? 1.498   11.400  -2.145  1.00 18.31  ? 1042 LYS A CG  1 
ATOM   583  C CD  . LYS A 1 64  ? 1.163   12.150  -3.368  1.00 20.16  ? 1042 LYS A CD  1 
ATOM   584  C CE  . LYS A 1 64  ? 2.397   12.496  -4.179  1.00 19.29  ? 1042 LYS A CE  1 
ATOM   585  N NZ  . LYS A 1 64  ? 1.975   13.172  -5.434  1.00 23.00  ? 1042 LYS A NZ  1 
ATOM   586  N N   . TYR A 1 65  ? -1.684  10.378  1.227   1.00 14.64  ? 1043 TYR A N   1 
ATOM   587  C CA  . TYR A 1 65  ? -2.819  9.619   1.776   1.00 14.33  ? 1043 TYR A CA  1 
ATOM   588  C C   . TYR A 1 65  ? -3.483  10.429  2.900   1.00 15.34  ? 1043 TYR A C   1 
ATOM   589  O O   . TYR A 1 65  ? -2.799  10.785  3.916   1.00 18.41  ? 1043 TYR A O   1 
ATOM   590  C CB  . TYR A 1 65  ? -2.354  8.255   2.311   1.00 15.25  ? 1043 TYR A CB  1 
ATOM   591  C CG  . TYR A 1 65  ? -1.509  7.403   1.362   1.00 13.58  ? 1043 TYR A CG  1 
ATOM   592  C CD1 . TYR A 1 65  ? -2.039  6.965   0.169   1.00 14.78  ? 1043 TYR A CD1 1 
ATOM   593  C CD2 . TYR A 1 65  ? -0.218  7.005   1.673   1.00 13.26  ? 1043 TYR A CD2 1 
ATOM   594  C CE1 . TYR A 1 65  ? -1.303  6.188   -0.730  1.00 15.33  ? 1043 TYR A CE1 1 
ATOM   595  C CE2 . TYR A 1 65  ? 0.545   6.237   0.786   1.00 14.15  ? 1043 TYR A CE2 1 
ATOM   596  C CZ  . TYR A 1 65  ? 0.001   5.829   -0.411  1.00 13.88  ? 1043 TYR A CZ  1 
ATOM   597  O OH  . TYR A 1 65  ? 0.784   5.026   -1.233  1.00 15.00  ? 1043 TYR A OH  1 
ATOM   598  N N   A LEU A 1 66  ? -4.773  10.730  2.718   0.14 16.68  ? 1044 LEU A N   1 
ATOM   599  N N   B LEU A 1 66  ? -4.768  10.743  2.730   0.23 16.30  ? 1044 LEU A N   1 
ATOM   600  N N   C LEU A 1 66  ? -4.773  10.730  2.718   0.14 16.68  ? 1044 LEU A N   1 
ATOM   601  C CA  A LEU A 1 66  ? -5.634  11.432  3.713   0.14 16.79  ? 1044 LEU A CA  1 
ATOM   602  C CA  B LEU A 1 66  ? -5.582  11.408  3.787   0.23 15.76  ? 1044 LEU A CA  1 
ATOM   603  C CA  C LEU A 1 66  ? -5.634  11.432  3.713   0.14 16.79  ? 1044 LEU A CA  1 
ATOM   604  C C   A LEU A 1 66  ? -6.646  10.454  4.318   0.14 16.44  ? 1044 LEU A C   1 
ATOM   605  C C   B LEU A 1 66  ? -6.508  10.396  4.450   0.23 16.04  ? 1044 LEU A C   1 
ATOM   606  C C   C LEU A 1 66  ? -6.646  10.454  4.318   0.14 16.44  ? 1044 LEU A C   1 
ATOM   607  O O   A LEU A 1 66  ? -7.419  10.878  5.206   0.14 16.06  ? 1044 LEU A O   1 
ATOM   608  O O   B LEU A 1 66  ? -7.049  10.734  5.528   0.23 14.47  ? 1044 LEU A O   1 
ATOM   609  O O   C LEU A 1 66  ? -7.419  10.878  5.206   0.14 16.06  ? 1044 LEU A O   1 
ATOM   610  C CB  A LEU A 1 66  ? -6.352  12.605  3.030   0.14 18.46  ? 1044 LEU A CB  1 
ATOM   611  C CB  B LEU A 1 66  ? -6.394  12.570  3.193   0.23 17.22  ? 1044 LEU A CB  1 
ATOM   612  C CB  C LEU A 1 66  ? -6.352  12.605  3.030   0.14 18.46  ? 1044 LEU A CB  1 
ATOM   613  C CG  A LEU A 1 66  ? -5.442  13.659  2.393   0.14 19.86  ? 1044 LEU A CG  1 
ATOM   614  C CG  B LEU A 1 66  ? -5.657  13.907  3.136   0.23 18.04  ? 1044 LEU A CG  1 
ATOM   615  C CG  C LEU A 1 66  ? -5.442  13.659  2.393   0.14 19.86  ? 1044 LEU A CG  1 
ATOM   616  C CD1 A LEU A 1 66  ? -6.250  14.852  1.903   0.14 21.29  ? 1044 LEU A CD1 1 
ATOM   617  C CD1 B LEU A 1 66  ? -4.530  13.853  2.118   0.23 18.58  ? 1044 LEU A CD1 1 
ATOM   618  C CD1 C LEU A 1 66  ? -6.250  14.852  1.903   0.14 21.29  ? 1044 LEU A CD1 1 
ATOM   619  C CD2 A LEU A 1 66  ? -4.365  14.114  3.365   0.14 19.89  ? 1044 LEU A CD2 1 
ATOM   620  C CD2 B LEU A 1 66  ? -6.621  15.034  2.811   0.23 19.32  ? 1044 LEU A CD2 1 
ATOM   621  C CD2 C LEU A 1 66  ? -4.365  14.114  3.365   0.14 19.89  ? 1044 LEU A CD2 1 
ATOM   622  N N   . THR A 1 67  ? -6.649  9.190   3.878   1.00 15.42  ? 1045 THR A N   1 
ATOM   623  C CA  . THR A 1 67  ? -7.524  8.154   4.445   1.00 14.76  ? 1045 THR A CA  1 
ATOM   624  C C   . THR A 1 67  ? -6.844  6.770   4.353   1.00 15.93  ? 1045 THR A C   1 
ATOM   625  O O   . THR A 1 67  ? -5.969  6.606   3.452   1.00 15.49  ? 1045 THR A O   1 
ATOM   626  C CB  . THR A 1 67  ? -8.882  8.043   3.777   1.00 16.75  ? 1045 THR A CB  1 
ATOM   627  O OG1 . THR A 1 67  ? -8.810  7.554   2.443   1.00 17.85  ? 1045 THR A OG1 1 
ATOM   628  C CG2 . THR A 1 67  ? -9.617  9.374   3.755   1.00 18.03  ? 1045 THR A CG2 1 
ATOM   629  N N   . VAL A 1 68  ? -7.264  5.818   5.169   1.00 15.24  ? 1046 VAL A N   1 
ATOM   630  C CA  . VAL A 1 68  ? -6.753  4.414   5.019   1.00 15.49  ? 1046 VAL A CA  1 
ATOM   631  C C   . VAL A 1 68  ? -7.284  3.859   3.714   1.00 15.32  ? 1046 VAL A C   1 
ATOM   632  O O   . VAL A 1 68  ? -6.573  3.026   3.071   1.00 15.94  ? 1046 VAL A O   1 
ATOM   633  C CB  . VAL A 1 68  ? -7.045  3.530   6.250   1.00 16.64  ? 1046 VAL A CB  1 
ATOM   634  C CG1 . VAL A 1 68  ? -6.448  2.120   6.126   1.00 18.89  ? 1046 VAL A CG1 1 
ATOM   635  C CG2 . VAL A 1 68  ? -6.472  4.172   7.520   1.00 18.97  ? 1046 VAL A CG2 1 
ATOM   636  N N   . LYS A 1 69  ? -8.478  4.213   3.243   1.00 16.50  ? 1047 LYS A N   1 
ATOM   637  C CA  . LYS A 1 69  ? -8.980  3.767   1.915   1.00 18.42  ? 1047 LYS A CA  1 
ATOM   638  C C   . LYS A 1 69  ? -8.001  4.107   0.766   1.00 17.51  ? 1047 LYS A C   1 
ATOM   639  O O   . LYS A 1 69  ? -7.722  3.231   -0.087  1.00 18.88  ? 1047 LYS A O   1 
ATOM   640  C CB  . LYS A 1 69  ? -10.392 4.353   1.731   1.00 23.30  ? 1047 LYS A CB  1 
ATOM   641  C CG  . LYS A 1 69  ? -11.109 3.805   0.521   1.00 33.40  ? 1047 LYS A CG  1 
ATOM   642  C CD  . LYS A 1 69  ? -12.615 4.154   0.502   1.00 43.80  ? 1047 LYS A CD  1 
ATOM   643  C CE  . LYS A 1 69  ? -13.493 3.078   1.111   1.00 54.01  ? 1047 LYS A CE  1 
ATOM   644  N NZ  . LYS A 1 69  ? -13.769 3.322   2.549   1.00 63.25  ? 1047 LYS A NZ  1 
ATOM   645  N N   A ASP A 1 70  ? -7.421  5.298   0.730   0.24 15.95  ? 1048 ASP A N   1 
ATOM   646  N N   B ASP A 1 70  ? -7.513  5.360   0.746   0.13 17.14  ? 1048 ASP A N   1 
ATOM   647  N N   C ASP A 1 70  ? -7.513  5.360   0.746   0.13 17.14  ? 1048 ASP A N   1 
ATOM   648  C CA  A ASP A 1 70  ? -6.501  5.678   -0.377  0.24 16.37  ? 1048 ASP A CA  1 
ATOM   649  C CA  B ASP A 1 70  ? -6.468  5.878   -0.188  0.13 17.46  ? 1048 ASP A CA  1 
ATOM   650  C CA  C ASP A 1 70  ? -6.468  5.878   -0.188  0.13 17.46  ? 1048 ASP A CA  1 
ATOM   651  C C   A ASP A 1 70  ? -5.153  4.926   -0.231  0.24 15.33  ? 1048 ASP A C   1 
ATOM   652  C C   B ASP A 1 70  ? -5.281  4.895   -0.191  0.13 16.34  ? 1048 ASP A C   1 
ATOM   653  C C   C ASP A 1 70  ? -5.281  4.895   -0.191  0.13 16.34  ? 1048 ASP A C   1 
ATOM   654  O O   A ASP A 1 70  ? -4.465  4.642   -1.267  0.24 13.93  ? 1048 ASP A O   1 
ATOM   655  O O   B ASP A 1 70  ? -4.886  4.423   -1.281  0.13 16.59  ? 1048 ASP A O   1 
ATOM   656  O O   C ASP A 1 70  ? -4.886  4.423   -1.281  0.13 16.59  ? 1048 ASP A O   1 
ATOM   657  C CB  A ASP A 1 70  ? -6.408  7.202   -0.430  0.24 17.42  ? 1048 ASP A CB  1 
ATOM   658  C CB  B ASP A 1 70  ? -5.947  7.278   0.203   0.13 18.70  ? 1048 ASP A CB  1 
ATOM   659  C CB  C ASP A 1 70  ? -5.947  7.278   0.203   0.13 18.70  ? 1048 ASP A CB  1 
ATOM   660  C CG  A ASP A 1 70  ? -7.649  7.893   -0.980  0.24 18.57  ? 1048 ASP A CG  1 
ATOM   661  C CG  B ASP A 1 70  ? -6.839  8.488   -0.083  0.13 19.99  ? 1048 ASP A CG  1 
ATOM   662  C CG  C ASP A 1 70  ? -6.839  8.488   -0.083  0.13 19.99  ? 1048 ASP A CG  1 
ATOM   663  O OD1 A ASP A 1 70  ? -8.614  7.196   -1.403  0.24 20.84  ? 1048 ASP A OD1 1 
ATOM   664  O OD1 B ASP A 1 70  ? -7.975  8.285   -0.585  0.13 21.30  ? 1048 ASP A OD1 1 
ATOM   665  O OD1 C ASP A 1 70  ? -7.975  8.285   -0.585  0.13 21.30  ? 1048 ASP A OD1 1 
ATOM   666  O OD2 A ASP A 1 70  ? -7.645  9.135   -0.976  0.24 18.54  ? 1048 ASP A OD2 1 
ATOM   667  O OD2 B ASP A 1 70  ? -6.375  9.656   0.191   0.13 19.96  ? 1048 ASP A OD2 1 
ATOM   668  O OD2 C ASP A 1 70  ? -6.375  9.656   0.191   0.13 19.96  ? 1048 ASP A OD2 1 
ATOM   669  N N   . TYR A 1 71  ? -4.734  4.619   0.997   1.00 15.03  ? 1049 TYR A N   1 
ATOM   670  C CA  . TYR A 1 71  ? -3.531  3.742   1.210   1.00 13.52  ? 1049 TYR A CA  1 
ATOM   671  C C   . TYR A 1 71  ? -3.818  2.325   0.664   1.00 14.05  ? 1049 TYR A C   1 
ATOM   672  O O   . TYR A 1 71  ? -2.930  1.753   -0.074  1.00 13.50  ? 1049 TYR A O   1 
ATOM   673  C CB  . TYR A 1 71  ? -3.185  3.707   2.697   1.00 13.17  ? 1049 TYR A CB  1 
ATOM   674  C CG  . TYR A 1 71  ? -2.167  2.679   3.107   1.00 12.99  ? 1049 TYR A CG  1 
ATOM   675  C CD1 . TYR A 1 71  ? -0.807  2.946   3.103   1.00 12.08  ? 1049 TYR A CD1 1 
ATOM   676  C CD2 . TYR A 1 71  ? -2.584  1.436   3.613   1.00 13.44  ? 1049 TYR A CD2 1 
ATOM   677  C CE1 . TYR A 1 71  ? 0.127   2.012   3.555   1.00 12.13  ? 1049 TYR A CE1 1 
ATOM   678  C CE2 . TYR A 1 71  ? -1.659  0.502   4.059   1.00 12.98  ? 1049 TYR A CE2 1 
ATOM   679  C CZ  . TYR A 1 71  ? -0.300  0.756   4.026   1.00 12.58  ? 1049 TYR A CZ  1 
ATOM   680  O OH  . TYR A 1 71  ? 0.640   -0.146  4.480   1.00 13.41  ? 1049 TYR A OH  1 
ATOM   681  N N   . LEU A 1 72  ? -4.963  1.758   1.004   1.00 15.12  ? 1050 LEU A N   1 
ATOM   682  C CA  . LEU A 1 72  ? -5.314  0.368   0.559   1.00 14.57  ? 1050 LEU A CA  1 
ATOM   683  C C   . LEU A 1 72  ? -5.445  0.318   -0.955  1.00 14.44  ? 1050 LEU A C   1 
ATOM   684  O O   . LEU A 1 72  ? -5.153  -0.781  -1.527  1.00 15.37  ? 1050 LEU A O   1 
ATOM   685  C CB  . LEU A 1 72  ? -6.517  -0.154  1.305   1.00 15.35  ? 1050 LEU A CB  1 
ATOM   686  C CG  . LEU A 1 72  ? -6.278  -0.531  2.764   1.00 16.77  ? 1050 LEU A CG  1 
ATOM   687  C CD1 . LEU A 1 72  ? -7.647  -0.832  3.412   1.00 19.65  ? 1050 LEU A CD1 1 
ATOM   688  C CD2 . LEU A 1 72  ? -5.327  -1.701  2.964   1.00 19.30  ? 1050 LEU A CD2 1 
ATOM   689  N N   . ARG A 1 73  ? -5.781  1.386   -1.660  1.00 14.45  ? 1051 ARG A N   1 
ATOM   690  C CA  . ARG A 1 73  ? -5.797  1.364   -3.140  1.00 16.19  ? 1051 ARG A CA  1 
ATOM   691  C C   . ARG A 1 73  ? -4.371  1.091   -3.647  1.00 15.67  ? 1051 ARG A C   1 
ATOM   692  O O   . ARG A 1 73  ? -4.264  0.345   -4.685  1.00 15.31  ? 1051 ARG A O   1 
ATOM   693  C CB  . ARG A 1 73  ? -6.343  2.675   -3.740  1.00 20.45  ? 1051 ARG A CB  1 
ATOM   694  C CG  . ARG A 1 73  ? -7.826  2.905   -3.528  1.00 29.51  ? 1051 ARG A CG  1 
ATOM   695  C CD  . ARG A 1 73  ? -8.226  4.213   -4.260  1.00 36.40  ? 1051 ARG A CD  1 
ATOM   696  N NE  . ARG A 1 73  ? -9.071  5.079   -3.447  1.00 50.39  ? 1051 ARG A NE  1 
ATOM   697  C CZ  . ARG A 1 73  ? -10.363 4.863   -3.194  1.00 63.72  ? 1051 ARG A CZ  1 
ATOM   698  N NH1 . ARG A 1 73  ? -10.972 3.798   -3.697  1.00 66.92  ? 1051 ARG A NH1 1 
ATOM   699  N NH2 . ARG A 1 73  ? -11.038 5.720   -2.441  1.00 70.17  ? 1051 ARG A NH2 1 
ATOM   700  N N   . ASP A 1 74  ? -3.314  1.589   -3.026  1.00 14.65  ? 1052 ASP A N   1 
ATOM   701  C CA  . ASP A 1 74  ? -1.914  1.343   -3.461  1.00 13.15  ? 1052 ASP A CA  1 
ATOM   702  C C   . ASP A 1 74  ? -1.501  -0.121  -3.061  1.00 13.02  ? 1052 ASP A C   1 
ATOM   703  O O   . ASP A 1 74  ? -0.732  -0.752  -3.837  1.00 13.40  ? 1052 ASP A O   1 
ATOM   704  C CB  . ASP A 1 74  ? -0.970  2.430   -3.006  1.00 13.22  ? 1052 ASP A CB  1 
ATOM   705  C CG  . ASP A 1 74  ? -0.925  3.630   -3.984  1.00 15.35  ? 1052 ASP A CG  1 
ATOM   706  O OD1 . ASP A 1 74  ? -1.378  3.454   -5.150  1.00 18.08  ? 1052 ASP A OD1 1 
ATOM   707  O OD2 . ASP A 1 74  ? -0.295  4.650   -3.603  1.00 15.03  ? 1052 ASP A OD2 1 
ATOM   708  N N   . ILE A 1 75  ? -1.892  -0.610  -1.895  1.00 13.15  ? 1053 ILE A N   1 
ATOM   709  C CA  . ILE A 1 75  ? -1.622  -2.046  -1.514  1.00 13.02  ? 1053 ILE A CA  1 
ATOM   710  C C   . ILE A 1 75  ? -2.313  -2.925  -2.573  1.00 13.93  ? 1053 ILE A C   1 
ATOM   711  O O   . ILE A 1 75  ? -1.672  -3.891  -3.099  1.00 14.84  ? 1053 ILE A O   1 
ATOM   712  C CB  . ILE A 1 75  ? -2.106  -2.393  -0.100  1.00 14.93  ? 1053 ILE A CB  1 
ATOM   713  C CG1 . ILE A 1 75  ? -1.404  -1.533  0.961   1.00 15.64  ? 1053 ILE A CG1 1 
ATOM   714  C CG2 . ILE A 1 75  ? -1.967  -3.905  0.130   1.00 17.45  ? 1053 ILE A CG2 1 
ATOM   715  C CD1 . ILE A 1 75  ? 0.106   -1.630  0.966   1.00 17.86  ? 1053 ILE A CD1 1 
ATOM   716  N N   . ASP A 1 76  ? -3.569  -2.652  -2.938  1.00 13.68  ? 1054 ASP A N   1 
ATOM   717  C CA  . ASP A 1 76  ? -4.300  -3.421  -3.966  1.00 14.76  ? 1054 ASP A CA  1 
ATOM   718  C C   . ASP A 1 76  ? -3.553  -3.332  -5.310  1.00 15.02  ? 1054 ASP A C   1 
ATOM   719  O O   . ASP A 1 76  ? -3.553  -4.362  -6.046  1.00 15.94  ? 1054 ASP A O   1 
ATOM   720  C CB  . ASP A 1 76  ? -5.741  -2.936  -4.122  1.00 16.78  ? 1054 ASP A CB  1 
ATOM   721  C CG  . ASP A 1 76  ? -6.683  -3.243  -2.973  1.00 20.57  ? 1054 ASP A CG  1 
ATOM   722  O OD1 . ASP A 1 76  ? -6.446  -4.170  -2.308  1.00 25.41  ? 1054 ASP A OD1 1 
ATOM   723  O OD2 . ASP A 1 76  ? -7.741  -2.621  -2.980  1.00 31.19  ? 1054 ASP A OD2 1 
ATOM   724  N N   . LEU A 1 77  ? -2.961  -2.198  -5.665  1.00 13.94  ? 1055 LEU A N   1 
ATOM   725  C CA  . LEU A 1 77  ? -2.204  -2.027  -6.939  1.00 14.66  ? 1055 LEU A CA  1 
ATOM   726  C C   . LEU A 1 77  ? -0.916  -2.878  -6.940  1.00 15.37  ? 1055 LEU A C   1 
ATOM   727  O O   . LEU A 1 77  ? -0.587  -3.533  -7.983  1.00 15.55  ? 1055 LEU A O   1 
ATOM   728  C CB  . LEU A 1 77  ? -1.936  -0.525  -7.151  1.00 14.73  ? 1055 LEU A CB  1 
ATOM   729  C CG  . LEU A 1 77  ? -1.175  -0.124  -8.416  1.00 16.45  ? 1055 LEU A CG  1 
ATOM   730  C CD1 . LEU A 1 77  ? -1.907  -0.528  -9.694  1.00 16.99  ? 1055 LEU A CD1 1 
ATOM   731  C CD2 . LEU A 1 77  ? -0.927  1.418   -8.421  1.00 16.88  ? 1055 LEU A CD2 1 
ATOM   732  N N   . ILE A 1 78  ? -0.190  -2.927  -5.826  1.00 14.07  ? 1056 ILE A N   1 
ATOM   733  C CA  . ILE A 1 78  ? 0.982   -3.839  -5.721  1.00 13.64  ? 1056 ILE A CA  1 
ATOM   734  C C   . ILE A 1 78  ? 0.535   -5.263  -6.054  1.00 14.55  ? 1056 ILE A C   1 
ATOM   735  O O   . ILE A 1 78  ? 1.242   -5.985  -6.888  1.00 15.20  ? 1056 ILE A O   1 
ATOM   736  C CB  . ILE A 1 78  ? 1.646   -3.751  -4.347  1.00 14.65  ? 1056 ILE A CB  1 
ATOM   737  C CG1 . ILE A 1 78  ? 2.266   -2.379  -4.058  1.00 14.49  ? 1056 ILE A CG1 1 
ATOM   738  C CG2 . ILE A 1 78  ? 2.708   -4.860  -4.191  1.00 16.40  ? 1056 ILE A CG2 1 
ATOM   739  C CD1 . ILE A 1 78  ? 2.777   -2.162  -2.636  1.00 15.27  ? 1056 ILE A CD1 1 
ATOM   740  N N   . CYS A 1 79  ? -0.549  -5.719  -5.458  1.00 13.45  ? 1057 CYS A N   1 
ATOM   741  C CA  . CYS A 1 79  ? -1.072  -7.114  -5.601  1.00 15.21  ? 1057 CYS A CA  1 
ATOM   742  C C   . CYS A 1 79  ? -1.547  -7.316  -7.049  1.00 16.98  ? 1057 CYS A C   1 
ATOM   743  O O   . CYS A 1 79  ? -1.123  -8.306  -7.744  1.00 16.41  ? 1057 CYS A O   1 
ATOM   744  C CB  . CYS A 1 79  ? -2.167  -7.394  -4.615  1.00 16.43  ? 1057 CYS A CB  1 
ATOM   745  S SG  . CYS A 1 79  ? -2.849  -9.075  -4.755  1.00 19.13  ? 1057 CYS A SG  1 
ATOM   746  N N   . SER A 1 80  ? -2.379  -6.420  -7.601  1.00 14.76  ? 1058 SER A N   1 
ATOM   747  C CA  . SER A 1 80  ? -2.947  -6.631  -8.962  1.00 15.57  ? 1058 SER A CA  1 
ATOM   748  C C   . SER A 1 80  ? -1.811  -6.580  -9.989  1.00 15.37  ? 1058 SER A C   1 
ATOM   749  O O   . SER A 1 80  ? -1.871  -7.388  -10.992 1.00 16.11  ? 1058 SER A O   1 
ATOM   750  C CB  . SER A 1 80  ? -4.116  -5.654  -9.204  1.00 18.79  ? 1058 SER A CB  1 
ATOM   751  O OG  . SER A 1 80  ? -3.688  -4.338  -9.245  1.00 23.10  ? 1058 SER A OG  1 
ATOM   752  N N   . ASN A 1 81  ? -0.807  -5.737  -9.879  1.00 14.60  ? 1059 ASN A N   1 
ATOM   753  C CA  . ASN A 1 81  ? 0.349   -5.658  -10.794 1.00 13.61  ? 1059 ASN A CA  1 
ATOM   754  C C   . ASN A 1 81  ? 1.059   -7.051  -10.830 1.00 17.03  ? 1059 ASN A C   1 
ATOM   755  O O   . ASN A 1 81  ? 1.414   -7.563  -11.913 1.00 16.24  ? 1059 ASN A O   1 
ATOM   756  C CB  . ASN A 1 81  ? 1.324   -4.541  -10.447 1.00 13.81  ? 1059 ASN A CB  1 
ATOM   757  C CG  . ASN A 1 81  ? 0.832   -3.116  -10.770 1.00 12.87  ? 1059 ASN A CG  1 
ATOM   758  O OD1 . ASN A 1 81  ? -0.137  -2.966  -11.507 1.00 16.30  ? 1059 ASN A OD1 1 
ATOM   759  N ND2 . ASN A 1 81  ? 1.610   -2.145  -10.251 1.00 15.72  ? 1059 ASN A ND2 1 
ATOM   760  N N   . ALA A 1 82  ? 1.279   -7.669  -9.668  1.00 16.11  ? 1060 ALA A N   1 
ATOM   761  C CA  . ALA A 1 82  ? 1.954   -8.994  -9.592  1.00 16.72  ? 1060 ALA A CA  1 
ATOM   762  C C   . ALA A 1 82  ? 1.068   -10.042 -10.266 1.00 17.04  ? 1060 ALA A C   1 
ATOM   763  O O   . ALA A 1 82  ? 1.667   -10.920 -10.978 1.00 18.22  ? 1060 ALA A O   1 
ATOM   764  C CB  . ALA A 1 82  ? 2.259   -9.337  -8.130  1.00 15.37  ? 1060 ALA A CB  1 
ATOM   765  N N   . LEU A 1 83  ? -0.218  -10.087 -10.051 1.00 17.31  ? 1061 LEU A N   1 
ATOM   766  C CA  . LEU A 1 83  ? -1.159  -11.067 -10.652 1.00 17.57  ? 1061 LEU A CA  1 
ATOM   767  C C   . LEU A 1 83  ? -1.162  -10.920 -12.187 1.00 21.10  ? 1061 LEU A C   1 
ATOM   768  O O   . LEU A 1 83  ? -1.202  -11.963 -12.903 1.00 22.21  ? 1061 LEU A O   1 
ATOM   769  C CB  . LEU A 1 83  ? -2.559  -10.978 -10.092 1.00 20.28  ? 1061 LEU A CB  1 
ATOM   770  C CG  . LEU A 1 83  ? -2.731  -11.047 -8.572  1.00 23.42  ? 1061 LEU A CG  1 
ATOM   771  C CD1 . LEU A 1 83  ? -4.199  -11.030 -8.212  1.00 24.42  ? 1061 LEU A CD1 1 
ATOM   772  C CD2 . LEU A 1 83  ? -2.017  -12.220 -7.938  1.00 25.35  ? 1061 LEU A CD2 1 
ATOM   773  N N   A GLU A 1 84  ? -1.131  -9.668  -12.675 0.14 20.67  ? 1062 GLU A N   1 
ATOM   774  N N   B GLU A 1 84  ? -1.093  -9.692  -12.704 0.23 18.44  ? 1062 GLU A N   1 
ATOM   775  N N   C GLU A 1 84  ? -1.131  -9.668  -12.675 0.14 20.67  ? 1062 GLU A N   1 
ATOM   776  C CA  A GLU A 1 84  ? -1.168  -9.299  -14.125 0.14 22.01  ? 1062 GLU A CA  1 
ATOM   777  C CA  B GLU A 1 84  ? -1.202  -9.449  -14.173 0.23 18.82  ? 1062 GLU A CA  1 
ATOM   778  C CA  C GLU A 1 84  ? -1.168  -9.299  -14.125 0.14 22.01  ? 1062 GLU A CA  1 
ATOM   779  C C   A GLU A 1 84  ? 0.118   -9.737  -14.833 0.14 20.69  ? 1062 GLU A C   1 
ATOM   780  C C   B GLU A 1 84  ? 0.141   -9.683  -14.887 0.23 18.71  ? 1062 GLU A C   1 
ATOM   781  C C   C GLU A 1 84  ? 0.118   -9.737  -14.833 0.14 20.69  ? 1062 GLU A C   1 
ATOM   782  O O   A GLU A 1 84  ? -0.004  -10.362 -15.921 0.14 21.44  ? 1062 GLU A O   1 
ATOM   783  O O   B GLU A 1 84  ? 0.107   -10.151 -16.036 0.23 18.29  ? 1062 GLU A O   1 
ATOM   784  O O   C GLU A 1 84  ? -0.004  -10.362 -15.921 0.14 21.44  ? 1062 GLU A O   1 
ATOM   785  C CB  A GLU A 1 84  ? -1.346  -7.785  -14.324 0.14 23.95  ? 1062 GLU A CB  1 
ATOM   786  C CB  B GLU A 1 84  ? -1.785  -8.052  -14.428 0.23 18.90  ? 1062 GLU A CB  1 
ATOM   787  C CB  C GLU A 1 84  ? -1.346  -7.785  -14.324 0.14 23.95  ? 1062 GLU A CB  1 
ATOM   788  C CG  A GLU A 1 84  ? -1.441  -7.353  -15.787 0.14 26.19  ? 1062 GLU A CG  1 
ATOM   789  C CG  B GLU A 1 84  ? -3.175  -7.887  -13.847 0.23 19.95  ? 1062 GLU A CG  1 
ATOM   790  C CG  C GLU A 1 84  ? -1.441  -7.353  -15.787 0.14 26.19  ? 1062 GLU A CG  1 
ATOM   791  C CD  A GLU A 1 84  ? -1.719  -5.874  -16.059 0.14 28.83  ? 1062 GLU A CD  1 
ATOM   792  C CD  B GLU A 1 84  ? -3.687  -6.465  -13.631 0.23 21.69  ? 1062 GLU A CD  1 
ATOM   793  C CD  C GLU A 1 84  ? -1.719  -5.874  -16.059 0.14 28.83  ? 1062 GLU A CD  1 
ATOM   794  O OE1 A GLU A 1 84  ? -1.763  -5.492  -17.246 0.14 31.61  ? 1062 GLU A OE1 1 
ATOM   795  O OE1 B GLU A 1 84  ? -2.972  -5.511  -13.978 0.23 22.53  ? 1062 GLU A OE1 1 
ATOM   796  O OE1 C GLU A 1 84  ? -1.763  -5.492  -17.246 0.14 31.61  ? 1062 GLU A OE1 1 
ATOM   797  O OE2 A GLU A 1 84  ? -1.900  -5.108  -15.102 0.14 29.16  ? 1062 GLU A OE2 1 
ATOM   798  O OE2 B GLU A 1 84  ? -4.811  -6.322  -13.098 0.23 23.71  ? 1062 GLU A OE2 1 
ATOM   799  O OE2 C GLU A 1 84  ? -1.900  -5.108  -15.102 0.14 29.16  ? 1062 GLU A OE2 1 
ATOM   800  N N   . TYR A 1 85  ? 1.281   -9.377  -14.275 1.00 18.71  ? 1063 TYR A N   1 
ATOM   801  C CA  . TYR A 1 85  ? 2.598   -9.574  -14.901 1.00 19.54  ? 1063 TYR A CA  1 
ATOM   802  C C   . TYR A 1 85  ? 2.981   -11.070 -14.842 1.00 21.40  ? 1063 TYR A C   1 
ATOM   803  O O   . TYR A 1 85  ? 3.837   -11.445 -15.668 1.00 21.14  ? 1063 TYR A O   1 
ATOM   804  C CB  . TYR A 1 85  ? 3.705   -8.732  -14.296 1.00 19.78  ? 1063 TYR A CB  1 
ATOM   805  C CG  . TYR A 1 85  ? 4.969   -8.726  -15.110 1.00 22.48  ? 1063 TYR A CG  1 
ATOM   806  C CD1 . TYR A 1 85  ? 4.981   -8.040  -16.318 1.00 25.09  ? 1063 TYR A CD1 1 
ATOM   807  C CD2 . TYR A 1 85  ? 6.114   -9.400  -14.727 1.00 24.91  ? 1063 TYR A CD2 1 
ATOM   808  C CE1 . TYR A 1 85  ? 6.110   -8.036  -17.124 1.00 27.07  ? 1063 TYR A CE1 1 
ATOM   809  C CE2 . TYR A 1 85  ? 7.238   -9.437  -15.543 1.00 29.31  ? 1063 TYR A CE2 1 
ATOM   810  C CZ  . TYR A 1 85  ? 7.230   -8.757  -16.743 1.00 30.55  ? 1063 TYR A CZ  1 
ATOM   811  O OH  . TYR A 1 85  ? 8.362   -8.759  -17.519 1.00 39.17  ? 1063 TYR A OH  1 
ATOM   812  N N   . ASN A 1 86  ? 2.502   -11.794 -13.832 1.00 18.98  ? 1064 ASN A N   1 
ATOM   813  C CA  . ASN A 1 86  ? 3.011   -13.200 -13.594 1.00 19.13  ? 1064 ASN A CA  1 
ATOM   814  C C   . ASN A 1 86  ? 1.835   -14.160 -13.631 1.00 17.70  ? 1064 ASN A C   1 
ATOM   815  O O   . ASN A 1 86  ? 1.486   -14.748 -12.577 1.00 18.73  ? 1064 ASN A O   1 
ATOM   816  C CB  . ASN A 1 86  ? 3.810   -13.238 -12.270 1.00 18.27  ? 1064 ASN A CB  1 
ATOM   817  C CG  . ASN A 1 86  ? 4.951   -12.264 -12.155 1.00 19.74  ? 1064 ASN A CG  1 
ATOM   818  O OD1 . ASN A 1 86  ? 6.034   -12.466 -12.677 1.00 24.57  ? 1064 ASN A OD1 1 
ATOM   819  N ND2 . ASN A 1 86  ? 4.721   -11.132 -11.463 1.00 19.76  ? 1064 ASN A ND2 1 
ATOM   820  N N   . PRO A 1 87  ? 1.085   -14.385 -14.745 1.00 19.21  ? 1065 PRO A N   1 
ATOM   821  C CA  . PRO A 1 87  ? -0.167  -15.130 -14.723 1.00 18.73  ? 1065 PRO A CA  1 
ATOM   822  C C   . PRO A 1 87  ? -0.119  -16.653 -15.031 1.00 18.20  ? 1065 PRO A C   1 
ATOM   823  O O   . PRO A 1 87  ? -1.180  -17.265 -15.033 1.00 21.63  ? 1065 PRO A O   1 
ATOM   824  C CB  . PRO A 1 87  ? -0.977  -14.452 -15.839 1.00 22.43  ? 1065 PRO A CB  1 
ATOM   825  C CG  . PRO A 1 87  ? 0.082   -14.082 -16.827 1.00 20.81  ? 1065 PRO A CG  1 
ATOM   826  C CD  . PRO A 1 87  ? 1.344   -13.759 -16.079 1.00 21.15  ? 1065 PRO A CD  1 
ATOM   827  N N   . ASP A 1 88  ? 1.083   -17.157 -15.248 1.00 21.02  ? 1066 ASP A N   1 
ATOM   828  C CA  . ASP A 1 88  ? 1.275   -18.517 -15.839 1.00 22.53  ? 1066 ASP A CA  1 
ATOM   829  C C   . ASP A 1 88  ? 1.230   -19.616 -14.765 1.00 23.90  ? 1066 ASP A C   1 
ATOM   830  O O   . ASP A 1 88  ? 1.250   -19.316 -13.529 1.00 19.93  ? 1066 ASP A O   1 
ATOM   831  C CB  . ASP A 1 88  ? 2.596   -18.514 -16.587 1.00 22.58  ? 1066 ASP A CB  1 
ATOM   832  C CG  . ASP A 1 88  ? 2.653   -17.655 -17.852 1.00 29.20  ? 1066 ASP A CG  1 
ATOM   833  O OD1 . ASP A 1 88  ? 1.601   -17.110 -18.279 1.00 29.38  ? 1066 ASP A OD1 1 
ATOM   834  O OD2 . ASP A 1 88  ? 3.795   -17.481 -18.347 1.00 35.00  ? 1066 ASP A OD2 1 
ATOM   835  N N   . ARG A 1 89  ? 1.238   -20.900 -15.196 1.00 21.04  ? 1067 ARG A N   1 
ATOM   836  C CA  . ARG A 1 89  ? 1.051   -22.064 -14.269 1.00 20.56  ? 1067 ARG A CA  1 
ATOM   837  C C   . ARG A 1 89  ? 2.379   -22.497 -13.650 1.00 20.27  ? 1067 ARG A C   1 
ATOM   838  O O   . ARG A 1 89  ? 2.314   -23.288 -12.709 1.00 21.27  ? 1067 ARG A O   1 
ATOM   839  C CB  . ARG A 1 89  ? 0.338   -23.273 -14.919 1.00 23.54  ? 1067 ARG A CB  1 
ATOM   840  C CG  . ARG A 1 89  ? 1.115   -24.093 -15.953 1.00 28.93  ? 1067 ARG A CG  1 
ATOM   841  C CD  . ARG A 1 89  ? 1.849   -25.366 -15.453 1.00 21.82  ? 1067 ARG A CD  1 
ATOM   842  N NE  . ARG A 1 89  ? 1.168   -26.088 -14.357 1.00 25.70  ? 1067 ARG A NE  1 
ATOM   843  C CZ  . ARG A 1 89  ? 1.876   -26.793 -13.402 1.00 23.04  ? 1067 ARG A CZ  1 
ATOM   844  N NH1 . ARG A 1 89  ? 1.224   -27.523 -12.473 1.00 19.50  ? 1067 ARG A NH1 1 
ATOM   845  N NH2 . ARG A 1 89  ? 3.210   -26.732 -13.471 1.00 21.19  ? 1067 ARG A NH2 1 
ATOM   846  N N   . ASP A 1 90  ? 3.470   -21.988 -14.100 1.00 20.06  ? 1068 ASP A N   1 
ATOM   847  C CA  . ASP A 1 90  ? 4.759   -22.468 -13.609 1.00 23.74  ? 1068 ASP A CA  1 
ATOM   848  C C   . ASP A 1 90  ? 5.022   -21.984 -12.187 1.00 24.20  ? 1068 ASP A C   1 
ATOM   849  O O   . ASP A 1 90  ? 4.430   -21.011 -11.720 1.00 20.89  ? 1068 ASP A O   1 
ATOM   850  C CB  . ASP A 1 90  ? 5.900   -22.005 -14.464 1.00 24.97  ? 1068 ASP A CB  1 
ATOM   851  C CG  . ASP A 1 90  ? 6.078   -20.517 -14.519 1.00 31.35  ? 1068 ASP A CG  1 
ATOM   852  O OD1 . ASP A 1 90  ? 5.477   -19.933 -15.437 1.00 43.16  ? 1068 ASP A OD1 1 
ATOM   853  O OD2 . ASP A 1 90  ? 6.827   -19.969 -13.660 1.00 37.34  ? 1068 ASP A OD2 1 
ATOM   854  N N   . PRO A 1 91  ? 5.863   -22.725 -11.473 1.00 19.67  ? 1069 PRO A N   1 
ATOM   855  C CA  . PRO A 1 91  ? 6.087   -22.478 -10.056 1.00 17.78  ? 1069 PRO A CA  1 
ATOM   856  C C   . PRO A 1 91  ? 6.542   -21.039 -9.737  1.00 18.16  ? 1069 PRO A C   1 
ATOM   857  O O   . PRO A 1 91  ? 6.181   -20.555 -8.646  1.00 17.05  ? 1069 PRO A O   1 
ATOM   858  C CB  . PRO A 1 91  ? 7.119   -23.513 -9.626  1.00 20.54  ? 1069 PRO A CB  1 
ATOM   859  C CG  . PRO A 1 91  ? 6.984   -24.619 -10.652 1.00 24.59  ? 1069 PRO A CG  1 
ATOM   860  C CD  . PRO A 1 91  ? 6.515   -23.986 -11.931 1.00 21.37  ? 1069 PRO A CD  1 
ATOM   861  N N   . GLY A 1 92  ? 7.399   -20.399 -10.533 1.00 18.86  ? 1070 GLY A N   1 
ATOM   862  C CA  . GLY A 1 92  ? 7.904   -19.053 -10.185 1.00 18.02  ? 1070 GLY A CA  1 
ATOM   863  C C   . GLY A 1 92  ? 6.725   -18.080 -10.214 1.00 18.91  ? 1070 GLY A C   1 
ATOM   864  O O   . GLY A 1 92  ? 6.567   -17.238 -9.247  1.00 17.77  ? 1070 GLY A O   1 
ATOM   865  N N   . ASP A 1 93  ? 5.840   -18.180 -11.204 1.00 19.51  ? 1071 ASP A N   1 
ATOM   866  C CA  . ASP A 1 93  ? 4.649   -17.264 -11.285 1.00 18.85  ? 1071 ASP A CA  1 
ATOM   867  C C   . ASP A 1 93  ? 3.675   -17.599 -10.153 1.00 17.96  ? 1071 ASP A C   1 
ATOM   868  O O   . ASP A 1 93  ? 3.125   -16.664 -9.459  1.00 18.26  ? 1071 ASP A O   1 
ATOM   869  C CB  . ASP A 1 93  ? 3.934   -17.307 -12.634 1.00 18.29  ? 1071 ASP A CB  1 
ATOM   870  C CG  . ASP A 1 93  ? 4.659   -16.575 -13.764 1.00 18.92  ? 1071 ASP A CG  1 
ATOM   871  O OD1 . ASP A 1 93  ? 5.869   -16.271 -13.631 1.00 22.43  ? 1071 ASP A OD1 1 
ATOM   872  O OD2 . ASP A 1 93  ? 3.933   -16.211 -14.754 1.00 21.33  ? 1071 ASP A OD2 1 
ATOM   873  N N   . ARG A 1 94  ? 3.421   -18.877 -9.829  1.00 16.37  ? 1072 ARG A N   1 
ATOM   874  C CA  . ARG A 1 94  ? 2.467   -19.240 -8.766  1.00 17.68  ? 1072 ARG A CA  1 
ATOM   875  C C   . ARG A 1 94  ? 3.014   -18.739 -7.402  1.00 15.60  ? 1072 ARG A C   1 
ATOM   876  O O   . ARG A 1 94  ? 2.147   -18.370 -6.577  1.00 16.81  ? 1072 ARG A O   1 
ATOM   877  C CB  . ARG A 1 94  ? 2.123   -20.733 -8.758  1.00 18.30  ? 1072 ARG A CB  1 
ATOM   878  C CG  . ARG A 1 94  ? 1.206   -21.096 -9.914  1.00 21.84  ? 1072 ARG A CG  1 
ATOM   879  C CD  . ARG A 1 94  ? 0.812   -22.555 -9.951  1.00 28.00  ? 1072 ARG A CD  1 
ATOM   880  N NE  . ARG A 1 94  ? -0.277  -22.848 -10.905 1.00 31.12  ? 1072 ARG A NE  1 
ATOM   881  C CZ  . ARG A 1 94  ? -0.615  -24.084 -11.315 1.00 44.97  ? 1072 ARG A CZ  1 
ATOM   882  N NH1 . ARG A 1 94  ? 0.070   -25.137 -10.895 1.00 52.96  ? 1072 ARG A NH1 1 
ATOM   883  N NH2 . ARG A 1 94  ? -1.646  -24.270 -12.126 1.00 41.82  ? 1072 ARG A NH2 1 
ATOM   884  N N   . LEU A 1 95  ? 4.301   -18.805 -7.175  1.00 14.97  ? 1073 LEU A N   1 
ATOM   885  C CA  . LEU A 1 95  ? 4.894   -18.383 -5.881  1.00 14.64  ? 1073 LEU A CA  1 
ATOM   886  C C   . LEU A 1 95  ? 4.682   -16.867 -5.708  1.00 16.32  ? 1073 LEU A C   1 
ATOM   887  O O   . LEU A 1 95  ? 4.224   -16.439 -4.621  1.00 15.87  ? 1073 LEU A O   1 
ATOM   888  C CB  . LEU A 1 95  ? 6.344   -18.765 -5.740  1.00 14.81  ? 1073 LEU A CB  1 
ATOM   889  C CG  . LEU A 1 95  ? 7.061   -18.322 -4.469  1.00 14.85  ? 1073 LEU A CG  1 
ATOM   890  C CD1 . LEU A 1 95  ? 6.459   -18.900 -3.225  1.00 15.15  ? 1073 LEU A CD1 1 
ATOM   891  C CD2 . LEU A 1 95  ? 8.526   -18.637 -4.574  1.00 17.46  ? 1073 LEU A CD2 1 
ATOM   892  N N   A ILE A 1 96  ? 4.973   -16.067 -6.742  0.15 16.76  ? 1074 ILE A N   1 
ATOM   893  N N   B ILE A 1 96  ? 4.948   -16.060 -6.735  0.21 15.96  ? 1074 ILE A N   1 
ATOM   894  N N   C ILE A 1 96  ? 4.973   -16.067 -6.742  0.15 16.76  ? 1074 ILE A N   1 
ATOM   895  C CA  A ILE A 1 96  ? 4.789   -14.579 -6.689  0.15 16.92  ? 1074 ILE A CA  1 
ATOM   896  C CA  B ILE A 1 96  ? 4.780   -14.580 -6.564  0.21 15.30  ? 1074 ILE A CA  1 
ATOM   897  C CA  C ILE A 1 96  ? 4.789   -14.579 -6.689  0.15 16.92  ? 1074 ILE A CA  1 
ATOM   898  C C   A ILE A 1 96  ? 3.312   -14.236 -6.454  0.15 17.02  ? 1074 ILE A C   1 
ATOM   899  C C   B ILE A 1 96  ? 3.288   -14.225 -6.436  0.21 16.13  ? 1074 ILE A C   1 
ATOM   900  C C   C ILE A 1 96  ? 3.312   -14.236 -6.454  0.15 17.02  ? 1074 ILE A C   1 
ATOM   901  O O   A ILE A 1 96  ? 3.030   -13.286 -5.666  0.15 16.93  ? 1074 ILE A O   1 
ATOM   902  O O   B ILE A 1 96  ? 2.944   -13.288 -5.650  0.21 15.15  ? 1074 ILE A O   1 
ATOM   903  O O   C ILE A 1 96  ? 3.030   -13.286 -5.666  0.15 16.93  ? 1074 ILE A O   1 
ATOM   904  C CB  A ILE A 1 96  ? 5.319   -13.885 -7.960  0.15 17.43  ? 1074 ILE A CB  1 
ATOM   905  C CB  B ILE A 1 96  ? 5.499   -13.781 -7.666  0.21 14.74  ? 1074 ILE A CB  1 
ATOM   906  C CB  C ILE A 1 96  ? 5.319   -13.885 -7.960  0.15 17.43  ? 1074 ILE A CB  1 
ATOM   907  C CG1 A ILE A 1 96  ? 6.836   -14.011 -8.080  0.15 18.02  ? 1074 ILE A CG1 1 
ATOM   908  C CG1 B ILE A 1 96  ? 5.734   -12.345 -7.187  0.21 14.54  ? 1074 ILE A CG1 1 
ATOM   909  C CG1 C ILE A 1 96  ? 6.836   -14.011 -8.080  0.15 18.02  ? 1074 ILE A CG1 1 
ATOM   910  C CG2 A ILE A 1 96  ? 4.872   -12.426 -7.986  0.15 17.55  ? 1074 ILE A CG2 1 
ATOM   911  C CG2 B ILE A 1 96  ? 4.735   -13.826 -8.984  0.21 14.74  ? 1074 ILE A CG2 1 
ATOM   912  C CG2 C ILE A 1 96  ? 4.872   -12.426 -7.986  0.15 17.55  ? 1074 ILE A CG2 1 
ATOM   913  C CD1 A ILE A 1 96  ? 7.372   -13.714 -9.460  0.15 19.36  ? 1074 ILE A CD1 1 
ATOM   914  C CD1 B ILE A 1 96  ? 6.601   -11.560 -8.106  0.21 15.10  ? 1074 ILE A CD1 1 
ATOM   915  C CD1 C ILE A 1 96  ? 7.372   -13.714 -9.460  0.15 19.36  ? 1074 ILE A CD1 1 
ATOM   916  N N   . ARG A 1 97  ? 2.395   -14.921 -7.146  1.00 16.10  ? 1075 ARG A N   1 
ATOM   917  C CA  . ARG A 1 97  ? 0.932   -14.690 -6.972  1.00 15.97  ? 1075 ARG A CA  1 
ATOM   918  C C   . ARG A 1 97  ? 0.540   -15.017 -5.518  1.00 17.11  ? 1075 ARG A C   1 
ATOM   919  O O   . ARG A 1 97  ? -0.293  -14.276 -4.904  1.00 16.39  ? 1075 ARG A O   1 
ATOM   920  C CB  . ARG A 1 97  ? 0.055   -15.389 -7.998  1.00 17.90  ? 1075 ARG A CB  1 
ATOM   921  C CG  . ARG A 1 97  ? 0.302   -14.886 -9.415  1.00 17.79  ? 1075 ARG A CG  1 
ATOM   922  C CD  . ARG A 1 97  ? -0.877  -15.179 -10.309 1.00 20.84  ? 1075 ARG A CD  1 
ATOM   923  N NE  . ARG A 1 97  ? -1.369  -16.539 -10.345 1.00 22.54  ? 1075 ARG A NE  1 
ATOM   924  C CZ  . ARG A 1 97  ? -0.795  -17.511 -11.091 1.00 21.54  ? 1075 ARG A CZ  1 
ATOM   925  N NH1 . ARG A 1 97  ? 0.286   -17.260 -11.802 1.00 19.88  ? 1075 ARG A NH1 1 
ATOM   926  N NH2 . ARG A 1 97  ? -1.309  -18.728 -11.101 1.00 26.01  ? 1075 ARG A NH2 1 
ATOM   927  N N   . HIS A 1 98  ? 1.013   -16.162 -4.967  1.00 14.62  ? 1076 HIS A N   1 
ATOM   928  C CA  . HIS A 1 98  ? 0.621   -16.527 -3.594  1.00 15.37  ? 1076 HIS A CA  1 
ATOM   929  C C   . HIS A 1 98  ? 1.135   -15.436 -2.610  1.00 15.40  ? 1076 HIS A C   1 
ATOM   930  O O   . HIS A 1 98  ? 0.348   -15.092 -1.658  1.00 15.80  ? 1076 HIS A O   1 
ATOM   931  C CB  . HIS A 1 98  ? 1.153   -17.930 -3.267  1.00 15.20  ? 1076 HIS A CB  1 
ATOM   932  C CG  . HIS A 1 98  ? 0.607   -18.521 -1.998  1.00 16.92  ? 1076 HIS A CG  1 
ATOM   933  N ND1 . HIS A 1 98  ? 1.246   -18.373 -0.765  1.00 18.24  ? 1076 HIS A ND1 1 
ATOM   934  C CD2 . HIS A 1 98  ? -0.526  -19.210 -1.746  1.00 17.38  ? 1076 HIS A CD2 1 
ATOM   935  C CE1 . HIS A 1 98  ? 0.506   -18.981 0.171   1.00 18.83  ? 1076 HIS A CE1 1 
ATOM   936  N NE2 . HIS A 1 98  ? -0.590  -19.505 -0.383  1.00 17.98  ? 1076 HIS A NE2 1 
ATOM   937  N N   . ARG A 1 99  ? 2.352   -14.975 -2.793  1.00 14.26  ? 1077 ARG A N   1 
ATOM   938  C CA  . ARG A 1 99  ? 2.965   -13.910 -1.935  1.00 13.01  ? 1077 ARG A CA  1 
ATOM   939  C C   . ARG A 1 99  ? 2.143   -12.618 -2.101  1.00 15.78  ? 1077 ARG A C   1 
ATOM   940  O O   . ARG A 1 99  ? 1.941   -11.922 -1.065  1.00 15.06  ? 1077 ARG A O   1 
ATOM   941  C CB  . ARG A 1 99  ? 4.446   -13.735 -2.198  1.00 15.05  ? 1077 ARG A CB  1 
ATOM   942  C CG  . ARG A 1 99  ? 5.283   -14.969 -1.819  1.00 15.87  ? 1077 ARG A CG  1 
ATOM   943  C CD  . ARG A 1 99  ? 6.675   -14.891 -2.318  1.00 15.73  ? 1077 ARG A CD  1 
ATOM   944  N NE  . ARG A 1 99  ? 7.579   -15.815 -1.620  1.00 16.54  ? 1077 ARG A NE  1 
ATOM   945  C CZ  . ARG A 1 99  ? 8.846   -15.968 -1.901  1.00 17.08  ? 1077 ARG A CZ  1 
ATOM   946  N NH1 . ARG A 1 99  ? 9.379   -15.380 -2.945  1.00 18.95  ? 1077 ARG A NH1 1 
ATOM   947  N NH2 . ARG A 1 99  ? 9.597   -16.797 -1.175  1.00 21.55  ? 1077 ARG A NH2 1 
ATOM   948  N N   . ALA A 1 100 ? 1.784   -12.236 -3.326  1.00 15.10  ? 1078 ALA A N   1 
ATOM   949  C CA  . ALA A 1 100 ? 0.999   -10.985 -3.548  1.00 16.44  ? 1078 ALA A CA  1 
ATOM   950  C C   . ALA A 1 100 ? -0.326  -11.060 -2.815  1.00 16.46  ? 1078 ALA A C   1 
ATOM   951  O O   . ALA A 1 100 ? -0.746  -10.001 -2.174  1.00 17.16  ? 1078 ALA A O   1 
ATOM   952  C CB  . ALA A 1 100 ? 0.770   -10.777 -5.047  1.00 16.75  ? 1078 ALA A CB  1 
ATOM   953  N N   . CYS A 1 101 ? -1.071  -12.164 -2.880  1.00 15.57  ? 1079 CYS A N   1 
ATOM   954  C CA  . CYS A 1 101 ? -2.345  -12.357 -2.196  1.00 16.18  ? 1079 CYS A CA  1 
ATOM   955  C C   . CYS A 1 101 ? -2.102  -12.298 -0.682  1.00 16.12  ? 1079 CYS A C   1 
ATOM   956  O O   . CYS A 1 101 ? -2.934  -11.717 0.064   1.00 17.64  ? 1079 CYS A O   1 
ATOM   957  C CB  . CYS A 1 101 ? -3.008  -13.651 -2.620  1.00 20.23  ? 1079 CYS A CB  1 
ATOM   958  S SG  . CYS A 1 101 ? -3.679  -13.523 -4.310  1.00 24.43  ? 1079 CYS A SG  1 
ATOM   959  N N   . ALA A 1 102 ? -1.011  -12.866 -0.187  1.00 16.26  ? 1080 ALA A N   1 
ATOM   960  C CA  . ALA A 1 102 ? -0.674  -12.865 1.265   1.00 16.53  ? 1080 ALA A CA  1 
ATOM   961  C C   . ALA A 1 102 ? -0.364  -11.419 1.699   1.00 15.88  ? 1080 ALA A C   1 
ATOM   962  O O   . ALA A 1 102 ? -0.783  -11.045 2.842   1.00 16.43  ? 1080 ALA A O   1 
ATOM   963  C CB  . ALA A 1 102 ? 0.462   -13.805 1.603   1.00 16.38  ? 1080 ALA A CB  1 
ATOM   964  N N   . LEU A 1 103 ? 0.321   -10.623 0.888   1.00 15.76  ? 1081 LEU A N   1 
ATOM   965  C CA  . LEU A 1 103 ? 0.609   -9.187  1.253   1.00 15.06  ? 1081 LEU A CA  1 
ATOM   966  C C   . LEU A 1 103 ? -0.727  -8.460  1.401   1.00 15.43  ? 1081 LEU A C   1 
ATOM   967  O O   . LEU A 1 103 ? -0.927  -7.743  2.467   1.00 15.09  ? 1081 LEU A O   1 
ATOM   968  C CB  . LEU A 1 103 ? 1.446   -8.544  0.134   1.00 15.27  ? 1081 LEU A CB  1 
ATOM   969  C CG  . LEU A 1 103 ? 1.652   -7.045  0.308   1.00 17.97  ? 1081 LEU A CG  1 
ATOM   970  C CD1 . LEU A 1 103 ? 2.609   -6.809  1.386   1.00 20.37  ? 1081 LEU A CD1 1 
ATOM   971  C CD2 . LEU A 1 103 ? 2.103   -6.415  -1.014  1.00 22.40  ? 1081 LEU A CD2 1 
ATOM   972  N N   . ARG A 1 104 ? -1.637  -8.594  0.453   1.00 15.59  ? 1082 ARG A N   1 
ATOM   973  C CA  . ARG A 1 104 ? -2.955  -7.924  0.488   1.00 15.38  ? 1082 ARG A CA  1 
ATOM   974  C C   . ARG A 1 104 ? -3.749  -8.387  1.703   1.00 15.92  ? 1082 ARG A C   1 
ATOM   975  O O   . ARG A 1 104 ? -4.237  -7.517  2.515   1.00 16.20  ? 1082 ARG A O   1 
ATOM   976  C CB  . ARG A 1 104 ? -3.686  -8.157  -0.838  1.00 18.16  ? 1082 ARG A CB  1 
ATOM   977  C CG  . ARG A 1 104 ? -5.116  -7.613  -0.895  1.00 21.95  ? 1082 ARG A CG  1 
ATOM   978  C CD  . ARG A 1 104 ? -5.903  -8.385  -2.005  1.00 31.10  ? 1082 ARG A CD  1 
ATOM   979  N NE  . ARG A 1 104 ? -6.041  -9.828  -1.571  1.00 38.28  ? 1082 ARG A NE  1 
ATOM   980  C CZ  . ARG A 1 104 ? -6.267  -10.899 -2.343  1.00 39.35  ? 1082 ARG A CZ  1 
ATOM   981  N NH1 . ARG A 1 104 ? -6.378  -12.094 -1.792  1.00 42.25  ? 1082 ARG A NH1 1 
ATOM   982  N NH2 . ARG A 1 104 ? -6.403  -10.780 -3.661  1.00 43.74  ? 1082 ARG A NH2 1 
ATOM   983  N N   . ASP A 1 105 ? -3.856  -9.711  1.907   1.00 15.41  ? 1083 ASP A N   1 
ATOM   984  C CA  . ASP A 1 105 ? -4.647  -10.242 3.041   1.00 16.13  ? 1083 ASP A CA  1 
ATOM   985  C C   . ASP A 1 105 ? -4.048  -9.807  4.398   1.00 15.58  ? 1083 ASP A C   1 
ATOM   986  O O   . ASP A 1 105 ? -4.872  -9.495  5.360   1.00 16.20  ? 1083 ASP A O   1 
ATOM   987  C CB  . ASP A 1 105 ? -4.777  -11.756 2.929   1.00 18.60  ? 1083 ASP A CB  1 
ATOM   988  C CG  . ASP A 1 105 ? -5.622  -12.241 1.753   1.00 21.47  ? 1083 ASP A CG  1 
ATOM   989  O OD1 . ASP A 1 105 ? -6.329  -11.458 1.090   1.00 23.68  ? 1083 ASP A OD1 1 
ATOM   990  O OD2 . ASP A 1 105 ? -5.425  -13.455 1.443   1.00 27.99  ? 1083 ASP A OD2 1 
ATOM   991  N N   . THR A 1 106 ? -2.723  -9.767  4.510   1.00 14.66  ? 1084 THR A N   1 
ATOM   992  C CA  . THR A 1 106 ? -2.065  -9.396  5.760   1.00 15.31  ? 1084 THR A CA  1 
ATOM   993  C C   . THR A 1 106 ? -2.353  -7.905  6.058   1.00 15.15  ? 1084 THR A C   1 
ATOM   994  O O   . THR A 1 106 ? -2.680  -7.520  7.212   1.00 15.14  ? 1084 THR A O   1 
ATOM   995  C CB  . THR A 1 106 ? -0.568  -9.716  5.727   1.00 15.57  ? 1084 THR A CB  1 
ATOM   996  O OG1 . THR A 1 106 ? -0.366  -11.147 5.545   1.00 17.18  ? 1084 THR A OG1 1 
ATOM   997  C CG2 . THR A 1 106 ? 0.119   -9.285  6.992   1.00 16.59  ? 1084 THR A CG2 1 
ATOM   998  N N   . ALA A 1 107 ? -2.207  -7.034  5.061   1.00 14.09  ? 1085 ALA A N   1 
ATOM   999  C CA  . ALA A 1 107 ? -2.479  -5.583  5.270   1.00 12.98  ? 1085 ALA A CA  1 
ATOM   1000 C C   . ALA A 1 107 ? -3.918  -5.412  5.722   1.00 13.91  ? 1085 ALA A C   1 
ATOM   1001 O O   . ALA A 1 107 ? -4.183  -4.636  6.714   1.00 14.09  ? 1085 ALA A O   1 
ATOM   1002 C CB  . ALA A 1 107 ? -2.231  -4.828  3.988   1.00 13.31  ? 1085 ALA A CB  1 
ATOM   1003 N N   . TYR A 1 108 ? -4.884  -6.003  5.019   1.00 13.60  ? 1086 TYR A N   1 
ATOM   1004 C CA  . TYR A 1 108 ? -6.313  -5.834  5.418   1.00 14.37  ? 1086 TYR A CA  1 
ATOM   1005 C C   . TYR A 1 108 ? -6.544  -6.414  6.826   1.00 15.70  ? 1086 TYR A C   1 
ATOM   1006 O O   . TYR A 1 108 ? -7.356  -5.780  7.572   1.00 16.44  ? 1086 TYR A O   1 
ATOM   1007 C CB  . TYR A 1 108 ? -7.272  -6.464  4.386   1.00 15.98  ? 1086 TYR A CB  1 
ATOM   1008 C CG  . TYR A 1 108 ? -7.603  -5.630  3.184   1.00 15.44  ? 1086 TYR A CG  1 
ATOM   1009 C CD1 . TYR A 1 108 ? -6.721  -5.486  2.127   1.00 16.91  ? 1086 TYR A CD1 1 
ATOM   1010 C CD2 . TYR A 1 108 ? -8.776  -4.887  3.091   1.00 17.24  ? 1086 TYR A CD2 1 
ATOM   1011 C CE1 . TYR A 1 108 ? -7.019  -4.742  0.996   1.00 17.85  ? 1086 TYR A CE1 1 
ATOM   1012 C CE2 . TYR A 1 108 ? -9.094  -4.135  1.980   1.00 19.59  ? 1086 TYR A CE2 1 
ATOM   1013 C CZ  . TYR A 1 108 ? -8.210  -4.050  0.908   1.00 18.82  ? 1086 TYR A CZ  1 
ATOM   1014 O OH  . TYR A 1 108 ? -8.539  -3.269  -0.186  1.00 21.42  ? 1086 TYR A OH  1 
ATOM   1015 N N   . ALA A 1 109 ? -5.883  -7.513  7.222   1.00 14.43  ? 1087 ALA A N   1 
ATOM   1016 C CA  . ALA A 1 109 ? -6.107  -8.098  8.563   1.00 15.67  ? 1087 ALA A CA  1 
ATOM   1017 C C   . ALA A 1 109 ? -5.546  -7.201  9.678   1.00 15.56  ? 1087 ALA A C   1 
ATOM   1018 O O   . ALA A 1 109 ? -6.205  -7.067  10.763  1.00 17.22  ? 1087 ALA A O   1 
ATOM   1019 C CB  . ALA A 1 109 ? -5.553  -9.476  8.615   1.00 17.87  ? 1087 ALA A CB  1 
ATOM   1020 N N   . ILE A 1 110 ? -4.379  -6.605  9.481   1.00 14.31  ? 1088 ILE A N   1 
ATOM   1021 C CA  . ILE A 1 110 ? -3.787  -5.666  10.484  1.00 13.59  ? 1088 ILE A CA  1 
ATOM   1022 C C   . ILE A 1 110 ? -4.746  -4.492  10.615  1.00 13.51  ? 1088 ILE A C   1 
ATOM   1023 O O   . ILE A 1 110 ? -5.019  -4.073  11.772  1.00 15.58  ? 1088 ILE A O   1 
ATOM   1024 C CB  . ILE A 1 110 ? -2.384  -5.220  10.065  1.00 13.85  ? 1088 ILE A CB  1 
ATOM   1025 C CG1 . ILE A 1 110 ? -1.386  -6.349  10.135  1.00 16.33  ? 1088 ILE A CG1 1 
ATOM   1026 C CG2 . ILE A 1 110 ? -1.939  -4.020  10.926  1.00 14.84  ? 1088 ILE A CG2 1 
ATOM   1027 C CD1 . ILE A 1 110 ? -0.033  -6.055  9.524   1.00 17.52  ? 1088 ILE A CD1 1 
ATOM   1028 N N   . ILE A 1 111 ? -5.227  -3.916  9.518   1.00 14.02  ? 1089 ILE A N   1 
ATOM   1029 C CA  . ILE A 1 111 ? -6.146  -2.754  9.550   1.00 15.69  ? 1089 ILE A CA  1 
ATOM   1030 C C   . ILE A 1 111 ? -7.463  -3.159  10.239  1.00 17.64  ? 1089 ILE A C   1 
ATOM   1031 O O   . ILE A 1 111 ? -7.965  -2.367  11.095  1.00 16.78  ? 1089 ILE A O   1 
ATOM   1032 C CB  . ILE A 1 111 ? -6.260  -2.132  8.149   1.00 17.76  ? 1089 ILE A CB  1 
ATOM   1033 C CG1 . ILE A 1 111 ? -4.957  -1.356  7.861   1.00 19.57  ? 1089 ILE A CG1 1 
ATOM   1034 C CG2 . ILE A 1 111 ? -7.544  -1.329  7.998   1.00 21.15  ? 1089 ILE A CG2 1 
ATOM   1035 C CD1 . ILE A 1 111 ? -4.715  -1.055  6.397   1.00 25.96  ? 1089 ILE A CD1 1 
ATOM   1036 N N   . LYS A 1 112 ? -8.028  -4.323  9.937   1.00 16.80  ? 1090 LYS A N   1 
ATOM   1037 C CA  . LYS A 1 112 ? -9.299  -4.748  10.590  1.00 20.75  ? 1090 LYS A CA  1 
ATOM   1038 C C   . LYS A 1 112 ? -9.080  -4.808  12.107  1.00 20.27  ? 1090 LYS A C   1 
ATOM   1039 O O   . LYS A 1 112 ? -10.011 -4.354  12.862  1.00 22.88  ? 1090 LYS A O   1 
ATOM   1040 C CB  . LYS A 1 112 ? -9.748  -6.104  10.008  1.00 21.88  ? 1090 LYS A CB  1 
ATOM   1041 C CG  . LYS A 1 112 ? -11.117 -6.523  10.570  1.00 28.67  ? 1090 LYS A CG  1 
ATOM   1042 C CD  . LYS A 1 112 ? -11.667 -7.795  9.994   1.00 38.39  ? 1090 LYS A CD  1 
ATOM   1043 C CE  . LYS A 1 112 ? -13.104 -8.018  10.459  1.00 45.72  ? 1090 LYS A CE  1 
ATOM   1044 N NZ  . LYS A 1 112 ? -13.569 -9.369  10.081  1.00 57.35  ? 1090 LYS A NZ  1 
ATOM   1045 N N   . GLU A 1 113 ? -7.961  -5.302  12.607  1.00 17.77  ? 1091 GLU A N   1 
ATOM   1046 C CA  . GLU A 1 113 ? -7.711  -5.514  14.053  1.00 20.22  ? 1091 GLU A CA  1 
ATOM   1047 C C   . GLU A 1 113 ? -7.345  -4.170  14.717  1.00 22.00  ? 1091 GLU A C   1 
ATOM   1048 O O   . GLU A 1 113 ? -7.691  -3.994  15.918  1.00 25.21  ? 1091 GLU A O   1 
ATOM   1049 C CB  . GLU A 1 113 ? -6.593  -6.503  14.361  1.00 26.46  ? 1091 GLU A CB  1 
ATOM   1050 C CG  . GLU A 1 113 ? -6.930  -7.967  14.249  1.00 41.60  ? 1091 GLU A CG  1 
ATOM   1051 C CD  . GLU A 1 113 ? -6.054  -8.863  15.124  1.00 53.49  ? 1091 GLU A CD  1 
ATOM   1052 O OE1 . GLU A 1 113 ? -4.800  -8.629  15.177  1.00 48.04  ? 1091 GLU A OE1 1 
ATOM   1053 O OE2 . GLU A 1 113 ? -6.619  -9.793  15.752  1.00 56.73  ? 1091 GLU A OE2 1 
ATOM   1054 N N   . GLU A 1 114 ? -6.632  -3.256  14.038  1.00 14.88  ? 1092 GLU A N   1 
ATOM   1055 C CA  . GLU A 1 114 ? -5.896  -2.160  14.756  1.00 15.30  ? 1092 GLU A CA  1 
ATOM   1056 C C   . GLU A 1 114 ? -6.387  -0.760  14.363  1.00 15.72  ? 1092 GLU A C   1 
ATOM   1057 O O   . GLU A 1 114 ? -6.009  0.218   15.079  1.00 18.20  ? 1092 GLU A O   1 
ATOM   1058 C CB  . GLU A 1 114 ? -4.381  -2.245  14.493  1.00 14.85  ? 1092 GLU A CB  1 
ATOM   1059 C CG  . GLU A 1 114 ? -3.789  -3.603  14.897  1.00 15.19  ? 1092 GLU A CG  1 
ATOM   1060 C CD  . GLU A 1 114 ? -2.288  -3.741  14.718  1.00 16.38  ? 1092 GLU A CD  1 
ATOM   1061 O OE1 . GLU A 1 114 ? -1.540  -2.751  14.635  1.00 16.97  ? 1092 GLU A OE1 1 
ATOM   1062 O OE2 . GLU A 1 114 ? -1.795  -4.938  14.662  1.00 17.29  ? 1092 GLU A OE2 1 
ATOM   1063 N N   . LEU A 1 115 ? -7.150  -0.582  13.327  1.00 14.89  ? 1093 LEU A N   1 
ATOM   1064 C CA  . LEU A 1 115 ? -7.722  0.739   12.920  1.00 14.99  ? 1093 LEU A CA  1 
ATOM   1065 C C   . LEU A 1 115 ? -9.090  0.885   13.585  1.00 16.93  ? 1093 LEU A C   1 
ATOM   1066 O O   . LEU A 1 115 ? -10.011 0.093   13.324  1.00 19.05  ? 1093 LEU A O   1 
ATOM   1067 C CB  . LEU A 1 115 ? -7.880  0.803   11.396  1.00 17.91  ? 1093 LEU A CB  1 
ATOM   1068 C CG  . LEU A 1 115 ? -8.695  1.975   10.803  1.00 21.08  ? 1093 LEU A CG  1 
ATOM   1069 C CD1 . LEU A 1 115 ? -7.981  3.256   11.091  1.00 18.81  ? 1093 LEU A CD1 1 
ATOM   1070 C CD2 . LEU A 1 115 ? -8.956  1.820   9.304   1.00 20.99  ? 1093 LEU A CD2 1 
ATOM   1071 N N   . ASP A 1 116 ? -9.325  1.989   14.308  1.00 16.19  ? 1094 ASP A N   1 
ATOM   1072 C CA  . ASP A 1 116 ? -10.685 2.285   14.813  1.00 18.78  ? 1094 ASP A CA  1 
ATOM   1073 C C   . ASP A 1 116 ? -11.533 2.830   13.668  1.00 17.72  ? 1094 ASP A C   1 
ATOM   1074 O O   . ASP A 1 116 ? -11.110 3.768   13.001  1.00 16.43  ? 1094 ASP A O   1 
ATOM   1075 C CB  . ASP A 1 116 ? -10.530 3.271   15.952  1.00 19.45  ? 1094 ASP A CB  1 
ATOM   1076 C CG  . ASP A 1 116 ? -11.823 3.457   16.748  1.00 24.42  ? 1094 ASP A CG  1 
ATOM   1077 O OD1 . ASP A 1 116 ? -12.869 3.735   16.135  1.00 27.83  ? 1094 ASP A OD1 1 
ATOM   1078 O OD2 . ASP A 1 116 ? -11.753 3.383   18.010  1.00 23.92  ? 1094 ASP A OD2 1 
ATOM   1079 N N   A GLU A 1 117 ? -12.719 2.252   13.461  0.08 18.15  ? 1095 GLU A N   1 
ATOM   1080 N N   B GLU A 1 117 ? -12.718 2.259   13.435  0.33 18.09  ? 1095 GLU A N   1 
ATOM   1081 N N   C GLU A 1 117 ? -12.719 2.252   13.461  0.08 18.15  ? 1095 GLU A N   1 
ATOM   1082 C CA  A GLU A 1 117 ? -13.653 2.639   12.368  0.08 18.77  ? 1095 GLU A CA  1 
ATOM   1083 C CA  B GLU A 1 117 ? -13.617 2.670   12.323  0.33 19.75  ? 1095 GLU A CA  1 
ATOM   1084 C CA  C GLU A 1 117 ? -13.653 2.639   12.368  0.08 18.77  ? 1095 GLU A CA  1 
ATOM   1085 C C   A GLU A 1 117 ? -14.016 4.126   12.493  0.08 17.97  ? 1095 GLU A C   1 
ATOM   1086 C C   B GLU A 1 117 ? -13.985 4.156   12.483  0.33 16.87  ? 1095 GLU A C   1 
ATOM   1087 C C   C GLU A 1 117 ? -14.016 4.126   12.493  0.08 17.97  ? 1095 GLU A C   1 
ATOM   1088 O O   A GLU A 1 117 ? -14.222 4.763   11.440  0.08 18.13  ? 1095 GLU A O   1 
ATOM   1089 O O   B GLU A 1 117 ? -14.169 4.839   11.457  0.33 17.12  ? 1095 GLU A O   1 
ATOM   1090 O O   C GLU A 1 117 ? -14.222 4.763   11.440  0.08 18.13  ? 1095 GLU A O   1 
ATOM   1091 C CB  A GLU A 1 117 ? -14.910 1.765   12.378  0.08 19.94  ? 1095 GLU A CB  1 
ATOM   1092 C CB  B GLU A 1 117 ? -14.862 1.775   12.213  0.33 23.79  ? 1095 GLU A CB  1 
ATOM   1093 C CB  C GLU A 1 117 ? -14.910 1.765   12.378  0.08 19.94  ? 1095 GLU A CB  1 
ATOM   1094 C CG  A GLU A 1 117 ? -14.689 0.383   11.789  0.08 21.16  ? 1095 GLU A CG  1 
ATOM   1095 C CG  B GLU A 1 117 ? -15.749 1.793   13.449  0.33 28.38  ? 1095 GLU A CG  1 
ATOM   1096 C CG  C GLU A 1 117 ? -14.689 0.383   11.789  0.08 21.16  ? 1095 GLU A CG  1 
ATOM   1097 C CD  A GLU A 1 117 ? -15.959 -0.424  11.565  0.08 22.16  ? 1095 GLU A CD  1 
ATOM   1098 C CD  B GLU A 1 117 ? -16.988 0.901   13.413  0.33 35.41  ? 1095 GLU A CD  1 
ATOM   1099 C CD  C GLU A 1 117 ? -15.959 -0.424  11.565  0.08 22.16  ? 1095 GLU A CD  1 
ATOM   1100 O OE1 A GLU A 1 117 ? -16.999 0.183   11.226  0.08 22.67  ? 1095 GLU A OE1 1 
ATOM   1101 O OE1 B GLU A 1 117 ? -17.122 0.089   12.471  0.33 36.68  ? 1095 GLU A OE1 1 
ATOM   1102 O OE1 C GLU A 1 117 ? -16.999 0.183   11.226  0.08 22.67  ? 1095 GLU A OE1 1 
ATOM   1103 O OE2 A GLU A 1 117 ? -15.911 -1.658  11.739  0.08 24.95  ? 1095 GLU A OE2 1 
ATOM   1104 O OE2 B GLU A 1 117 ? -17.823 1.023   14.339  0.33 39.00  ? 1095 GLU A OE2 1 
ATOM   1105 O OE2 C GLU A 1 117 ? -15.911 -1.658  11.739  0.08 24.95  ? 1095 GLU A OE2 1 
ATOM   1106 N N   . ASP A 1 118 ? -14.095 4.657   13.721  1.00 18.35  ? 1096 ASP A N   1 
ATOM   1107 C CA  . ASP A 1 118 ? -14.456 6.091   13.919  1.00 17.16  ? 1096 ASP A CA  1 
ATOM   1108 C C   . ASP A 1 118 ? -13.272 7.016   13.575  1.00 16.37  ? 1096 ASP A C   1 
ATOM   1109 O O   . ASP A 1 118 ? -13.476 8.202   13.203  1.00 16.02  ? 1096 ASP A O   1 
ATOM   1110 C CB  . ASP A 1 118 ? -14.990 6.364   15.322  1.00 18.84  ? 1096 ASP A CB  1 
ATOM   1111 C CG  . ASP A 1 118 ? -16.352 5.718   15.582  1.00 21.99  ? 1096 ASP A CG  1 
ATOM   1112 O OD1 . ASP A 1 118 ? -17.096 5.445   14.643  1.00 22.88  ? 1096 ASP A OD1 1 
ATOM   1113 O OD2 . ASP A 1 118 ? -16.594 5.519   16.760  1.00 29.57  ? 1096 ASP A OD2 1 
ATOM   1114 N N   . PHE A 1 119 ? -12.024 6.542   13.682  1.00 15.17  ? 1097 PHE A N   1 
ATOM   1115 C CA  . PHE A 1 119 ? -10.825 7.317   13.260  1.00 14.06  ? 1097 PHE A CA  1 
ATOM   1116 C C   . PHE A 1 119 ? -10.872 7.406   11.730  1.00 14.69  ? 1097 PHE A C   1 
ATOM   1117 O O   . PHE A 1 119 ? -10.638 8.533   11.176  1.00 14.77  ? 1097 PHE A O   1 
ATOM   1118 C CB  . PHE A 1 119 ? -9.535  6.678   13.810  1.00 14.77  ? 1097 PHE A CB  1 
ATOM   1119 C CG  . PHE A 1 119 ? -8.293  7.432   13.392  1.00 13.71  ? 1097 PHE A CG  1 
ATOM   1120 C CD1 . PHE A 1 119 ? -7.858  8.505   14.136  1.00 14.75  ? 1097 PHE A CD1 1 
ATOM   1121 C CD2 . PHE A 1 119 ? -7.618  7.148   12.201  1.00 14.82  ? 1097 PHE A CD2 1 
ATOM   1122 C CE1 . PHE A 1 119 ? -6.766  9.245   13.724  1.00 15.95  ? 1097 PHE A CE1 1 
ATOM   1123 C CE2 . PHE A 1 119 ? -6.526  7.898   11.794  1.00 14.45  ? 1097 PHE A CE2 1 
ATOM   1124 C CZ  . PHE A 1 119 ? -6.108  8.938   12.561  1.00 14.93  ? 1097 PHE A CZ  1 
ATOM   1125 N N   . GLU A 1 120 ? -11.087 6.303   11.030  1.00 14.30  ? 1098 GLU A N   1 
ATOM   1126 C CA  . GLU A 1 120 ? -11.197 6.336   9.547   1.00 15.25  ? 1098 GLU A CA  1 
ATOM   1127 C C   . GLU A 1 120 ? -12.353 7.270   9.118   1.00 15.45  ? 1098 GLU A C   1 
ATOM   1128 O O   . GLU A 1 120 ? -12.158 8.031   8.153   1.00 15.92  ? 1098 GLU A O   1 
ATOM   1129 C CB  . GLU A 1 120 ? -11.391 4.926   8.988   1.00 16.36  ? 1098 GLU A CB  1 
ATOM   1130 C CG  . GLU A 1 120 ? -11.598 4.898   7.494   1.00 16.74  ? 1098 GLU A CG  1 
ATOM   1131 C CD  . GLU A 1 120 ? -10.457 5.342   6.566   1.00 18.62  ? 1098 GLU A CD  1 
ATOM   1132 O OE1 . GLU A 1 120 ? -9.383  5.740   7.072   1.00 19.49  ? 1098 GLU A OE1 1 
ATOM   1133 O OE2 . GLU A 1 120 ? -10.712 5.395   5.303   1.00 20.94  ? 1098 GLU A OE2 1 
ATOM   1134 N N   . GLN A 1 121 ? -13.513 7.214   9.790   1.00 16.24  ? 1099 GLN A N   1 
ATOM   1135 C CA  . GLN A 1 121 ? -14.671 8.050   9.356   1.00 17.06  ? 1099 GLN A CA  1 
ATOM   1136 C C   . GLN A 1 121 ? -14.332 9.527   9.540   1.00 16.46  ? 1099 GLN A C   1 
ATOM   1137 O O   . GLN A 1 121 ? -14.658 10.333  8.655   1.00 17.60  ? 1099 GLN A O   1 
ATOM   1138 C CB  . GLN A 1 121 ? -15.877 7.616   10.179  1.00 18.92  ? 1099 GLN A CB  1 
ATOM   1139 C CG  . GLN A 1 121 ? -17.157 8.345   9.750   1.00 20.29  ? 1099 GLN A CG  1 
ATOM   1140 C CD  . GLN A 1 121 ? -17.563 7.974   8.347   1.00 25.22  ? 1099 GLN A CD  1 
ATOM   1141 O OE1 . GLN A 1 121 ? -17.352 6.817   7.918   1.00 27.69  ? 1099 GLN A OE1 1 
ATOM   1142 N NE2 . GLN A 1 121 ? -18.109 8.953   7.621   1.00 25.74  ? 1099 GLN A NE2 1 
ATOM   1143 N N   . LEU A 1 122 ? -13.597 9.887   10.618  1.00 15.03  ? 1100 LEU A N   1 
ATOM   1144 C CA  . LEU A 1 122 ? -13.133 11.273  10.850  1.00 14.94  ? 1100 LEU A CA  1 
ATOM   1145 C C   . LEU A 1 122 ? -12.227 11.716  9.681   1.00 17.33  ? 1100 LEU A C   1 
ATOM   1146 O O   . LEU A 1 122 ? -12.397 12.818  9.129   1.00 17.69  ? 1100 LEU A O   1 
ATOM   1147 C CB  . LEU A 1 122 ? -12.444 11.445  12.209  1.00 14.38  ? 1100 LEU A CB  1 
ATOM   1148 C CG  . LEU A 1 122 ? -11.851 12.807  12.484  1.00 15.31  ? 1100 LEU A CG  1 
ATOM   1149 C CD1 . LEU A 1 122 ? -12.908 13.935  12.443  1.00 17.63  ? 1100 LEU A CD1 1 
ATOM   1150 C CD2 . LEU A 1 122 ? -11.101 12.828  13.793  1.00 16.21  ? 1100 LEU A CD2 1 
ATOM   1151 N N   . CYS A 1 123 ? -11.234 10.890  9.299   1.00 15.10  ? 1101 CYS A N   1 
ATOM   1152 C CA  . CYS A 1 123 ? -10.336 11.255  8.171   1.00 15.93  ? 1101 CYS A CA  1 
ATOM   1153 C C   . CYS A 1 123 ? -11.186 11.493  6.905   1.00 17.65  ? 1101 CYS A C   1 
ATOM   1154 O O   . CYS A 1 123 ? -10.868 12.464  6.197   1.00 17.09  ? 1101 CYS A O   1 
ATOM   1155 C CB  . CYS A 1 123 ? -9.320  10.125  7.974   1.00 15.60  ? 1101 CYS A CB  1 
ATOM   1156 S SG  . CYS A 1 123 ? -8.039  9.985   9.245   1.00 15.82  ? 1101 CYS A SG  1 
ATOM   1157 N N   . GLU A 1 124 ? -12.150 10.641  6.611   1.00 16.45  ? 1102 GLU A N   1 
ATOM   1158 C CA  . GLU A 1 124 ? -13.003 10.705  5.384   1.00 18.66  ? 1102 GLU A CA  1 
ATOM   1159 C C   . GLU A 1 124 ? -13.747 12.054  5.426   1.00 20.66  ? 1102 GLU A C   1 
ATOM   1160 O O   . GLU A 1 124 ? -13.856 12.758  4.390   1.00 22.75  ? 1102 GLU A O   1 
ATOM   1161 C CB  . GLU A 1 124 ? -13.865 9.449   5.233   1.00 20.59  ? 1102 GLU A CB  1 
ATOM   1162 C CG  . GLU A 1 124 ? -13.061 8.167   4.890   1.00 26.22  ? 1102 GLU A CG  1 
ATOM   1163 C CD  . GLU A 1 124 ? -13.824 6.849   4.643   1.00 34.27  ? 1102 GLU A CD  1 
ATOM   1164 O OE1 . GLU A 1 124 ? -15.029 6.964   4.409   1.00 37.35  ? 1102 GLU A OE1 1 
ATOM   1165 O OE2 . GLU A 1 124 ? -13.219 5.665   4.681   1.00 28.51  ? 1102 GLU A OE2 1 
ATOM   1166 N N   . GLU A 1 125 ? -14.263 12.451  6.598   1.00 18.51  ? 1103 GLU A N   1 
ATOM   1167 C CA  . GLU A 1 125 ? -15.093 13.690  6.666   1.00 18.01  ? 1103 GLU A CA  1 
ATOM   1168 C C   . GLU A 1 125 ? -14.218 14.923  6.548   1.00 21.53  ? 1103 GLU A C   1 
ATOM   1169 O O   . GLU A 1 125 ? -14.686 15.888  5.853   1.00 26.02  ? 1103 GLU A O   1 
ATOM   1170 C CB  . GLU A 1 125 ? -16.015 13.620  7.907   1.00 17.86  ? 1103 GLU A CB  1 
ATOM   1171 C CG  . GLU A 1 125 ? -17.122 12.622  7.798   1.00 17.83  ? 1103 GLU A CG  1 
ATOM   1172 C CD  . GLU A 1 125 ? -18.149 12.393  8.930   1.00 17.95  ? 1103 GLU A CD  1 
ATOM   1173 O OE1 . GLU A 1 125 ? -18.119 13.175  9.901   1.00 19.14  ? 1103 GLU A OE1 1 
ATOM   1174 O OE2 . GLU A 1 125 ? -18.966 11.412  8.821   1.00 21.20  ? 1103 GLU A OE2 1 
ATOM   1175 N N   . ILE A 1 126 ? -13.015 14.972  7.105   1.00 18.36  ? 1104 ILE A N   1 
ATOM   1176 C CA  . ILE A 1 126 ? -12.089 16.099  6.900   1.00 19.49  ? 1104 ILE A CA  1 
ATOM   1177 C C   . ILE A 1 126 ? -11.771 16.151  5.384   1.00 24.84  ? 1104 ILE A C   1 
ATOM   1178 O O   . ILE A 1 126 ? -11.851 17.248  4.809   1.00 27.28  ? 1104 ILE A O   1 
ATOM   1179 C CB  . ILE A 1 126 ? -10.821 15.995  7.766   1.00 20.24  ? 1104 ILE A CB  1 
ATOM   1180 C CG1 . ILE A 1 126 ? -11.119 15.851  9.268   1.00 20.12  ? 1104 ILE A CG1 1 
ATOM   1181 C CG2 . ILE A 1 126 ? -9.894  17.170  7.474   1.00 21.07  ? 1104 ILE A CG2 1 
ATOM   1182 C CD1 . ILE A 1 126 ? -9.945  15.461  10.096  1.00 21.28  ? 1104 ILE A CD1 1 
ATOM   1183 N N   . GLN A 1 127 ? -11.379 15.029  4.751   1.00 25.13  ? 1105 GLN A N   1 
ATOM   1184 C CA  . GLN A 1 127 ? -11.001 14.973  3.283   1.00 26.99  ? 1105 GLN A CA  1 
ATOM   1185 C C   . GLN A 1 127 ? -12.142 15.588  2.435   1.00 31.28  ? 1105 GLN A C   1 
ATOM   1186 O O   . GLN A 1 127 ? -11.874 16.476  1.575   1.00 29.73  ? 1105 GLN A O   1 
ATOM   1187 C CB  . GLN A 1 127 ? -10.669 13.530  2.845   1.00 26.20  ? 1105 GLN A CB  1 
ATOM   1188 C CG  . GLN A 1 127 ? -10.338 13.330  1.346   1.00 29.51  ? 1105 GLN A CG  1 
ATOM   1189 C CD  . GLN A 1 127 ? -10.162 11.874  0.963   1.00 30.04  ? 1105 GLN A CD  1 
ATOM   1190 O OE1 . GLN A 1 127 ? -11.061 11.036  1.140   1.00 33.63  ? 1105 GLN A OE1 1 
ATOM   1191 N NE2 . GLN A 1 127 ? -9.018  11.558  0.355   1.00 33.37  ? 1105 GLN A NE2 1 
ATOM   1192 N N   A GLU A 1 128 ? -13.374 15.116  2.651   0.15 31.95  ? 1106 GLU A N   1 
ATOM   1193 N N   B GLU A 1 128 ? -13.381 15.149  2.686   0.20 29.61  ? 1106 GLU A N   1 
ATOM   1194 N N   C GLU A 1 128 ? -13.374 15.116  2.651   0.15 31.95  ? 1106 GLU A N   1 
ATOM   1195 C CA  A GLU A 1 128 ? -14.600 15.582  1.944   0.15 34.68  ? 1106 GLU A CA  1 
ATOM   1196 C CA  B GLU A 1 128 ? -14.596 15.571  1.933   0.20 31.14  ? 1106 GLU A CA  1 
ATOM   1197 C CA  C GLU A 1 128 ? -14.600 15.582  1.944   0.15 34.68  ? 1106 GLU A CA  1 
ATOM   1198 C C   A GLU A 1 128 ? -14.755 17.102  2.103   0.15 35.98  ? 1106 GLU A C   1 
ATOM   1199 C C   B GLU A 1 128 ? -14.921 17.053  2.179   0.20 34.17  ? 1106 GLU A C   1 
ATOM   1200 C C   C GLU A 1 128 ? -14.755 17.102  2.103   0.15 35.98  ? 1106 GLU A C   1 
ATOM   1201 O O   A GLU A 1 128 ? -15.137 17.771  1.111   0.15 36.35  ? 1106 GLU A O   1 
ATOM   1202 O O   B GLU A 1 128 ? -15.667 17.624  1.342   0.20 34.82  ? 1106 GLU A O   1 
ATOM   1203 O O   C GLU A 1 128 ? -15.137 17.771  1.111   0.15 36.35  ? 1106 GLU A O   1 
ATOM   1204 C CB  A GLU A 1 128 ? -15.819 14.826  2.471   0.15 36.50  ? 1106 GLU A CB  1 
ATOM   1205 C CB  B GLU A 1 128 ? -15.806 14.715  2.309   0.20 30.25  ? 1106 GLU A CB  1 
ATOM   1206 C CB  C GLU A 1 128 ? -15.819 14.826  2.471   0.15 36.50  ? 1106 GLU A CB  1 
ATOM   1207 C CG  A GLU A 1 128 ? -16.167 13.608  1.638   0.15 39.37  ? 1106 GLU A CG  1 
ATOM   1208 C CG  B GLU A 1 128 ? -17.092 15.206  1.663   0.20 31.20  ? 1106 GLU A CG  1 
ATOM   1209 C CG  C GLU A 1 128 ? -16.167 13.608  1.638   0.15 39.37  ? 1106 GLU A CG  1 
ATOM   1210 C CD  A GLU A 1 128 ? -16.566 12.373  2.428   0.15 42.59  ? 1106 GLU A CD  1 
ATOM   1211 C CD  B GLU A 1 128 ? -17.108 15.091  0.149   0.20 31.93  ? 1106 GLU A CD  1 
ATOM   1212 C CD  C GLU A 1 128 ? -16.566 12.373  2.428   0.15 42.59  ? 1106 GLU A CD  1 
ATOM   1213 O OE1 A GLU A 1 128 ? -17.144 12.526  3.525   0.15 42.75  ? 1106 GLU A OE1 1 
ATOM   1214 O OE1 B GLU A 1 128 ? -17.850 15.858  -0.496  0.20 33.32  ? 1106 GLU A OE1 1 
ATOM   1215 O OE1 C GLU A 1 128 ? -17.144 12.526  3.525   0.15 42.75  ? 1106 GLU A OE1 1 
ATOM   1216 O OE2 A GLU A 1 128 ? -16.283 11.257  1.946   0.15 46.02  ? 1106 GLU A OE2 1 
ATOM   1217 O OE2 B GLU A 1 128 ? -16.384 14.232  -0.381  0.20 32.41  ? 1106 GLU A OE2 1 
ATOM   1218 O OE2 C GLU A 1 128 ? -16.283 11.257  1.946   0.15 46.02  ? 1106 GLU A OE2 1 
ATOM   1219 N N   . SER A 1 129 ? -14.441 17.635  3.286   1.00 35.34  ? 1107 SER A N   1 
ATOM   1220 C CA  . SER A 1 129 ? -14.621 19.080  3.608   1.00 38.65  ? 1107 SER A CA  1 
ATOM   1221 C C   . SER A 1 129 ? -13.639 19.977  2.847   1.00 43.67  ? 1107 SER A C   1 
ATOM   1222 O O   . SER A 1 129 ? -13.833 21.201  2.931   1.00 47.60  ? 1107 SER A O   1 
ATOM   1223 C CB  . SER A 1 129 ? -14.489 19.335  5.091   1.00 37.69  ? 1107 SER A CB  1 
ATOM   1224 O OG  . SER A 1 129 ? -13.108 19.512  5.448   1.00 36.34  ? 1107 SER A OG  1 
ATOM   1225 N N   . ARG A 1 130 ? -12.592 19.442  2.212   1.00 42.75  ? 1108 ARG A N   1 
ATOM   1226 C CA  . ARG A 1 130 ? -11.470 20.274  1.696   1.00 47.96  ? 1108 ARG A CA  1 
ATOM   1227 C C   . ARG A 1 130 ? -11.740 20.626  0.230   1.00 54.45  ? 1108 ARG A C   1 
ATOM   1228 O O   . ARG A 1 130 ? -12.589 20.007  -0.438  1.00 53.13  ? 1108 ARG A O   1 
ATOM   1229 C CB  . ARG A 1 130 ? -10.121 19.574  1.895   1.00 48.76  ? 1108 ARG A CB  1 
ATOM   1230 C CG  . ARG A 1 130 ? -9.864  19.253  3.360   1.00 52.19  ? 1108 ARG A CG  1 
ATOM   1231 C CD  . ARG A 1 130 ? -8.466  19.542  3.861   1.00 51.77  ? 1108 ARG A CD  1 
ATOM   1232 N NE  . ARG A 1 130 ? -8.448  19.904  5.284   1.00 47.65  ? 1108 ARG A NE  1 
ATOM   1233 C CZ  . ARG A 1 130 ? -7.380  19.782  6.072   1.00 43.31  ? 1108 ARG A CZ  1 
ATOM   1234 N NH1 . ARG A 1 130 ? -6.241  19.334  5.560   1.00 57.40  ? 1108 ARG A NH1 1 
ATOM   1235 N NH2 . ARG A 1 130 ? -7.421  20.141  7.345   1.00 38.04  ? 1108 ARG A NH2 1 
ATOM   1236 O OXT . ARG A 1 130 ? -11.081 21.563  -0.259  1.00 58.10  ? 1108 ARG A OXT 1 
HETATM 1237 C C10 . RK1 B 2 .   ? -12.758 -3.778  19.280  0.49 49.92  ? 1201 RK1 A C10 1 
HETATM 1238 C C15 . RK1 B 2 .   ? -7.977  -4.522  19.320  0.49 42.53  ? 1201 RK1 A C15 1 
HETATM 1239 C C17 . RK1 B 2 .   ? -7.047  -2.119  18.970  0.49 38.26  ? 1201 RK1 A C17 1 
HETATM 1240 C C20 . RK1 B 2 .   ? -4.541  -3.107  18.314  0.49 38.12  ? 1201 RK1 A C20 1 
HETATM 1241 C C21 . RK1 B 2 .   ? -5.557  -3.997  18.628  0.49 38.91  ? 1201 RK1 A C21 1 
HETATM 1242 C C01 . RK1 B 2 .   ? -12.053 -4.308  15.229  0.49 50.54  ? 1201 RK1 A C01 1 
HETATM 1243 C C02 . RK1 B 2 .   ? -12.408 -3.474  16.451  0.49 51.15  ? 1201 RK1 A C02 1 
HETATM 1244 C C04 . RK1 B 2 .   ? -10.431 -2.402  16.565  0.49 50.83  ? 1201 RK1 A C04 1 
HETATM 1245 C C05 . RK1 B 2 .   ? -10.643 -0.894  16.591  0.49 51.32  ? 1201 RK1 A C05 1 
HETATM 1246 C C07 . RK1 B 2 .   ? -10.742 -0.414  18.971  0.49 51.80  ? 1201 RK1 A C07 1 
HETATM 1247 C C08 . RK1 B 2 .   ? -11.894 -1.464  19.038  0.49 51.10  ? 1201 RK1 A C08 1 
HETATM 1248 C C09 . RK1 B 2 .   ? -11.605 -2.952  18.628  0.49 50.20  ? 1201 RK1 A C09 1 
HETATM 1249 C C11 . RK1 B 2 .   ? -14.175 -3.178  19.170  0.49 49.95  ? 1201 RK1 A C11 1 
HETATM 1250 C C12 . RK1 B 2 .   ? -10.271 -3.389  19.369  0.49 48.75  ? 1201 RK1 A C12 1 
HETATM 1251 C C16 . RK1 B 2 .   ? -6.809  -3.523  18.958  0.49 39.90  ? 1201 RK1 A C16 1 
HETATM 1252 C C18 . RK1 B 2 .   ? -6.045  -1.242  18.658  0.49 38.14  ? 1201 RK1 A C18 1 
HETATM 1253 C C19 . RK1 B 2 .   ? -4.781  -1.723  18.323  0.49 37.77  ? 1201 RK1 A C19 1 
HETATM 1254 N N03 . RK1 B 2 .   ? -11.391 -3.191  17.211  0.49 50.76  ? 1201 RK1 A N03 1 
HETATM 1255 N N06 . RK1 B 2 .   ? -10.038 -0.278  17.733  0.49 51.00  ? 1201 RK1 A N06 1 
HETATM 1256 N N14 . RK1 B 2 .   ? -9.231  -4.140  18.662  0.49 45.31  ? 1201 RK1 A N14 1 
HETATM 1257 O O13 . RK1 B 2 .   ? -10.108 -3.084  20.507  0.49 50.86  ? 1201 RK1 A O13 1 
HETATM 1258 S S   . SO4 C 3 .   ? -2.223  -27.454 -14.136 1.00 28.56  ? 1202 SO4 A S   1 
HETATM 1259 O O1  . SO4 C 3 .   ? -1.718  -28.576 -14.864 1.00 30.77  ? 1202 SO4 A O1  1 
HETATM 1260 O O2  . SO4 C 3 .   ? -1.429  -26.342 -14.637 1.00 31.55  ? 1202 SO4 A O2  1 
HETATM 1261 O O3  . SO4 C 3 .   ? -3.586  -27.383 -14.145 1.00 26.57  ? 1202 SO4 A O3  1 
HETATM 1262 O O4  . SO4 C 3 .   ? -1.785  -27.624 -12.726 1.00 36.62  ? 1202 SO4 A O4  1 
HETATM 1263 S S   . SO4 D 3 .   ? -0.554  10.878  -7.449  0.50 29.04  ? 1203 SO4 A S   1 
HETATM 1264 O O1  . SO4 D 3 .   ? -1.468  11.439  -8.458  0.50 32.02  ? 1203 SO4 A O1  1 
HETATM 1265 O O2  . SO4 D 3 .   ? -0.422  9.441   -7.699  0.50 29.09  ? 1203 SO4 A O2  1 
HETATM 1266 O O3  . SO4 D 3 .   ? -1.090  11.091  -6.095  0.50 31.93  ? 1203 SO4 A O3  1 
HETATM 1267 O O4  . SO4 D 3 .   ? 0.739   11.546  -7.540  0.50 29.55  ? 1203 SO4 A O4  1 
HETATM 1268 C C1  . EDO E 4 .   ? -5.852  4.100   14.032  1.00 26.01  ? 1204 EDO A C1  1 
HETATM 1269 O O1  . EDO E 4 .   ? -7.017  3.976   14.880  1.00 23.70  ? 1204 EDO A O1  1 
HETATM 1270 C C2  . EDO E 4 .   ? -5.083  5.376   14.248  1.00 19.56  ? 1204 EDO A C2  1 
HETATM 1271 O O2  . EDO E 4 .   ? -4.271  5.340   15.389  1.00 20.02  ? 1204 EDO A O2  1 
HETATM 1272 C C1  . EDO F 4 .   ? 7.014   8.162   -4.557  1.00 26.34  ? 1205 EDO A C1  1 
HETATM 1273 O O1  . EDO F 4 .   ? 6.057   7.767   -5.520  1.00 27.88  ? 1205 EDO A O1  1 
HETATM 1274 C C2  . EDO F 4 .   ? 7.538   9.566   -4.765  1.00 25.53  ? 1205 EDO A C2  1 
HETATM 1275 O O2  . EDO F 4 .   ? 8.443   9.557   -5.837  1.00 30.98  ? 1205 EDO A O2  1 
HETATM 1276 O O   . HOH G 5 .   ? 5.652   -1.345  13.685  1.00 152.69 ? 1301 HOH A O   1 
HETATM 1277 O O   . HOH G 5 .   ? -8.632  -0.592  -3.001  1.00 40.25  ? 1302 HOH A O   1 
HETATM 1278 O O   . HOH G 5 .   ? 6.015   -9.510  -20.713 1.00 45.97  ? 1303 HOH A O   1 
HETATM 1279 O O   . HOH G 5 .   ? -1.461  17.395  7.161   1.00 43.44  ? 1304 HOH A O   1 
HETATM 1280 O O   . HOH G 5 .   ? -1.134  -30.328 -13.434 1.00 31.78  ? 1305 HOH A O   1 
HETATM 1281 O O   . HOH G 5 .   ? 7.437   12.794  16.257  1.00 25.49  ? 1306 HOH A O   1 
HETATM 1282 O O   . HOH G 5 .   ? -0.696  -17.698 -18.705 1.00 44.59  ? 1307 HOH A O   1 
HETATM 1283 O O   . HOH G 5 .   ? -11.156 21.195  13.775  1.00 50.28  ? 1308 HOH A O   1 
HETATM 1284 O O   . HOH G 5 .   ? -13.332 19.710  8.213   1.00 36.21  ? 1309 HOH A O   1 
HETATM 1285 O O   . HOH G 5 .   ? -2.741  -7.200  15.360  0.45 21.47  ? 1310 HOH A O   1 
HETATM 1286 O O   . HOH G 5 .   ? 10.263  8.243   6.574   1.00 39.60  ? 1311 HOH A O   1 
HETATM 1287 O O   . HOH G 5 .   ? 4.841   -15.140 -16.869 1.00 33.11  ? 1312 HOH A O   1 
HETATM 1288 O O   . HOH G 5 .   ? -4.925  -8.321  -11.522 1.00 44.98  ? 1313 HOH A O   1 
HETATM 1289 O O   . HOH G 5 .   ? 1.828   17.771  10.574  1.00 53.69  ? 1314 HOH A O   1 
HETATM 1290 O O   . HOH G 5 .   ? 4.601   -21.373 -17.376 1.00 43.44  ? 1315 HOH A O   1 
HETATM 1291 O O   . HOH G 5 .   ? -17.118 16.708  5.716   1.00 28.64  ? 1316 HOH A O   1 
HETATM 1292 O O   . HOH G 5 .   ? -1.843  -11.069 -17.587 1.00 35.10  ? 1317 HOH A O   1 
HETATM 1293 O O   . HOH G 5 .   ? -4.265  16.453  18.833  1.00 39.33  ? 1318 HOH A O   1 
HETATM 1294 O O   . HOH G 5 .   ? -13.560 11.324  1.782   1.00 44.28  ? 1319 HOH A O   1 
HETATM 1295 O O   . HOH G 5 .   ? 4.502   -6.852  -10.176 1.00 24.27  ? 1320 HOH A O   1 
HETATM 1296 O O   . HOH G 5 .   ? -10.482 21.096  6.380   1.00 44.77  ? 1321 HOH A O   1 
HETATM 1297 O O   . HOH G 5 .   ? 0.912   14.963  16.400  0.50 35.61  ? 1322 HOH A O   1 
HETATM 1298 O O   . HOH G 5 .   ? 12.558  -13.743 0.781   1.00 36.92  ? 1323 HOH A O   1 
HETATM 1299 O O   . HOH G 5 .   ? 10.170  5.020   6.787   0.99 45.62  ? 1324 HOH A O   1 
HETATM 1300 O O   . HOH G 5 .   ? 1.918   6.368   -9.412  1.00 21.26  ? 1325 HOH A O   1 
HETATM 1301 O O   . HOH G 5 .   ? -3.609  2.505   -11.892 1.00 29.78  ? 1326 HOH A O   1 
HETATM 1302 O O   . HOH G 5 .   ? -11.329 -1.961  12.382  0.49 28.80  ? 1327 HOH A O   1 
HETATM 1303 O O   . HOH G 5 .   ? -4.301  6.085   -3.477  1.00 33.93  ? 1328 HOH A O   1 
HETATM 1304 O O   . HOH G 5 .   ? -1.865  16.379  0.975   1.00 44.34  ? 1329 HOH A O   1 
HETATM 1305 O O   . HOH G 5 .   ? -9.893  2.921   19.838  0.49 31.16  ? 1330 HOH A O   1 
HETATM 1306 O O   . HOH G 5 .   ? -5.625  -15.061 -0.656  1.00 51.84  ? 1331 HOH A O   1 
HETATM 1307 O O   . HOH G 5 .   ? 10.404  9.671   2.705   1.00 26.66  ? 1332 HOH A O   1 
HETATM 1308 O O   . HOH G 5 .   ? -18.622 14.366  4.735   1.00 35.66  ? 1333 HOH A O   1 
HETATM 1309 O O   . HOH G 5 .   ? 2.657   11.035  -9.319  1.00 18.70  ? 1334 HOH A O   1 
HETATM 1310 O O   . HOH G 5 .   ? 7.675   10.692  -8.126  1.00 23.84  ? 1335 HOH A O   1 
HETATM 1311 O O   . HOH G 5 .   ? 4.499   -2.933  -9.421  1.00 18.53  ? 1336 HOH A O   1 
HETATM 1312 O O   . HOH G 5 .   ? -2.760  -3.787  -11.944 1.00 22.19  ? 1337 HOH A O   1 
HETATM 1313 O O   . HOH G 5 .   ? 7.288   0.721   -8.172  1.00 23.56  ? 1338 HOH A O   1 
HETATM 1314 O O   . HOH G 5 .   ? -2.336  13.193  -5.003  1.00 34.02  ? 1339 HOH A O   1 
HETATM 1315 O O   . HOH G 5 .   ? 14.632  -4.408  0.130   1.00 48.05  ? 1340 HOH A O   1 
HETATM 1316 O O   . HOH G 5 .   ? 8.047   3.387   -13.342 1.00 54.82  ? 1341 HOH A O   1 
HETATM 1317 O O   . HOH G 5 .   ? 14.906  -1.221  -7.793  1.00 50.42  ? 1342 HOH A O   1 
HETATM 1318 O O   . HOH G 5 .   ? -18.072 5.686   12.139  1.00 34.23  ? 1343 HOH A O   1 
HETATM 1319 O O   . HOH G 5 .   ? -21.208 11.114  7.344   1.00 31.75  ? 1344 HOH A O   1 
HETATM 1320 O O   . HOH G 5 .   ? -3.266  -14.982 2.052   1.00 43.61  ? 1345 HOH A O   1 
HETATM 1321 O O   . HOH G 5 .   ? -6.809  7.420   17.914  1.00 20.45  ? 1346 HOH A O   1 
HETATM 1322 O O   . HOH G 5 .   ? 6.684   -13.892 -14.895 1.00 41.29  ? 1347 HOH A O   1 
HETATM 1323 O O   . HOH G 5 .   ? -2.393  3.473   16.021  1.00 15.22  ? 1348 HOH A O   1 
HETATM 1324 O O   . HOH G 5 .   ? 6.561   -8.419  10.153  1.00 31.65  ? 1349 HOH A O   1 
HETATM 1325 O O   . HOH G 5 .   ? -10.937 8.015   0.793   1.00 30.82  ? 1350 HOH A O   1 
HETATM 1326 O O   . HOH G 5 .   ? 11.108  -8.335  3.105   1.00 22.67  ? 1351 HOH A O   1 
HETATM 1327 O O   . HOH G 5 .   ? 12.906  -4.913  -7.219  1.00 52.08  ? 1352 HOH A O   1 
HETATM 1328 O O   . HOH G 5 .   ? -3.356  -16.390 -13.627 1.00 37.40  ? 1353 HOH A O   1 
HETATM 1329 O O   . HOH G 5 .   ? -7.497  -10.259 5.270   1.00 24.25  ? 1354 HOH A O   1 
HETATM 1330 O O   . HOH G 5 .   ? 5.402   -22.368 -6.748  1.00 20.81  ? 1355 HOH A O   1 
HETATM 1331 O O   . HOH G 5 .   ? 2.542   16.256  -1.860  1.00 44.27  ? 1356 HOH A O   1 
HETATM 1332 O O   . HOH G 5 .   ? 0.590   -12.845 7.473   1.00 27.28  ? 1357 HOH A O   1 
HETATM 1333 O O   . HOH G 5 .   ? 3.923   9.417   -6.021  1.00 24.49  ? 1358 HOH A O   1 
HETATM 1334 O O   . HOH G 5 .   ? -3.735  1.041   16.376  0.49 20.96  ? 1359 HOH A O   1 
HETATM 1335 O O   . HOH G 5 .   ? -5.896  -0.325  -6.788  1.00 23.32  ? 1360 HOH A O   1 
HETATM 1336 O O   . HOH G 5 .   ? -1.115  5.508   -6.959  1.00 21.22  ? 1361 HOH A O   1 
HETATM 1337 O O   . HOH G 5 .   ? 3.823   -5.606  -7.760  1.00 20.52  ? 1362 HOH A O   1 
HETATM 1338 O O   . HOH G 5 .   ? 10.520  6.373   -3.397  1.00 31.25  ? 1363 HOH A O   1 
HETATM 1339 O O   . HOH G 5 .   ? 13.615  -10.482 -3.746  1.00 47.25  ? 1364 HOH A O   1 
HETATM 1340 O O   . HOH G 5 .   ? 5.824   -4.376  -6.288  1.00 21.68  ? 1365 HOH A O   1 
HETATM 1341 O O   . HOH G 5 .   ? -0.500  -3.915  -20.580 1.00 45.35  ? 1366 HOH A O   1 
HETATM 1342 O O   . HOH G 5 .   ? 4.977   -25.663 -15.314 1.00 25.17  ? 1367 HOH A O   1 
HETATM 1343 O O   . HOH G 5 .   ? -5.636  -2.643  -8.244  1.00 25.57  ? 1368 HOH A O   1 
HETATM 1344 O O   . HOH G 5 .   ? -7.916  12.806  15.878  1.00 26.77  ? 1369 HOH A O   1 
HETATM 1345 O O   . HOH G 5 .   ? -3.971  6.117   -10.425 1.00 39.06  ? 1370 HOH A O   1 
HETATM 1346 O O   . HOH G 5 .   ? 0.151   0.762   13.232  1.00 24.52  ? 1371 HOH A O   1 
HETATM 1347 O O   . HOH G 5 .   ? 4.972   1.999   -16.722 1.00 34.97  ? 1372 HOH A O   1 
HETATM 1348 O O   . HOH G 5 .   ? -7.601  13.599  -0.882  1.00 56.05  ? 1373 HOH A O   1 
HETATM 1349 O O   . HOH G 5 .   ? 11.212  5.130   0.793   1.00 28.03  ? 1374 HOH A O   1 
HETATM 1350 O O   . HOH G 5 .   ? -0.732  16.955  9.388   1.00 26.27  ? 1375 HOH A O   1 
HETATM 1351 O O   . HOH G 5 .   ? 13.572  -9.015  6.602   1.00 51.34  ? 1376 HOH A O   1 
HETATM 1352 O O   . HOH G 5 .   ? -3.313  -13.784 -12.835 1.00 29.18  ? 1377 HOH A O   1 
HETATM 1353 O O   . HOH G 5 .   ? -17.511 15.824  10.527  1.00 20.68  ? 1378 HOH A O   1 
HETATM 1354 O O   . HOH G 5 .   ? 5.224   4.898   12.612  1.00 13.38  ? 1379 HOH A O   1 
HETATM 1355 O O   . HOH G 5 .   ? -0.884  13.914  -9.622  1.00 28.95  ? 1380 HOH A O   1 
HETATM 1356 O O   . HOH G 5 .   ? 8.793   -16.406 -7.761  1.00 36.16  ? 1381 HOH A O   1 
HETATM 1357 O O   . HOH G 5 .   ? -10.167 -4.024  -3.038  1.00 45.09  ? 1382 HOH A O   1 
HETATM 1358 O O   . HOH G 5 .   ? 10.803  -2.003  -17.119 1.00 38.94  ? 1383 HOH A O   1 
HETATM 1359 O O   . HOH G 5 .   ? 2.498   -14.795 -19.593 1.00 34.91  ? 1384 HOH A O   1 
HETATM 1360 O O   . HOH G 5 .   ? -15.191 5.191   7.145   1.00 40.53  ? 1385 HOH A O   1 
HETATM 1361 O O   . HOH G 5 .   ? 10.929  4.138   -4.187  1.00 39.15  ? 1386 HOH A O   1 
HETATM 1362 O O   . HOH G 5 .   ? 8.309   -4.443  -6.971  1.00 31.07  ? 1387 HOH A O   1 
HETATM 1363 O O   . HOH G 5 .   ? 7.948   -14.479 6.951   1.00 50.60  ? 1388 HOH A O   1 
HETATM 1364 O O   . HOH G 5 .   ? 8.166   -15.666 -12.075 1.00 56.86  ? 1389 HOH A O   1 
HETATM 1365 O O   . HOH G 5 .   ? -3.276  13.098  -2.444  1.00 34.76  ? 1390 HOH A O   1 
HETATM 1366 O O   . HOH G 5 .   ? -8.250  -9.771  2.334   1.00 43.25  ? 1391 HOH A O   1 
HETATM 1367 O O   . HOH G 5 .   ? -0.588  -0.899  -13.406 1.00 18.14  ? 1392 HOH A O   1 
HETATM 1368 O O   . HOH G 5 .   ? -5.636  22.903  8.813   1.00 48.47  ? 1393 HOH A O   1 
HETATM 1369 O O   . HOH G 5 .   ? -1.743  -16.322 -0.155  1.00 25.83  ? 1394 HOH A O   1 
HETATM 1370 O O   . HOH G 5 .   ? -9.356  1.097   -1.051  1.00 30.72  ? 1395 HOH A O   1 
HETATM 1371 O O   . HOH G 5 .   ? -14.887 3.735   8.849   1.00 35.32  ? 1396 HOH A O   1 
HETATM 1372 O O   . HOH G 5 .   ? 2.875   4.017   -17.950 1.00 26.11  ? 1397 HOH A O   1 
HETATM 1373 O O   . HOH G 5 .   ? -5.636  -26.250 -12.470 1.00 50.59  ? 1398 HOH A O   1 
HETATM 1374 O O   . HOH G 5 .   ? 3.433   -24.855 -10.564 1.00 22.08  ? 1399 HOH A O   1 
HETATM 1375 O O   . HOH G 5 .   ? -3.998  3.381   -6.350  1.00 30.09  ? 1400 HOH A O   1 
HETATM 1376 O O   . HOH G 5 .   ? -2.126  -19.990 -14.974 1.00 35.17  ? 1401 HOH A O   1 
HETATM 1377 O O   . HOH G 5 .   ? -3.398  6.509   19.354  1.00 15.86  ? 1402 HOH A O   1 
HETATM 1378 O O   . HOH G 5 .   ? -6.956  -4.837  -11.854 1.00 55.53  ? 1403 HOH A O   1 
HETATM 1379 O O   . HOH G 5 .   ? 13.821  -6.215  -10.401 1.00 45.74  ? 1404 HOH A O   1 
HETATM 1380 O O   . HOH G 5 .   ? 3.812   2.165   -20.284 1.00 52.59  ? 1405 HOH A O   1 
HETATM 1381 O O   . HOH G 5 .   ? -1.993  -21.246 -12.602 1.00 28.19  ? 1406 HOH A O   1 
HETATM 1382 O O   . HOH G 5 .   ? 9.113   -21.723 -12.474 1.00 41.19  ? 1407 HOH A O   1 
HETATM 1383 O O   . HOH G 5 .   ? -7.180  4.527   17.733  1.00 33.47  ? 1408 HOH A O   1 
HETATM 1384 O O   . HOH G 5 .   ? -9.780  -4.477  6.623   1.00 31.05  ? 1409 HOH A O   1 
HETATM 1385 O O   . HOH G 5 .   ? 9.666   -12.076 -1.851  1.00 21.84  ? 1410 HOH A O   1 
HETATM 1386 O O   . HOH G 5 .   ? 6.376   -8.860  -10.683 1.00 28.49  ? 1411 HOH A O   1 
HETATM 1387 O O   . HOH G 5 .   ? 1.336   -8.208  12.729  1.00 39.25  ? 1412 HOH A O   1 
HETATM 1388 O O   . HOH G 5 .   ? 13.075  -4.804  4.028   1.00 44.14  ? 1413 HOH A O   1 
HETATM 1389 O O   . HOH G 5 .   ? 0.149   10.425  3.638   1.00 15.59  ? 1414 HOH A O   1 
HETATM 1390 O O   . HOH G 5 .   ? -8.402  -8.926  11.439  0.51 41.34  ? 1415 HOH A O   1 
HETATM 1391 O O   . HOH G 5 .   ? -0.324  15.013  -5.106  1.00 43.72  ? 1416 HOH A O   1 
HETATM 1392 O O   . HOH G 5 .   ? 12.074  -5.417  -4.459  1.00 42.00  ? 1417 HOH A O   1 
HETATM 1393 O O   . HOH G 5 .   ? 9.027   11.262  0.666   1.00 24.73  ? 1418 HOH A O   1 
HETATM 1394 O O   . HOH G 5 .   ? -13.437 0.288   15.589  0.49 26.00  ? 1419 HOH A O   1 
HETATM 1395 O O   . HOH G 5 .   ? 8.369   -14.138 -5.464  1.00 33.81  ? 1420 HOH A O   1 
HETATM 1396 O O   . HOH G 5 .   ? 5.498   16.618  2.870   1.00 37.93  ? 1421 HOH A O   1 
HETATM 1397 O O   . HOH G 5 .   ? -3.802  9.035   -2.795  1.00 27.97  ? 1422 HOH A O   1 
HETATM 1398 O O   . HOH G 5 .   ? -2.286  -26.231 -17.498 1.00 34.33  ? 1423 HOH A O   1 
HETATM 1399 O O   . HOH G 5 .   ? 7.772   14.522  5.447   1.00 33.84  ? 1424 HOH A O   1 
HETATM 1400 O O   . HOH G 5 .   ? -14.671 4.089   18.550  1.00 39.80  ? 1425 HOH A O   1 
HETATM 1401 O O   . HOH G 5 .   ? -0.585  -15.571 5.504   1.00 42.49  ? 1426 HOH A O   1 
HETATM 1402 O O   . HOH G 5 .   ? -19.067 5.240   6.035   1.00 58.55  ? 1427 HOH A O   1 
HETATM 1403 O O   . HOH G 5 .   ? -10.196 -0.820  0.324   1.00 36.46  ? 1428 HOH A O   1 
HETATM 1404 O O   . HOH G 5 .   ? 6.287   -12.655 -16.915 1.00 47.11  ? 1429 HOH A O   1 
HETATM 1405 O O   . HOH G 5 .   ? 0.859   3.093   -22.678 1.00 32.57  ? 1430 HOH A O   1 
HETATM 1406 O O   . HOH G 5 .   ? 3.655   -7.495  12.609  1.00 33.83  ? 1431 HOH A O   1 
HETATM 1407 O O   . HOH G 5 .   ? 11.116  8.491   -4.962  1.00 35.27  ? 1432 HOH A O   1 
HETATM 1408 O O   . HOH G 5 .   ? 2.085   -17.236 3.036   1.00 21.56  ? 1433 HOH A O   1 
HETATM 1409 O O   . HOH G 5 .   ? -1.222  13.199  5.254   1.00 19.77  ? 1434 HOH A O   1 
HETATM 1410 O O   . HOH G 5 .   ? -12.488 22.644  10.593  1.00 45.28  ? 1435 HOH A O   1 
HETATM 1411 O O   . HOH G 5 .   ? 9.909   -12.825 8.141   1.00 34.53  ? 1436 HOH A O   1 
HETATM 1412 O O   . HOH G 5 .   ? -6.631  25.658  14.758  1.00 54.09  ? 1437 HOH A O   1 
HETATM 1413 O O   . HOH G 5 .   ? 10.472  -1.106  1.562   1.00 36.32  ? 1438 HOH A O   1 
HETATM 1414 O O   . HOH G 5 .   ? 4.612   17.148  8.094   1.00 45.49  ? 1439 HOH A O   1 
HETATM 1415 O O   . HOH G 5 .   ? -7.090  -14.582 -3.466  1.00 59.44  ? 1440 HOH A O   1 
HETATM 1416 O O   . HOH G 5 .   ? 8.633   -10.886 -12.084 1.00 48.12  ? 1441 HOH A O   1 
HETATM 1417 O O   . HOH G 5 .   ? -0.770  -19.300 -6.081  1.00 39.33  ? 1442 HOH A O   1 
HETATM 1418 O O   . HOH G 5 .   ? -0.546  18.663  3.649   1.00 51.11  ? 1443 HOH A O   1 
HETATM 1419 O O   . HOH G 5 .   ? 3.863   -9.064  7.958   1.00 30.66  ? 1444 HOH A O   1 
HETATM 1420 O O   . HOH G 5 .   ? -1.144  -2.154  -15.878 1.00 23.91  ? 1445 HOH A O   1 
HETATM 1421 O O   . HOH G 5 .   ? -10.056 16.561  14.043  1.00 28.68  ? 1446 HOH A O   1 
HETATM 1422 O O   . HOH G 5 .   ? 12.358  -17.273 -2.663  1.00 39.35  ? 1447 HOH A O   1 
HETATM 1423 O O   . HOH G 5 .   ? -0.110  20.280  17.829  1.00 70.03  ? 1448 HOH A O   1 
HETATM 1424 O O   . HOH G 5 .   ? -2.029  -13.791 4.585   1.00 40.70  ? 1449 HOH A O   1 
HETATM 1425 O O   . HOH G 5 .   ? 0.463   -21.243 -18.352 1.00 21.32  ? 1450 HOH A O   1 
HETATM 1426 O O   . HOH G 5 .   ? -4.259  4.318   -8.583  1.00 58.30  ? 1451 HOH A O   1 
HETATM 1427 O O   . HOH G 5 .   ? -7.808  15.532  16.926  1.00 42.65  ? 1452 HOH A O   1 
HETATM 1428 O O   . HOH G 5 .   ? -8.877  -6.415  -2.086  1.00 37.62  ? 1453 HOH A O   1 
HETATM 1429 O O   . HOH G 5 .   ? -3.953  -18.017 -8.872  1.00 66.98  ? 1454 HOH A O   1 
HETATM 1430 O O   . HOH G 5 .   ? 7.488   -1.896  -9.223  1.00 24.09  ? 1455 HOH A O   1 
HETATM 1431 O O   . HOH G 5 .   ? -3.723  -9.083  12.013  1.00 48.56  ? 1456 HOH A O   1 
HETATM 1432 O O   . HOH G 5 .   ? -3.770  -15.997 -8.034  1.00 46.11  ? 1457 HOH A O   1 
HETATM 1433 O O   . HOH G 5 .   ? -5.922  -10.568 12.540  1.00 50.38  ? 1458 HOH A O   1 
HETATM 1434 O O   . HOH G 5 .   ? -8.451  -0.667  -5.643  1.00 30.83  ? 1459 HOH A O   1 
HETATM 1435 O O   . HOH G 5 .   ? 0.548   15.253  -7.682  1.00 35.10  ? 1460 HOH A O   1 
HETATM 1436 O O   . HOH G 5 .   ? 9.313   0.153   2.957   1.00 37.77  ? 1461 HOH A O   1 
HETATM 1437 O O   . HOH G 5 .   ? -6.202  18.775  2.156   1.00 49.43  ? 1462 HOH A O   1 
HETATM 1438 O O   . HOH G 5 .   ? 7.100   2.955   11.681  1.00 22.86  ? 1463 HOH A O   1 
HETATM 1439 O O   . HOH G 5 .   ? -2.047  15.922  5.025   1.00 30.15  ? 1464 HOH A O   1 
HETATM 1440 O O   . HOH G 5 .   ? 11.779  3.773   5.198   1.00 55.00  ? 1465 HOH A O   1 
HETATM 1441 O O   . HOH G 5 .   ? 12.209  -13.271 -2.125  1.00 39.98  ? 1466 HOH A O   1 
HETATM 1442 O O   . HOH G 5 .   ? -3.876  -12.765 6.589   1.00 37.55  ? 1467 HOH A O   1 
HETATM 1443 O O   . HOH G 5 .   ? 8.947   13.742  2.044   1.00 24.72  ? 1468 HOH A O   1 
HETATM 1444 O O   . HOH G 5 .   ? -17.962 18.686  3.996   1.00 45.78  ? 1469 HOH A O   1 
HETATM 1445 O O   . HOH G 5 .   ? -1.568  -8.720  16.918  1.00 44.94  ? 1470 HOH A O   1 
HETATM 1446 O O   . HOH G 5 .   ? -4.273  -12.317 -14.986 1.00 53.36  ? 1471 HOH A O   1 
HETATM 1447 O O   . HOH G 5 .   ? 11.707  7.470   2.176   1.00 37.01  ? 1472 HOH A O   1 
HETATM 1448 O O   . HOH G 5 .   ? 14.858  -5.621  -4.238  1.00 56.87  ? 1473 HOH A O   1 
HETATM 1449 O O   . HOH G 5 .   ? -2.535  -17.363 -5.434  1.00 50.55  ? 1474 HOH A O   1 
HETATM 1450 O O   . HOH G 5 .   ? -11.130 -2.886  8.330   1.00 55.02  ? 1475 HOH A O   1 
HETATM 1451 O O   . HOH G 5 .   ? -9.309  -9.111  7.045   1.00 29.27  ? 1476 HOH A O   1 
HETATM 1452 O O   . HOH G 5 .   ? -17.202 21.186  4.741   1.00 76.27  ? 1477 HOH A O   1 
HETATM 1453 O O   . HOH G 5 .   ? 8.935   -22.721 -15.333 1.00 54.55  ? 1478 HOH A O   1 
HETATM 1454 O O   . HOH G 5 .   ? 11.734  2.897   2.654   1.00 47.10  ? 1479 HOH A O   1 
HETATM 1455 O O   . HOH G 5 .   ? -7.041  -12.653 6.132   1.00 40.07  ? 1480 HOH A O   1 
HETATM 1456 O O   . HOH G 5 .   ? 8.606   -10.449 10.239  1.00 48.48  ? 1481 HOH A O   1 
HETATM 1457 O O   . HOH G 5 .   ? -0.616  -17.313 2.874   1.00 28.76  ? 1482 HOH A O   1 
HETATM 1458 O O   . HOH G 5 .   ? 7.568   -8.831  -9.896  1.00 36.01  ? 1483 HOH A O   1 
HETATM 1459 O O   . HOH G 5 .   ? -5.489  1.880   -8.186  1.00 43.41  ? 1484 HOH A O   1 
HETATM 1460 O O   . HOH G 5 .   ? -3.963  -17.428 -1.043  1.00 63.11  ? 1485 HOH A O   1 
HETATM 1461 O O   . HOH G 5 .   ? -1.821  -15.912 -20.051 1.00 50.42  ? 1486 HOH A O   1 
HETATM 1462 O O   . HOH G 5 .   ? -5.916  -1.321  -10.761 1.00 42.15  ? 1487 HOH A O   1 
HETATM 1463 O O   . HOH G 5 .   ? 12.282  -16.399 1.827   1.00 47.04  ? 1488 HOH A O   1 
HETATM 1464 O O   . HOH G 5 .   ? -4.814  -14.399 -10.531 1.00 45.46  ? 1489 HOH A O   1 
HETATM 1465 O O   . HOH G 5 .   ? 1.683   -11.545 9.714   1.00 46.53  ? 1490 HOH A O   1 
HETATM 1466 O O   . HOH G 5 .   ? 2.924   19.009  8.678   1.00 50.59  ? 1491 HOH A O   1 
HETATM 1467 O O   . HOH G 5 .   ? -7.495  -4.510  -7.284  1.00 52.72  ? 1492 HOH A O   1 
HETATM 1468 O O   . HOH G 5 .   ? 2.834   3.011   16.098  1.00 17.42  ? 1493 HOH A O   1 
HETATM 1469 O O   . HOH G 5 .   ? -11.042 -6.974  6.048   1.00 38.87  ? 1494 HOH A O   1 
HETATM 1470 O O   . HOH G 5 .   ? -3.209  -1.554  -17.310 1.00 47.65  ? 1495 HOH A O   1 
HETATM 1471 O O   . HOH G 5 .   ? 10.685  -13.397 -6.480  1.00 54.22  ? 1496 HOH A O   1 
HETATM 1472 O O   . HOH G 5 .   ? 9.015   -16.577 5.464   1.00 51.17  ? 1497 HOH A O   1 
HETATM 1473 O O   . HOH G 5 .   ? -4.554  -1.746  -12.531 1.00 29.60  ? 1498 HOH A O   1 
HETATM 1474 O O   . HOH G 5 .   ? 12.202  6.808   5.279   1.00 54.54  ? 1499 HOH A O   1 
HETATM 1475 O O   . HOH G 5 .   ? -2.996  0.488   -13.468 1.00 25.04  ? 1500 HOH A O   1 
HETATM 1476 O O   . HOH G 5 .   ? -6.370  -8.527  -9.736  1.00 44.65  ? 1501 HOH A O   1 
HETATM 1477 O O   . HOH G 5 .   ? 8.536   16.194  1.512   1.00 31.99  ? 1502 HOH A O   1 
HETATM 1478 O O   . HOH G 5 .   ? 13.113  -2.283  2.484   1.00 54.91  ? 1503 HOH A O   1 
HETATM 1479 O O   . HOH G 5 .   ? -9.537  -8.554  1.566   1.00 57.12  ? 1504 HOH A O   1 
HETATM 1480 O O   . HOH G 5 .   ? -2.152  -10.327 10.545  1.00 51.87  ? 1505 HOH A O   1 
HETATM 1481 O O   . HOH G 5 .   ? 13.461  -9.434  3.776   1.00 39.06  ? 1506 HOH A O   1 
HETATM 1482 O O   . HOH G 5 .   ? -7.961  -6.290  -9.963  1.00 53.72  ? 1507 HOH A O   1 
HETATM 1483 O O   . HOH G 5 .   ? -3.279  -12.216 8.742   1.00 51.04  ? 1508 HOH A O   1 
HETATM 1484 O O   . HOH G 5 .   ? -10.320 -9.199  13.138  0.51 41.79  ? 1509 HOH A O   1 
HETATM 1485 O O   . HOH G 5 .   ? -12.802 1.154   9.104   1.00 41.69  ? 1510 HOH A O   1 
HETATM 1486 O O   . HOH G 5 .   ? -9.238  -10.481 9.424   1.00 31.94  ? 1511 HOH A O   1 
HETATM 1487 O O   . HOH G 5 .   ? 3.402   -24.105 -7.926  1.00 22.13  ? 1512 HOH A O   1 
HETATM 1488 O O   . HOH G 5 .   ? -5.873  3.600   -13.166 1.00 39.86  ? 1513 HOH A O   1 
HETATM 1489 O O   . HOH G 5 .   ? 12.130  6.047   9.524   1.00 43.22  ? 1514 HOH A O   1 
HETATM 1490 O O   . HOH G 5 .   ? -5.543  1.362   -10.625 1.00 45.59  ? 1515 HOH A O   1 
HETATM 1491 O O   . HOH G 5 .   ? 2.390   -9.110  10.069  1.00 40.11  ? 1516 HOH A O   1 
HETATM 1492 O O   . HOH G 5 .   ? -7.310  17.872  0.298   1.00 49.73  ? 1517 HOH A O   1 
HETATM 1493 O O   . HOH G 5 .   ? 13.649  -9.234  -6.840  1.00 63.57  ? 1518 HOH A O   1 
HETATM 1494 O O   . HOH G 5 .   ? -3.819  0.833   -16.114 1.00 41.69  ? 1519 HOH A O   1 
HETATM 1495 O O   . HOH G 5 .   ? -5.850  -14.783 -7.282  1.00 52.49  ? 1520 HOH A O   1 
HETATM 1496 O O   . HOH G 5 .   ? -7.841  -12.796 8.782   1.00 40.65  ? 1521 HOH A O   1 
HETATM 1497 O O   . HOH G 5 .   ? -5.742  -12.816 10.162  1.00 52.75  ? 1522 HOH A O   1 
# 
